data_2LRR
#
_entry.id   2LRR
#
loop_
_entity.id
_entity.type
_entity.pdbx_description
1 polymer 'DNA-binding protein SMUBP-2'
2 non-polymer "2'-DEOXYGUANOSINE-5'-MONOPHOSPHATE"
#
_entity_poly.entity_id   1
_entity_poly.type   'polypeptide(L)'
_entity_poly.pdbx_seq_one_letter_code
;MGSLNGGSPEGVESQDGVDHFRAMIVEFMASKKMQLEFPPSLNSHDRLRVHQIAEEHGLRHDSSGEGKRRFITVSKRAGS
HHHHHH
;
_entity_poly.pdbx_strand_id   A
#
# COMPACT_ATOMS: atom_id res chain seq x y z
N PRO A 9 -14.47 14.13 13.94
CA PRO A 9 -14.94 13.12 12.98
C PRO A 9 -13.99 13.02 11.79
N GLU A 10 -13.03 12.12 11.89
CA GLU A 10 -12.00 12.00 10.86
C GLU A 10 -11.41 10.60 10.85
N GLY A 11 -11.23 10.05 9.66
CA GLY A 11 -10.68 8.73 9.53
C GLY A 11 -11.26 8.00 8.33
N VAL A 12 -11.21 6.68 8.36
CA VAL A 12 -11.71 5.86 7.27
C VAL A 12 -12.93 5.06 7.73
N GLU A 13 -14.01 5.20 6.99
CA GLU A 13 -15.25 4.51 7.32
C GLU A 13 -15.49 3.35 6.36
N SER A 14 -15.02 3.49 5.13
CA SER A 14 -15.15 2.43 4.14
C SER A 14 -14.10 1.35 4.40
N GLN A 15 -14.32 0.59 5.47
CA GLN A 15 -13.40 -0.43 5.89
C GLN A 15 -13.60 -1.72 5.12
N ASP A 16 -12.51 -2.38 4.78
CA ASP A 16 -12.55 -3.67 4.10
C ASP A 16 -12.61 -4.77 5.15
N GLY A 17 -12.70 -4.37 6.41
CA GLY A 17 -12.64 -5.29 7.51
C GLY A 17 -11.22 -5.63 7.84
N VAL A 18 -10.68 -6.58 7.12
CA VAL A 18 -9.29 -6.98 7.24
C VAL A 18 -8.70 -7.22 5.85
N ASP A 19 -7.79 -6.37 5.45
CA ASP A 19 -7.18 -6.47 4.14
C ASP A 19 -5.67 -6.62 4.27
N HIS A 20 -5.11 -7.56 3.52
CA HIS A 20 -3.66 -7.82 3.59
C HIS A 20 -2.87 -6.55 3.35
N PHE A 21 -3.11 -5.90 2.22
CA PHE A 21 -2.33 -4.75 1.82
C PHE A 21 -2.65 -3.54 2.67
N ARG A 22 -3.89 -3.44 3.12
CA ARG A 22 -4.27 -2.34 3.99
C ARG A 22 -3.60 -2.49 5.35
N ALA A 23 -3.43 -3.74 5.79
CA ALA A 23 -2.72 -4.02 7.04
C ALA A 23 -1.24 -3.67 6.89
N MET A 24 -0.68 -3.97 5.72
CA MET A 24 0.71 -3.65 5.43
C MET A 24 0.93 -2.15 5.45
N ILE A 25 -0.03 -1.40 4.93
CA ILE A 25 0.06 0.06 4.87
C ILE A 25 -0.11 0.69 6.25
N VAL A 26 -1.06 0.21 7.04
CA VAL A 26 -1.31 0.79 8.36
C VAL A 26 -0.09 0.59 9.27
N GLU A 27 0.57 -0.56 9.13
CA GLU A 27 1.82 -0.79 9.87
C GLU A 27 2.90 0.16 9.37
N PHE A 28 3.01 0.25 8.05
CA PHE A 28 3.96 1.13 7.40
C PHE A 28 3.84 2.57 7.90
N MET A 29 2.61 3.03 8.05
CA MET A 29 2.34 4.40 8.48
C MET A 29 2.92 4.69 9.85
N ALA A 30 2.95 3.68 10.71
CA ALA A 30 3.41 3.85 12.08
C ALA A 30 4.84 3.33 12.24
N SER A 31 5.44 2.88 11.15
CA SER A 31 6.76 2.28 11.20
C SER A 31 7.85 3.27 10.82
N LYS A 32 9.10 2.82 10.95
CA LYS A 32 10.26 3.61 10.57
C LYS A 32 10.41 3.66 9.05
N LYS A 33 9.75 2.72 8.38
CA LYS A 33 9.82 2.60 6.93
C LYS A 33 9.36 3.90 6.29
N MET A 34 10.27 4.63 5.66
CA MET A 34 9.89 5.84 4.93
C MET A 34 9.28 5.46 3.58
N GLN A 35 9.61 4.27 3.13
CA GLN A 35 9.09 3.74 1.88
C GLN A 35 8.84 2.23 2.03
N LEU A 36 7.71 1.79 1.53
CA LEU A 36 7.36 0.39 1.58
C LEU A 36 7.50 -0.24 0.20
N GLU A 37 8.56 -1.01 0.05
CA GLU A 37 8.83 -1.70 -1.20
C GLU A 37 8.11 -3.04 -1.23
N PHE A 38 7.17 -3.17 -2.17
CA PHE A 38 6.43 -4.41 -2.32
C PHE A 38 7.14 -5.33 -3.31
N PRO A 39 7.00 -6.65 -3.13
CA PRO A 39 7.57 -7.65 -4.04
C PRO A 39 6.87 -7.64 -5.40
N PRO A 40 7.55 -8.10 -6.45
CA PRO A 40 6.97 -8.21 -7.80
C PRO A 40 5.85 -9.26 -7.86
N SER A 41 5.62 -9.96 -6.76
CA SER A 41 4.58 -10.97 -6.67
C SER A 41 3.18 -10.34 -6.77
N LEU A 42 3.10 -9.04 -6.55
CA LEU A 42 1.84 -8.32 -6.67
C LEU A 42 1.41 -8.22 -8.14
N ASN A 43 0.17 -8.61 -8.42
CA ASN A 43 -0.38 -8.46 -9.76
C ASN A 43 -1.14 -7.15 -9.87
N SER A 44 -1.75 -6.90 -11.02
CA SER A 44 -2.47 -5.65 -11.25
C SER A 44 -3.51 -5.39 -10.16
N HIS A 45 -4.23 -6.43 -9.76
CA HIS A 45 -5.25 -6.31 -8.74
C HIS A 45 -4.62 -5.94 -7.39
N ASP A 46 -3.53 -6.61 -7.05
CA ASP A 46 -2.86 -6.39 -5.77
C ASP A 46 -2.35 -4.96 -5.70
N ARG A 47 -1.77 -4.49 -6.80
CA ARG A 47 -1.28 -3.14 -6.89
C ARG A 47 -2.44 -2.16 -6.80
N LEU A 48 -3.50 -2.43 -7.56
CA LEU A 48 -4.70 -1.61 -7.55
C LEU A 48 -5.22 -1.43 -6.12
N ARG A 49 -5.17 -2.52 -5.36
CA ARG A 49 -5.55 -2.49 -3.96
C ARG A 49 -4.71 -1.48 -3.20
N VAL A 50 -3.39 -1.56 -3.37
CA VAL A 50 -2.47 -0.66 -2.69
C VAL A 50 -2.68 0.79 -3.12
N HIS A 51 -2.77 1.02 -4.44
CA HIS A 51 -2.97 2.36 -4.98
C HIS A 51 -4.22 2.99 -4.38
N GLN A 52 -5.31 2.23 -4.36
CA GLN A 52 -6.58 2.69 -3.79
C GLN A 52 -6.40 3.12 -2.33
N ILE A 53 -5.84 2.24 -1.52
CA ILE A 53 -5.71 2.47 -0.10
C ILE A 53 -4.77 3.64 0.20
N ALA A 54 -3.61 3.65 -0.46
CA ALA A 54 -2.62 4.70 -0.26
C ALA A 54 -3.18 6.05 -0.68
N GLU A 55 -3.96 6.04 -1.76
CA GLU A 55 -4.56 7.25 -2.29
C GLU A 55 -5.58 7.83 -1.30
N GLU A 56 -6.34 6.94 -0.66
CA GLU A 56 -7.32 7.36 0.33
C GLU A 56 -6.66 7.80 1.63
N HIS A 57 -5.61 7.09 2.03
CA HIS A 57 -4.90 7.41 3.26
C HIS A 57 -4.10 8.70 3.12
N GLY A 58 -3.57 8.93 1.93
CA GLY A 58 -2.87 10.18 1.67
C GLY A 58 -1.37 9.99 1.57
N LEU A 59 -0.95 8.83 1.09
CA LEU A 59 0.46 8.54 0.93
C LEU A 59 0.80 8.48 -0.56
N ARG A 60 2.08 8.53 -0.88
CA ARG A 60 2.50 8.48 -2.28
C ARG A 60 2.69 7.04 -2.72
N HIS A 61 2.14 6.70 -3.87
CA HIS A 61 2.20 5.35 -4.39
C HIS A 61 2.58 5.35 -5.87
N ASP A 62 3.57 4.54 -6.22
CA ASP A 62 4.06 4.49 -7.59
C ASP A 62 4.70 3.14 -7.88
N SER A 63 4.57 2.69 -9.11
CA SER A 63 5.18 1.46 -9.53
C SER A 63 6.39 1.75 -10.40
N SER A 64 7.51 1.18 -10.01
CA SER A 64 8.76 1.43 -10.69
C SER A 64 9.25 0.16 -11.36
N GLY A 65 10.18 0.31 -12.29
CA GLY A 65 10.71 -0.84 -13.00
C GLY A 65 10.06 -1.02 -14.36
N GLU A 66 9.69 -2.25 -14.68
CA GLU A 66 9.11 -2.56 -15.98
C GLU A 66 7.89 -3.47 -15.81
N GLY A 67 8.10 -4.75 -16.05
CA GLY A 67 7.10 -5.76 -15.74
C GLY A 67 7.72 -6.85 -14.89
N LYS A 68 8.77 -7.47 -15.44
CA LYS A 68 9.54 -8.45 -14.68
C LYS A 68 10.35 -7.75 -13.58
N ARG A 69 10.45 -6.44 -13.67
CA ARG A 69 11.11 -5.65 -12.64
C ARG A 69 10.14 -4.64 -12.03
N ARG A 70 8.85 -4.87 -12.21
CA ARG A 70 7.85 -3.92 -11.74
C ARG A 70 7.48 -4.19 -10.30
N PHE A 71 7.72 -3.20 -9.47
CA PHE A 71 7.36 -3.26 -8.06
C PHE A 71 6.70 -1.93 -7.66
N ILE A 72 5.99 -1.91 -6.56
CA ILE A 72 5.31 -0.70 -6.15
C ILE A 72 5.86 -0.18 -4.83
N THR A 73 6.12 1.12 -4.79
CA THR A 73 6.69 1.76 -3.61
C THR A 73 5.70 2.75 -3.02
N VAL A 74 5.39 2.58 -1.74
CA VAL A 74 4.54 3.53 -1.03
C VAL A 74 5.41 4.38 -0.11
N SER A 75 5.25 5.68 -0.19
CA SER A 75 6.06 6.59 0.61
C SER A 75 5.20 7.41 1.54
N LYS A 76 5.73 7.67 2.73
CA LYS A 76 5.04 8.44 3.76
C LYS A 76 5.02 9.91 3.41
N ARG A 77 5.95 10.32 2.57
CA ARG A 77 6.06 11.71 2.17
C ARG A 77 5.19 12.03 0.97
N ALA A 78 4.00 12.53 1.24
CA ALA A 78 3.11 13.01 0.21
C ALA A 78 2.42 14.29 0.67
N PRO A 9 -13.64 9.71 -0.77
CA PRO A 9 -13.50 8.96 0.49
C PRO A 9 -14.84 8.77 1.18
N GLU A 10 -15.93 8.99 0.45
CA GLU A 10 -17.25 8.80 1.00
C GLU A 10 -17.86 7.51 0.45
N GLY A 11 -18.29 6.64 1.35
CA GLY A 11 -18.79 5.35 0.95
C GLY A 11 -17.71 4.30 1.02
N VAL A 12 -16.97 4.31 2.12
CA VAL A 12 -15.89 3.36 2.34
C VAL A 12 -16.45 2.00 2.73
N GLU A 13 -16.68 1.16 1.73
CA GLU A 13 -17.18 -0.18 1.96
C GLU A 13 -16.11 -1.22 1.67
N SER A 14 -15.61 -1.85 2.72
CA SER A 14 -14.63 -2.90 2.59
C SER A 14 -15.06 -4.10 3.42
N GLN A 15 -15.64 -5.09 2.76
CA GLN A 15 -16.17 -6.25 3.46
C GLN A 15 -15.07 -7.26 3.75
N ASP A 16 -13.87 -6.95 3.27
CA ASP A 16 -12.69 -7.75 3.55
C ASP A 16 -12.28 -7.53 5.00
N GLY A 17 -12.56 -8.51 5.84
CA GLY A 17 -12.29 -8.37 7.26
C GLY A 17 -10.81 -8.22 7.56
N VAL A 18 -10.04 -9.17 7.08
CA VAL A 18 -8.59 -9.11 7.19
C VAL A 18 -7.97 -8.88 5.83
N ASP A 19 -7.42 -7.70 5.63
CA ASP A 19 -6.84 -7.34 4.35
C ASP A 19 -5.33 -7.29 4.46
N HIS A 20 -4.68 -7.99 3.54
CA HIS A 20 -3.23 -8.11 3.55
C HIS A 20 -2.57 -6.75 3.36
N PHE A 21 -3.01 -6.03 2.35
CA PHE A 21 -2.37 -4.79 1.96
C PHE A 21 -2.77 -3.66 2.89
N ARG A 22 -4.01 -3.65 3.33
CA ARG A 22 -4.48 -2.67 4.29
C ARG A 22 -3.66 -2.78 5.58
N ALA A 23 -3.40 -4.03 5.98
CA ALA A 23 -2.59 -4.28 7.18
C ALA A 23 -1.15 -3.81 6.96
N MET A 24 -0.59 -4.13 5.80
CA MET A 24 0.76 -3.70 5.46
C MET A 24 0.89 -2.19 5.49
N ILE A 25 -0.10 -1.52 4.91
CA ILE A 25 -0.09 -0.06 4.80
C ILE A 25 -0.30 0.61 6.17
N VAL A 26 -1.26 0.09 6.95
CA VAL A 26 -1.57 0.70 8.24
C VAL A 26 -0.39 0.56 9.22
N GLU A 27 0.32 -0.57 9.13
CA GLU A 27 1.50 -0.78 9.96
C GLU A 27 2.69 -0.01 9.40
N PHE A 28 2.66 0.23 8.09
CA PHE A 28 3.71 1.00 7.43
C PHE A 28 3.71 2.45 7.89
N MET A 29 2.53 3.02 8.04
CA MET A 29 2.42 4.41 8.51
C MET A 29 2.98 4.54 9.93
N ALA A 30 2.88 3.47 10.69
CA ALA A 30 3.38 3.46 12.06
C ALA A 30 4.78 2.84 12.12
N SER A 31 5.36 2.60 10.95
CA SER A 31 6.69 2.02 10.87
C SER A 31 7.74 3.13 10.76
N LYS A 32 9.00 2.75 10.97
CA LYS A 32 10.11 3.69 10.92
C LYS A 32 10.58 3.87 9.48
N LYS A 33 9.95 3.14 8.57
CA LYS A 33 10.29 3.22 7.15
C LYS A 33 9.77 4.52 6.54
N MET A 34 10.33 4.89 5.41
CA MET A 34 9.85 6.06 4.68
C MET A 34 9.15 5.63 3.40
N GLN A 35 9.56 4.49 2.87
CA GLN A 35 8.94 3.95 1.66
C GLN A 35 8.84 2.42 1.73
N LEU A 36 7.65 1.92 1.49
CA LEU A 36 7.39 0.50 1.49
C LEU A 36 7.43 -0.03 0.07
N GLU A 37 8.51 -0.73 -0.23
CA GLU A 37 8.70 -1.29 -1.55
C GLU A 37 8.13 -2.71 -1.61
N PHE A 38 6.99 -2.84 -2.28
CA PHE A 38 6.30 -4.12 -2.37
C PHE A 38 7.01 -5.06 -3.33
N PRO A 39 6.80 -6.38 -3.19
CA PRO A 39 7.33 -7.38 -4.12
C PRO A 39 6.67 -7.29 -5.50
N PRO A 40 7.30 -7.87 -6.54
CA PRO A 40 6.75 -7.87 -7.89
C PRO A 40 5.62 -8.90 -8.03
N SER A 41 5.47 -9.73 -7.02
CA SER A 41 4.46 -10.78 -7.00
C SER A 41 3.04 -10.19 -7.02
N LEU A 42 2.91 -8.93 -6.62
CA LEU A 42 1.62 -8.25 -6.62
C LEU A 42 1.07 -8.17 -8.04
N ASN A 43 -0.12 -8.72 -8.24
CA ASN A 43 -0.77 -8.65 -9.54
C ASN A 43 -1.66 -7.41 -9.62
N SER A 44 -2.37 -7.26 -10.74
CA SER A 44 -3.16 -6.06 -11.02
C SER A 44 -4.08 -5.68 -9.85
N HIS A 45 -4.83 -6.66 -9.35
CA HIS A 45 -5.71 -6.44 -8.21
C HIS A 45 -4.93 -5.86 -7.02
N ASP A 46 -3.80 -6.47 -6.71
CA ASP A 46 -2.99 -6.07 -5.58
C ASP A 46 -2.49 -4.65 -5.75
N ARG A 47 -1.99 -4.34 -6.95
CA ARG A 47 -1.56 -3.00 -7.28
C ARG A 47 -2.66 -2.00 -6.97
N LEU A 48 -3.80 -2.20 -7.64
CA LEU A 48 -4.95 -1.32 -7.54
C LEU A 48 -5.37 -1.13 -6.08
N ARG A 49 -5.40 -2.23 -5.33
CA ARG A 49 -5.76 -2.17 -3.92
C ARG A 49 -4.85 -1.19 -3.18
N VAL A 50 -3.54 -1.34 -3.39
CA VAL A 50 -2.57 -0.48 -2.74
C VAL A 50 -2.76 0.98 -3.15
N HIS A 51 -2.94 1.19 -4.47
CA HIS A 51 -3.14 2.54 -5.00
C HIS A 51 -4.32 3.23 -4.31
N GLN A 52 -5.48 2.56 -4.33
CA GLN A 52 -6.69 3.12 -3.73
C GLN A 52 -6.46 3.49 -2.27
N ILE A 53 -5.94 2.55 -1.49
CA ILE A 53 -5.74 2.75 -0.07
C ILE A 53 -4.76 3.89 0.20
N ALA A 54 -3.60 3.84 -0.44
CA ALA A 54 -2.56 4.85 -0.24
C ALA A 54 -3.04 6.22 -0.70
N GLU A 55 -3.77 6.25 -1.81
CA GLU A 55 -4.26 7.49 -2.38
C GLU A 55 -5.28 8.14 -1.46
N GLU A 56 -6.08 7.33 -0.79
CA GLU A 56 -7.12 7.86 0.09
C GLU A 56 -6.56 8.14 1.48
N HIS A 57 -5.53 7.38 1.88
CA HIS A 57 -4.83 7.63 3.14
C HIS A 57 -4.01 8.92 3.05
N GLY A 58 -3.65 9.30 1.83
CA GLY A 58 -2.91 10.53 1.62
C GLY A 58 -1.41 10.29 1.54
N LEU A 59 -1.04 9.11 1.06
CA LEU A 59 0.37 8.76 0.92
C LEU A 59 0.76 8.81 -0.55
N ARG A 60 2.05 8.70 -0.81
CA ARG A 60 2.56 8.77 -2.17
C ARG A 60 2.79 7.36 -2.71
N HIS A 61 2.48 7.12 -3.97
CA HIS A 61 2.60 5.79 -4.54
C HIS A 61 2.88 5.82 -6.03
N ASP A 62 3.84 5.03 -6.46
CA ASP A 62 4.18 4.87 -7.86
C ASP A 62 4.84 3.52 -8.08
N SER A 63 4.98 3.14 -9.32
CA SER A 63 5.54 1.83 -9.66
C SER A 63 7.00 1.97 -10.08
N SER A 64 7.81 1.03 -9.64
CA SER A 64 9.24 1.05 -9.92
C SER A 64 9.62 -0.22 -10.67
N GLY A 65 10.38 -0.07 -11.75
CA GLY A 65 10.73 -1.20 -12.58
C GLY A 65 9.90 -1.24 -13.85
N GLU A 66 10.18 -2.17 -14.75
CA GLU A 66 9.51 -2.21 -16.04
C GLU A 66 8.66 -3.47 -16.23
N GLY A 67 9.31 -4.63 -16.21
CA GLY A 67 8.61 -5.87 -16.49
C GLY A 67 8.44 -6.74 -15.26
N LYS A 68 9.13 -7.88 -15.24
CA LYS A 68 8.98 -8.84 -14.15
C LYS A 68 9.52 -8.27 -12.84
N ARG A 69 10.43 -7.31 -12.94
CA ARG A 69 11.03 -6.70 -11.77
C ARG A 69 10.24 -5.47 -11.34
N ARG A 70 9.15 -5.17 -12.04
CA ARG A 70 8.31 -4.04 -11.71
C ARG A 70 7.51 -4.30 -10.44
N PHE A 71 7.55 -3.35 -9.53
CA PHE A 71 6.80 -3.42 -8.30
C PHE A 71 6.24 -2.05 -7.96
N ILE A 72 5.60 -1.92 -6.81
CA ILE A 72 4.99 -0.66 -6.41
C ILE A 72 5.59 -0.15 -5.11
N THR A 73 5.89 1.14 -5.07
CA THR A 73 6.51 1.75 -3.91
C THR A 73 5.60 2.80 -3.29
N VAL A 74 5.32 2.66 -2.01
CA VAL A 74 4.50 3.63 -1.29
C VAL A 74 5.37 4.42 -0.33
N SER A 75 5.36 5.73 -0.46
CA SER A 75 6.16 6.57 0.42
C SER A 75 5.29 7.42 1.32
N LYS A 76 5.73 7.56 2.56
CA LYS A 76 5.01 8.36 3.55
C LYS A 76 5.20 9.84 3.27
N ARG A 77 6.27 10.14 2.55
CA ARG A 77 6.57 11.51 2.16
C ARG A 77 5.73 11.94 0.96
N ALA A 78 4.62 12.57 1.24
CA ALA A 78 3.75 13.08 0.19
C ALA A 78 3.49 14.57 0.38
N PRO A 9 -6.78 -2.85 26.24
CA PRO A 9 -6.51 -2.73 24.79
C PRO A 9 -7.80 -2.87 23.99
N GLU A 10 -8.39 -1.74 23.63
CA GLU A 10 -9.64 -1.73 22.89
C GLU A 10 -9.60 -0.68 21.77
N GLY A 11 -9.38 -1.17 20.57
CA GLY A 11 -9.39 -0.32 19.40
C GLY A 11 -10.11 -0.99 18.25
N VAL A 12 -11.38 -1.26 18.46
CA VAL A 12 -12.18 -2.00 17.49
C VAL A 12 -12.96 -1.04 16.61
N GLU A 13 -12.59 -0.99 15.33
CA GLU A 13 -13.33 -0.19 14.37
C GLU A 13 -14.29 -1.08 13.59
N SER A 14 -13.83 -2.27 13.22
CA SER A 14 -14.63 -3.21 12.47
C SER A 14 -14.31 -4.62 12.91
N GLN A 15 -15.32 -5.48 12.94
CA GLN A 15 -15.14 -6.87 13.34
C GLN A 15 -14.39 -7.62 12.25
N ASP A 16 -14.64 -7.25 11.00
CA ASP A 16 -13.95 -7.85 9.86
C ASP A 16 -12.74 -6.99 9.49
N GLY A 17 -12.01 -6.56 10.51
CA GLY A 17 -10.82 -5.76 10.29
C GLY A 17 -9.66 -6.58 9.80
N VAL A 18 -9.78 -7.07 8.57
CA VAL A 18 -8.73 -7.88 7.97
C VAL A 18 -8.59 -7.54 6.49
N ASP A 19 -7.50 -6.89 6.17
CA ASP A 19 -7.15 -6.58 4.79
C ASP A 19 -5.64 -6.58 4.67
N HIS A 20 -5.12 -7.44 3.81
CA HIS A 20 -3.67 -7.66 3.70
C HIS A 20 -2.93 -6.34 3.46
N PHE A 21 -3.22 -5.70 2.34
CA PHE A 21 -2.48 -4.51 1.95
C PHE A 21 -2.82 -3.33 2.86
N ARG A 22 -4.05 -3.26 3.35
CA ARG A 22 -4.42 -2.19 4.26
C ARG A 22 -3.63 -2.29 5.56
N ALA A 23 -3.53 -3.50 6.10
CA ALA A 23 -2.79 -3.74 7.33
C ALA A 23 -1.32 -3.40 7.15
N MET A 24 -0.78 -3.81 6.01
CA MET A 24 0.61 -3.53 5.67
C MET A 24 0.85 -2.02 5.64
N ILE A 25 -0.06 -1.29 5.01
CA ILE A 25 0.08 0.15 4.85
C ILE A 25 -0.17 0.92 6.15
N VAL A 26 -1.20 0.52 6.89
CA VAL A 26 -1.55 1.25 8.12
C VAL A 26 -0.44 1.13 9.17
N GLU A 27 0.16 -0.05 9.28
CA GLU A 27 1.25 -0.24 10.23
C GLU A 27 2.54 0.35 9.67
N PHE A 28 2.62 0.42 8.35
CA PHE A 28 3.75 1.06 7.66
C PHE A 28 3.83 2.54 8.04
N MET A 29 2.67 3.19 8.15
CA MET A 29 2.61 4.60 8.55
C MET A 29 3.14 4.77 9.97
N ALA A 30 3.05 3.72 10.76
CA ALA A 30 3.52 3.75 12.14
C ALA A 30 4.93 3.18 12.26
N SER A 31 5.52 2.80 11.13
CA SER A 31 6.85 2.21 11.12
C SER A 31 7.89 3.25 10.71
N LYS A 32 9.16 2.87 10.84
CA LYS A 32 10.27 3.77 10.55
C LYS A 32 10.63 3.76 9.07
N LYS A 33 10.08 2.79 8.34
CA LYS A 33 10.29 2.71 6.89
C LYS A 33 9.69 3.93 6.20
N MET A 34 10.49 4.58 5.37
CA MET A 34 9.99 5.70 4.58
C MET A 34 9.30 5.21 3.31
N GLN A 35 9.69 4.01 2.88
CA GLN A 35 9.14 3.43 1.65
C GLN A 35 8.76 1.97 1.89
N LEU A 36 7.56 1.60 1.47
CA LEU A 36 7.11 0.23 1.54
C LEU A 36 7.38 -0.43 0.19
N GLU A 37 8.47 -1.17 0.12
CA GLU A 37 8.88 -1.85 -1.09
C GLU A 37 8.15 -3.18 -1.22
N PHE A 38 7.12 -3.20 -2.07
CA PHE A 38 6.36 -4.42 -2.29
C PHE A 38 7.01 -5.27 -3.36
N PRO A 39 6.86 -6.61 -3.26
CA PRO A 39 7.39 -7.54 -4.26
C PRO A 39 6.63 -7.43 -5.59
N PRO A 40 7.28 -7.81 -6.71
CA PRO A 40 6.65 -7.77 -8.04
C PRO A 40 5.53 -8.81 -8.18
N SER A 41 5.42 -9.68 -7.19
CA SER A 41 4.40 -10.73 -7.17
C SER A 41 2.99 -10.14 -7.15
N LEU A 42 2.87 -8.89 -6.68
CA LEU A 42 1.60 -8.18 -6.69
C LEU A 42 1.07 -8.07 -8.12
N ASN A 43 -0.09 -8.65 -8.39
CA ASN A 43 -0.67 -8.57 -9.72
C ASN A 43 -1.38 -7.23 -9.90
N SER A 44 -2.01 -7.03 -11.05
CA SER A 44 -2.68 -5.77 -11.34
C SER A 44 -3.70 -5.42 -10.26
N HIS A 45 -4.45 -6.42 -9.83
CA HIS A 45 -5.46 -6.24 -8.79
C HIS A 45 -4.81 -5.94 -7.44
N ASP A 46 -3.72 -6.64 -7.14
CA ASP A 46 -2.98 -6.42 -5.90
C ASP A 46 -2.51 -4.98 -5.80
N ARG A 47 -1.85 -4.53 -6.86
CA ARG A 47 -1.30 -3.18 -6.90
C ARG A 47 -2.42 -2.16 -6.87
N LEU A 48 -3.47 -2.39 -7.64
CA LEU A 48 -4.63 -1.50 -7.66
C LEU A 48 -5.16 -1.31 -6.25
N ARG A 49 -5.20 -2.40 -5.48
CA ARG A 49 -5.63 -2.34 -4.09
C ARG A 49 -4.71 -1.42 -3.30
N VAL A 50 -3.40 -1.61 -3.47
CA VAL A 50 -2.40 -0.79 -2.79
C VAL A 50 -2.56 0.68 -3.16
N HIS A 51 -2.63 0.95 -4.46
CA HIS A 51 -2.79 2.31 -4.97
C HIS A 51 -4.03 2.96 -4.36
N GLN A 52 -5.15 2.26 -4.42
CA GLN A 52 -6.41 2.78 -3.91
C GLN A 52 -6.37 3.02 -2.41
N ILE A 53 -5.70 2.14 -1.69
CA ILE A 53 -5.58 2.30 -0.24
C ILE A 53 -4.69 3.48 0.10
N ALA A 54 -3.55 3.59 -0.59
CA ALA A 54 -2.65 4.72 -0.39
C ALA A 54 -3.32 6.02 -0.82
N GLU A 55 -4.13 5.92 -1.86
CA GLU A 55 -4.93 7.03 -2.37
C GLU A 55 -5.99 7.44 -1.34
N GLU A 56 -6.57 6.43 -0.68
CA GLU A 56 -7.57 6.67 0.35
C GLU A 56 -6.94 7.29 1.59
N HIS A 57 -5.77 6.76 1.97
CA HIS A 57 -5.07 7.24 3.16
C HIS A 57 -4.41 8.59 2.89
N GLY A 58 -4.04 8.83 1.65
CA GLY A 58 -3.43 10.08 1.28
C GLY A 58 -1.92 10.03 1.34
N LEU A 59 -1.35 8.95 0.84
CA LEU A 59 0.09 8.77 0.85
C LEU A 59 0.65 8.87 -0.58
N ARG A 60 1.91 8.54 -0.72
CA ARG A 60 2.59 8.59 -2.01
C ARG A 60 2.79 7.17 -2.55
N HIS A 61 2.35 6.92 -3.76
CA HIS A 61 2.44 5.58 -4.33
C HIS A 61 2.83 5.63 -5.80
N ASP A 62 3.81 4.82 -6.17
CA ASP A 62 4.35 4.81 -7.53
C ASP A 62 4.99 3.47 -7.84
N SER A 63 4.75 2.98 -9.05
CA SER A 63 5.35 1.73 -9.47
C SER A 63 6.74 1.97 -10.04
N SER A 64 7.68 1.13 -9.65
CA SER A 64 9.07 1.33 -9.99
C SER A 64 9.58 0.20 -10.89
N GLY A 65 10.11 0.56 -12.05
CA GLY A 65 10.65 -0.41 -12.97
C GLY A 65 9.61 -0.94 -13.95
N GLU A 66 10.06 -1.76 -14.88
CA GLU A 66 9.19 -2.37 -15.88
C GLU A 66 9.52 -3.85 -16.02
N GLY A 67 8.99 -4.47 -17.08
CA GLY A 67 9.20 -5.89 -17.27
C GLY A 67 8.54 -6.70 -16.18
N LYS A 68 9.27 -7.64 -15.61
CA LYS A 68 8.74 -8.41 -14.49
C LYS A 68 9.43 -7.98 -13.20
N ARG A 69 10.26 -6.95 -13.29
CA ARG A 69 10.94 -6.41 -12.12
C ARG A 69 10.12 -5.26 -11.54
N ARG A 70 9.11 -4.85 -12.29
CA ARG A 70 8.24 -3.76 -11.89
C ARG A 70 7.55 -4.08 -10.56
N PHE A 71 7.75 -3.22 -9.59
CA PHE A 71 7.10 -3.38 -8.29
C PHE A 71 6.48 -2.05 -7.90
N ILE A 72 5.99 -1.94 -6.68
CA ILE A 72 5.33 -0.72 -6.24
C ILE A 72 5.92 -0.21 -4.93
N THR A 73 6.23 1.08 -4.90
CA THR A 73 6.83 1.69 -3.73
C THR A 73 5.87 2.71 -3.11
N VAL A 74 5.49 2.47 -1.87
CA VAL A 74 4.64 3.39 -1.14
C VAL A 74 5.45 4.23 -0.18
N SER A 75 5.42 5.54 -0.34
CA SER A 75 6.18 6.42 0.51
C SER A 75 5.25 7.19 1.45
N LYS A 76 5.66 7.33 2.70
CA LYS A 76 4.89 8.06 3.68
C LYS A 76 4.83 9.54 3.34
N ARG A 77 5.99 10.14 3.10
CA ARG A 77 6.06 11.53 2.69
C ARG A 77 6.71 11.65 1.32
N ALA A 78 8.03 11.52 1.30
CA ALA A 78 8.79 11.60 0.06
C ALA A 78 10.19 11.05 0.27
N PRO A 9 -17.77 12.32 17.92
CA PRO A 9 -16.74 11.38 18.40
C PRO A 9 -17.26 9.95 18.36
N GLU A 10 -16.93 9.25 17.28
CA GLU A 10 -17.45 7.90 17.07
C GLU A 10 -16.37 6.87 17.33
N GLY A 11 -15.45 6.73 16.39
CA GLY A 11 -14.37 5.77 16.55
C GLY A 11 -14.54 4.57 15.65
N VAL A 12 -15.73 4.45 15.08
CA VAL A 12 -16.08 3.32 14.22
C VAL A 12 -15.74 3.60 12.77
N GLU A 13 -14.84 4.55 12.55
CA GLU A 13 -14.38 4.90 11.20
C GLU A 13 -13.85 3.65 10.48
N SER A 14 -13.25 2.75 11.24
CA SER A 14 -12.78 1.48 10.72
C SER A 14 -12.89 0.39 11.78
N GLN A 15 -14.01 -0.33 11.77
CA GLN A 15 -14.22 -1.42 12.71
C GLN A 15 -13.36 -2.62 12.34
N ASP A 16 -13.76 -3.29 11.26
CA ASP A 16 -12.99 -4.41 10.75
C ASP A 16 -11.84 -3.92 9.88
N GLY A 17 -12.13 -3.70 8.60
CA GLY A 17 -11.16 -3.13 7.69
C GLY A 17 -9.82 -3.85 7.71
N VAL A 18 -9.84 -5.17 7.69
CA VAL A 18 -8.62 -5.94 7.73
C VAL A 18 -8.36 -6.58 6.38
N ASP A 19 -7.31 -6.11 5.75
CA ASP A 19 -6.90 -6.62 4.46
C ASP A 19 -5.39 -6.75 4.45
N HIS A 20 -4.85 -7.63 3.61
CA HIS A 20 -3.40 -7.86 3.55
C HIS A 20 -2.66 -6.56 3.34
N PHE A 21 -2.91 -5.91 2.21
CA PHE A 21 -2.19 -4.70 1.83
C PHE A 21 -2.59 -3.53 2.73
N ARG A 22 -3.84 -3.51 3.15
CA ARG A 22 -4.32 -2.53 4.13
C ARG A 22 -3.46 -2.59 5.39
N ALA A 23 -3.24 -3.81 5.89
CA ALA A 23 -2.44 -4.02 7.09
C ALA A 23 -0.99 -3.60 6.85
N MET A 24 -0.48 -3.95 5.67
CA MET A 24 0.89 -3.62 5.30
C MET A 24 1.09 -2.11 5.27
N ILE A 25 0.09 -1.39 4.77
CA ILE A 25 0.15 0.06 4.65
C ILE A 25 0.00 0.75 6.00
N VAL A 26 -0.98 0.32 6.79
CA VAL A 26 -1.24 0.95 8.08
C VAL A 26 -0.07 0.73 9.04
N GLU A 27 0.54 -0.46 8.99
CA GLU A 27 1.68 -0.75 9.84
C GLU A 27 2.95 -0.16 9.25
N PHE A 28 2.93 0.09 7.95
CA PHE A 28 4.03 0.77 7.27
C PHE A 28 4.22 2.17 7.84
N MET A 29 3.12 2.89 8.01
CA MET A 29 3.16 4.23 8.59
C MET A 29 3.72 4.18 10.01
N ALA A 30 3.42 3.10 10.73
CA ALA A 30 3.88 2.93 12.10
C ALA A 30 5.34 2.49 12.15
N SER A 31 5.76 1.77 11.11
CA SER A 31 7.13 1.27 11.03
C SER A 31 8.10 2.40 10.69
N LYS A 32 7.56 3.51 10.19
CA LYS A 32 8.33 4.73 9.94
C LYS A 32 9.30 4.59 8.78
N LYS A 33 9.09 3.57 7.95
CA LYS A 33 9.87 3.45 6.72
C LYS A 33 9.45 4.55 5.76
N MET A 34 10.42 5.14 5.08
CA MET A 34 10.13 6.23 4.15
C MET A 34 9.47 5.69 2.89
N GLN A 35 9.82 4.46 2.52
CA GLN A 35 9.28 3.82 1.33
C GLN A 35 9.09 2.33 1.61
N LEU A 36 7.96 1.79 1.17
CA LEU A 36 7.70 0.37 1.29
C LEU A 36 7.67 -0.26 -0.09
N GLU A 37 8.67 -1.06 -0.35
CA GLU A 37 8.79 -1.77 -1.61
C GLU A 37 8.00 -3.08 -1.53
N PHE A 38 6.88 -3.14 -2.23
CA PHE A 38 6.08 -4.35 -2.27
C PHE A 38 6.69 -5.36 -3.25
N PRO A 39 6.43 -6.65 -3.04
CA PRO A 39 6.91 -7.71 -3.93
C PRO A 39 6.39 -7.54 -5.37
N PRO A 40 7.18 -7.95 -6.36
CA PRO A 40 6.80 -7.86 -7.77
C PRO A 40 5.70 -8.85 -8.15
N SER A 41 5.37 -9.74 -7.22
CA SER A 41 4.33 -10.73 -7.42
C SER A 41 2.93 -10.09 -7.44
N LEU A 42 2.85 -8.86 -6.93
CA LEU A 42 1.61 -8.09 -6.99
C LEU A 42 1.19 -7.87 -8.44
N ASN A 43 0.03 -8.38 -8.81
CA ASN A 43 -0.47 -8.18 -10.16
C ASN A 43 -1.24 -6.87 -10.22
N SER A 44 -1.80 -6.54 -11.39
CA SER A 44 -2.50 -5.28 -11.58
C SER A 44 -3.60 -5.06 -10.53
N HIS A 45 -4.20 -6.14 -10.05
CA HIS A 45 -5.27 -6.04 -9.06
C HIS A 45 -4.70 -5.82 -7.66
N ASP A 46 -3.58 -6.48 -7.36
CA ASP A 46 -2.92 -6.30 -6.07
C ASP A 46 -2.39 -4.88 -5.95
N ARG A 47 -1.77 -4.41 -7.03
CA ARG A 47 -1.26 -3.06 -7.07
C ARG A 47 -2.41 -2.06 -6.90
N LEU A 48 -3.47 -2.24 -7.69
CA LEU A 48 -4.65 -1.37 -7.63
C LEU A 48 -5.19 -1.29 -6.21
N ARG A 49 -5.18 -2.43 -5.53
CA ARG A 49 -5.56 -2.52 -4.12
C ARG A 49 -4.72 -1.56 -3.29
N VAL A 50 -3.40 -1.66 -3.44
CA VAL A 50 -2.47 -0.80 -2.72
C VAL A 50 -2.70 0.67 -3.07
N HIS A 51 -2.77 0.96 -4.36
CA HIS A 51 -2.94 2.34 -4.84
C HIS A 51 -4.16 2.98 -4.18
N GLN A 52 -5.33 2.34 -4.33
CA GLN A 52 -6.57 2.86 -3.77
C GLN A 52 -6.47 3.09 -2.26
N ILE A 53 -5.90 2.12 -1.54
CA ILE A 53 -5.77 2.23 -0.09
C ILE A 53 -4.83 3.35 0.30
N ALA A 54 -3.65 3.39 -0.31
CA ALA A 54 -2.65 4.40 0.00
C ALA A 54 -3.15 5.79 -0.40
N GLU A 55 -3.95 5.83 -1.45
CA GLU A 55 -4.53 7.07 -1.94
C GLU A 55 -5.58 7.58 -0.97
N GLU A 56 -6.27 6.65 -0.31
CA GLU A 56 -7.24 7.00 0.71
C GLU A 56 -6.54 7.46 1.98
N HIS A 57 -5.40 6.84 2.27
CA HIS A 57 -4.57 7.25 3.40
C HIS A 57 -3.98 8.63 3.17
N GLY A 58 -3.63 8.92 1.93
CA GLY A 58 -3.04 10.21 1.60
C GLY A 58 -1.54 10.11 1.41
N LEU A 59 -1.06 8.90 1.19
CA LEU A 59 0.37 8.66 1.01
C LEU A 59 0.72 8.73 -0.47
N ARG A 60 1.99 8.55 -0.79
CA ARG A 60 2.41 8.48 -2.18
C ARG A 60 2.53 7.02 -2.60
N HIS A 61 2.10 6.73 -3.81
CA HIS A 61 2.15 5.39 -4.34
C HIS A 61 2.43 5.41 -5.83
N ASP A 62 3.48 4.73 -6.23
CA ASP A 62 3.89 4.68 -7.63
C ASP A 62 4.59 3.37 -7.92
N SER A 63 4.79 3.08 -9.18
CA SER A 63 5.42 1.84 -9.57
C SER A 63 6.82 2.09 -10.11
N SER A 64 7.73 1.18 -9.77
CA SER A 64 9.11 1.30 -10.17
C SER A 64 9.59 -0.01 -10.77
N GLY A 65 10.48 0.09 -11.74
CA GLY A 65 10.95 -1.09 -12.44
C GLY A 65 9.97 -1.54 -13.50
N GLU A 66 10.41 -2.41 -14.39
CA GLU A 66 9.55 -2.92 -15.45
C GLU A 66 9.59 -4.44 -15.48
N GLY A 67 8.64 -5.04 -16.20
CA GLY A 67 8.59 -6.48 -16.30
C GLY A 67 8.23 -7.14 -15.00
N LYS A 68 8.96 -8.18 -14.64
CA LYS A 68 8.72 -8.87 -13.38
C LYS A 68 9.58 -8.27 -12.28
N ARG A 69 10.23 -7.15 -12.59
CA ARG A 69 10.93 -6.37 -11.60
C ARG A 69 10.11 -5.12 -11.29
N ARG A 70 8.94 -5.03 -11.92
CA ARG A 70 8.04 -3.90 -11.69
C ARG A 70 7.25 -4.11 -10.41
N PHE A 71 7.48 -3.22 -9.46
CA PHE A 71 6.83 -3.31 -8.17
C PHE A 71 6.31 -1.94 -7.77
N ILE A 72 5.46 -1.91 -6.76
CA ILE A 72 4.89 -0.66 -6.30
C ILE A 72 5.59 -0.18 -5.02
N THR A 73 5.95 1.09 -5.01
CA THR A 73 6.63 1.67 -3.87
C THR A 73 5.73 2.72 -3.22
N VAL A 74 5.38 2.49 -1.97
CA VAL A 74 4.57 3.44 -1.22
C VAL A 74 5.47 4.30 -0.34
N SER A 75 5.29 5.61 -0.41
CA SER A 75 6.13 6.51 0.35
C SER A 75 5.27 7.37 1.27
N LYS A 76 5.79 7.63 2.46
CA LYS A 76 5.07 8.41 3.45
C LYS A 76 5.18 9.89 3.14
N ARG A 77 4.09 10.61 3.40
CA ARG A 77 4.04 12.03 3.16
C ARG A 77 4.17 12.80 4.47
N ALA A 78 4.21 12.06 5.55
CA ALA A 78 4.43 12.61 6.87
C ALA A 78 5.06 11.55 7.76
N PRO A 9 -20.01 2.05 12.82
CA PRO A 9 -20.81 1.48 11.73
C PRO A 9 -21.76 0.41 12.26
N GLU A 10 -21.25 -0.43 13.15
CA GLU A 10 -22.03 -1.49 13.80
C GLU A 10 -22.53 -2.50 12.77
N GLY A 11 -21.79 -3.58 12.61
CA GLY A 11 -22.10 -4.56 11.61
C GLY A 11 -21.15 -4.48 10.45
N VAL A 12 -19.86 -4.61 10.75
CA VAL A 12 -18.83 -4.53 9.73
C VAL A 12 -18.76 -5.82 8.92
N GLU A 13 -19.22 -5.75 7.70
CA GLU A 13 -19.24 -6.90 6.81
C GLU A 13 -17.84 -7.18 6.28
N SER A 14 -17.11 -8.03 6.96
CA SER A 14 -15.76 -8.39 6.58
C SER A 14 -15.48 -9.85 6.98
N GLN A 15 -15.16 -10.67 5.98
CA GLN A 15 -14.95 -12.10 6.20
C GLN A 15 -13.70 -12.35 7.03
N ASP A 16 -12.53 -12.00 6.48
CA ASP A 16 -11.27 -12.20 7.21
C ASP A 16 -11.16 -11.21 8.36
N GLY A 17 -11.68 -10.02 8.13
CA GLY A 17 -11.63 -8.99 9.15
C GLY A 17 -10.90 -7.76 8.65
N VAL A 18 -9.72 -7.96 8.10
CA VAL A 18 -8.88 -6.87 7.65
C VAL A 18 -8.29 -7.18 6.27
N ASP A 19 -8.32 -6.17 5.40
CA ASP A 19 -7.71 -6.26 4.08
C ASP A 19 -6.20 -6.43 4.21
N HIS A 20 -5.62 -7.28 3.36
CA HIS A 20 -4.21 -7.66 3.49
C HIS A 20 -3.28 -6.46 3.36
N PHE A 21 -3.38 -5.75 2.24
CA PHE A 21 -2.47 -4.65 1.98
C PHE A 21 -2.80 -3.45 2.87
N ARG A 22 -4.03 -3.40 3.35
CA ARG A 22 -4.43 -2.40 4.34
C ARG A 22 -3.59 -2.56 5.60
N ALA A 23 -3.52 -3.80 6.08
CA ALA A 23 -2.72 -4.11 7.26
C ALA A 23 -1.26 -3.76 7.03
N MET A 24 -0.74 -4.16 5.88
CA MET A 24 0.62 -3.87 5.49
C MET A 24 0.90 -2.37 5.55
N ILE A 25 -0.03 -1.59 5.02
CA ILE A 25 0.14 -0.14 4.94
C ILE A 25 -0.10 0.54 6.29
N VAL A 26 -1.09 0.06 7.05
CA VAL A 26 -1.39 0.67 8.35
C VAL A 26 -0.25 0.45 9.33
N GLU A 27 0.37 -0.73 9.27
CA GLU A 27 1.53 -1.02 10.12
C GLU A 27 2.74 -0.26 9.59
N PHE A 28 2.77 -0.06 8.28
CA PHE A 28 3.82 0.73 7.65
C PHE A 28 3.75 2.19 8.12
N MET A 29 2.54 2.72 8.24
CA MET A 29 2.36 4.08 8.75
C MET A 29 2.62 4.15 10.24
N ALA A 30 2.83 2.99 10.85
CA ALA A 30 3.22 2.92 12.25
C ALA A 30 4.71 2.60 12.35
N SER A 31 5.35 2.47 11.20
CA SER A 31 6.76 2.13 11.13
C SER A 31 7.60 3.37 10.83
N LYS A 32 8.91 3.25 10.95
CA LYS A 32 9.82 4.37 10.75
C LYS A 32 10.27 4.44 9.29
N LYS A 33 9.90 3.45 8.50
CA LYS A 33 10.23 3.44 7.08
C LYS A 33 9.55 4.59 6.36
N MET A 34 10.34 5.39 5.66
CA MET A 34 9.80 6.48 4.87
C MET A 34 8.98 5.96 3.71
N GLN A 35 9.35 4.79 3.20
CA GLN A 35 8.61 4.15 2.14
C GLN A 35 8.69 2.64 2.22
N LEU A 36 7.69 1.97 1.67
CA LEU A 36 7.59 0.52 1.73
C LEU A 36 7.69 -0.07 0.33
N GLU A 37 8.80 -0.77 0.09
CA GLU A 37 9.03 -1.42 -1.20
C GLU A 37 8.32 -2.76 -1.25
N PHE A 38 7.22 -2.82 -2.00
CA PHE A 38 6.51 -4.07 -2.20
C PHE A 38 7.23 -4.93 -3.24
N PRO A 39 7.04 -6.25 -3.19
CA PRO A 39 7.65 -7.17 -4.15
C PRO A 39 6.91 -7.14 -5.50
N PRO A 40 7.61 -7.53 -6.59
CA PRO A 40 7.03 -7.56 -7.94
C PRO A 40 5.96 -8.63 -8.12
N SER A 41 5.78 -9.45 -7.09
CA SER A 41 4.82 -10.55 -7.12
C SER A 41 3.37 -10.02 -7.11
N LEU A 42 3.20 -8.76 -6.74
CA LEU A 42 1.89 -8.12 -6.77
C LEU A 42 1.37 -8.04 -8.21
N ASN A 43 0.24 -8.69 -8.47
CA ASN A 43 -0.35 -8.66 -9.81
C ASN A 43 -1.09 -7.34 -9.99
N SER A 44 -1.75 -7.17 -11.14
CA SER A 44 -2.45 -5.94 -11.46
C SER A 44 -3.45 -5.58 -10.35
N HIS A 45 -4.13 -6.59 -9.82
CA HIS A 45 -5.11 -6.38 -8.76
C HIS A 45 -4.42 -6.06 -7.43
N ASP A 46 -3.31 -6.73 -7.16
CA ASP A 46 -2.56 -6.49 -5.92
C ASP A 46 -2.04 -5.06 -5.89
N ARG A 47 -1.43 -4.64 -6.99
CA ARG A 47 -0.92 -3.29 -7.12
C ARG A 47 -2.07 -2.29 -6.99
N LEU A 48 -3.17 -2.57 -7.71
CA LEU A 48 -4.35 -1.71 -7.67
C LEU A 48 -4.84 -1.53 -6.25
N ARG A 49 -4.88 -2.63 -5.49
CA ARG A 49 -5.22 -2.57 -4.07
C ARG A 49 -4.37 -1.54 -3.35
N VAL A 50 -3.05 -1.69 -3.49
CA VAL A 50 -2.11 -0.81 -2.83
C VAL A 50 -2.30 0.65 -3.28
N HIS A 51 -2.41 0.86 -4.58
CA HIS A 51 -2.63 2.21 -5.13
C HIS A 51 -3.86 2.83 -4.51
N GLN A 52 -4.98 2.12 -4.58
CA GLN A 52 -6.25 2.59 -4.04
C GLN A 52 -6.13 2.94 -2.56
N ILE A 53 -5.46 2.08 -1.81
CA ILE A 53 -5.31 2.27 -0.38
C ILE A 53 -4.44 3.49 -0.08
N ALA A 54 -3.28 3.57 -0.71
CA ALA A 54 -2.37 4.69 -0.48
C ALA A 54 -3.02 6.00 -0.91
N GLU A 55 -3.76 5.94 -2.01
CA GLU A 55 -4.47 7.10 -2.54
C GLU A 55 -5.61 7.51 -1.60
N GLU A 56 -6.17 6.53 -0.90
CA GLU A 56 -7.26 6.77 0.04
C GLU A 56 -6.72 7.38 1.33
N HIS A 57 -5.61 6.85 1.80
CA HIS A 57 -4.98 7.33 3.04
C HIS A 57 -4.28 8.66 2.81
N GLY A 58 -3.82 8.88 1.59
CA GLY A 58 -3.18 10.15 1.26
C GLY A 58 -1.67 10.03 1.18
N LEU A 59 -1.18 8.83 0.91
CA LEU A 59 0.25 8.59 0.81
C LEU A 59 0.68 8.63 -0.66
N ARG A 60 1.98 8.75 -0.89
CA ARG A 60 2.49 8.84 -2.24
C ARG A 60 2.88 7.45 -2.74
N HIS A 61 2.15 6.98 -3.73
CA HIS A 61 2.39 5.65 -4.27
C HIS A 61 2.99 5.74 -5.66
N ASP A 62 4.14 5.11 -5.83
CA ASP A 62 4.84 5.12 -7.10
C ASP A 62 5.38 3.73 -7.41
N SER A 63 5.10 3.28 -8.61
CA SER A 63 5.57 1.98 -9.04
C SER A 63 6.87 2.11 -9.83
N SER A 64 7.78 1.19 -9.60
CA SER A 64 9.08 1.22 -10.24
C SER A 64 9.39 -0.12 -10.86
N GLY A 65 10.01 -0.11 -12.03
CA GLY A 65 10.32 -1.33 -12.72
C GLY A 65 9.48 -1.53 -13.96
N GLU A 66 9.75 -2.58 -14.71
CA GLU A 66 9.07 -2.80 -15.98
C GLU A 66 8.38 -4.15 -16.02
N GLY A 67 7.05 -4.13 -15.96
CA GLY A 67 6.25 -5.34 -16.09
C GLY A 67 6.61 -6.44 -15.12
N LYS A 68 7.39 -7.39 -15.61
CA LYS A 68 7.80 -8.55 -14.82
C LYS A 68 8.61 -8.13 -13.59
N ARG A 69 9.37 -7.05 -13.74
CA ARG A 69 10.22 -6.58 -12.65
C ARG A 69 9.64 -5.30 -12.05
N ARG A 70 8.36 -5.08 -12.28
CA ARG A 70 7.69 -3.90 -11.76
C ARG A 70 7.16 -4.15 -10.36
N PHE A 71 7.60 -3.33 -9.42
CA PHE A 71 7.13 -3.38 -8.06
C PHE A 71 6.53 -2.03 -7.68
N ILE A 72 5.90 -1.95 -6.54
CA ILE A 72 5.28 -0.71 -6.11
C ILE A 72 5.87 -0.23 -4.79
N THR A 73 6.10 1.07 -4.68
CA THR A 73 6.68 1.64 -3.49
C THR A 73 5.75 2.71 -2.91
N VAL A 74 5.31 2.52 -1.68
CA VAL A 74 4.47 3.48 -1.01
C VAL A 74 5.30 4.33 -0.07
N SER A 75 5.38 5.62 -0.35
CA SER A 75 6.18 6.52 0.46
C SER A 75 5.28 7.47 1.23
N LYS A 76 5.62 7.67 2.50
CA LYS A 76 4.89 8.57 3.36
C LYS A 76 5.33 10.00 3.11
N ARG A 77 6.52 10.14 2.57
CA ARG A 77 7.09 11.46 2.32
C ARG A 77 6.77 11.94 0.92
N ALA A 78 5.91 12.94 0.85
CA ALA A 78 5.61 13.61 -0.40
C ALA A 78 6.27 14.99 -0.39
N PRO A 9 -17.67 14.38 9.17
CA PRO A 9 -18.48 13.26 9.73
C PRO A 9 -18.17 13.06 11.20
N GLU A 10 -19.01 12.30 11.88
CA GLU A 10 -18.78 12.01 13.29
C GLU A 10 -17.58 11.10 13.45
N GLY A 11 -17.45 10.15 12.53
CA GLY A 11 -16.31 9.26 12.53
C GLY A 11 -16.33 8.33 11.34
N VAL A 12 -15.16 8.02 10.81
CA VAL A 12 -15.04 7.06 9.72
C VAL A 12 -14.74 5.69 10.30
N GLU A 13 -15.79 4.90 10.47
CA GLU A 13 -15.67 3.63 11.16
C GLU A 13 -15.02 2.57 10.28
N SER A 14 -13.95 1.96 10.78
CA SER A 14 -13.34 0.84 10.11
C SER A 14 -14.04 -0.43 10.58
N GLN A 15 -15.10 -0.81 9.86
CA GLN A 15 -15.88 -1.98 10.21
C GLN A 15 -15.12 -3.24 9.86
N ASP A 16 -14.88 -3.44 8.57
CA ASP A 16 -14.06 -4.54 8.10
C ASP A 16 -12.65 -4.06 7.85
N GLY A 17 -11.75 -4.40 8.75
CA GLY A 17 -10.39 -3.93 8.64
C GLY A 17 -9.40 -5.05 8.45
N VAL A 18 -9.78 -6.04 7.64
CA VAL A 18 -8.91 -7.18 7.40
C VAL A 18 -8.56 -7.27 5.93
N ASP A 19 -7.48 -6.61 5.60
CA ASP A 19 -6.90 -6.66 4.27
C ASP A 19 -5.40 -6.70 4.39
N HIS A 20 -4.76 -7.59 3.67
CA HIS A 20 -3.32 -7.80 3.82
C HIS A 20 -2.55 -6.53 3.50
N PHE A 21 -2.87 -5.91 2.37
CA PHE A 21 -2.13 -4.74 1.93
C PHE A 21 -2.48 -3.53 2.78
N ARG A 22 -3.75 -3.42 3.16
CA ARG A 22 -4.19 -2.35 4.04
C ARG A 22 -3.50 -2.45 5.40
N ALA A 23 -3.33 -3.68 5.88
CA ALA A 23 -2.62 -3.93 7.12
C ALA A 23 -1.15 -3.51 6.98
N MET A 24 -0.54 -3.91 5.87
CA MET A 24 0.84 -3.55 5.58
C MET A 24 1.02 -2.04 5.55
N ILE A 25 0.07 -1.33 4.94
CA ILE A 25 0.15 0.12 4.81
C ILE A 25 -0.10 0.82 6.15
N VAL A 26 -1.10 0.36 6.91
CA VAL A 26 -1.42 1.01 8.18
C VAL A 26 -0.27 0.84 9.18
N GLU A 27 0.37 -0.32 9.16
CA GLU A 27 1.51 -0.58 10.01
C GLU A 27 2.76 0.09 9.45
N PHE A 28 2.76 0.32 8.14
CA PHE A 28 3.85 1.02 7.47
C PHE A 28 3.92 2.46 7.95
N MET A 29 2.76 3.09 8.11
CA MET A 29 2.71 4.48 8.56
C MET A 29 3.26 4.61 9.99
N ALA A 30 3.13 3.54 10.75
CA ALA A 30 3.60 3.51 12.13
C ALA A 30 5.08 3.12 12.19
N SER A 31 5.59 2.58 11.10
CA SER A 31 6.97 2.15 11.04
C SER A 31 7.90 3.35 10.75
N LYS A 32 9.20 3.16 10.93
CA LYS A 32 10.15 4.23 10.70
C LYS A 32 10.71 4.19 9.28
N LYS A 33 10.14 3.31 8.45
CA LYS A 33 10.48 3.28 7.03
C LYS A 33 9.64 4.30 6.28
N MET A 34 10.30 5.16 5.52
CA MET A 34 9.63 6.18 4.74
C MET A 34 9.09 5.60 3.44
N GLN A 35 9.63 4.46 3.04
CA GLN A 35 9.23 3.82 1.79
C GLN A 35 9.09 2.32 1.97
N LEU A 36 8.02 1.76 1.41
CA LEU A 36 7.76 0.33 1.48
C LEU A 36 7.70 -0.26 0.07
N GLU A 37 8.71 -1.04 -0.27
CA GLU A 37 8.77 -1.67 -1.58
C GLU A 37 8.09 -3.03 -1.55
N PHE A 38 6.97 -3.15 -2.25
CA PHE A 38 6.26 -4.41 -2.36
C PHE A 38 6.90 -5.27 -3.46
N PRO A 39 6.78 -6.60 -3.36
CA PRO A 39 7.32 -7.52 -4.37
C PRO A 39 6.60 -7.40 -5.72
N PRO A 40 7.28 -7.77 -6.82
CA PRO A 40 6.67 -7.77 -8.16
C PRO A 40 5.58 -8.82 -8.32
N SER A 41 5.45 -9.68 -7.30
CA SER A 41 4.45 -10.74 -7.28
C SER A 41 3.03 -10.17 -7.27
N LEU A 42 2.90 -8.90 -6.87
CA LEU A 42 1.61 -8.21 -6.89
C LEU A 42 1.09 -8.09 -8.32
N ASN A 43 -0.10 -8.61 -8.57
CA ASN A 43 -0.70 -8.53 -9.89
C ASN A 43 -1.41 -7.20 -10.07
N SER A 44 -2.04 -6.99 -11.22
CA SER A 44 -2.76 -5.76 -11.50
C SER A 44 -3.70 -5.37 -10.35
N HIS A 45 -4.46 -6.35 -9.87
CA HIS A 45 -5.43 -6.13 -8.81
C HIS A 45 -4.73 -5.90 -7.46
N ASP A 46 -3.63 -6.61 -7.21
CA ASP A 46 -2.89 -6.43 -5.96
C ASP A 46 -2.40 -5.00 -5.85
N ARG A 47 -1.76 -4.53 -6.92
CA ARG A 47 -1.26 -3.16 -6.98
C ARG A 47 -2.42 -2.18 -6.85
N LEU A 48 -3.50 -2.46 -7.59
CA LEU A 48 -4.70 -1.60 -7.59
C LEU A 48 -5.20 -1.36 -6.17
N ARG A 49 -5.20 -2.43 -5.37
CA ARG A 49 -5.58 -2.34 -3.97
C ARG A 49 -4.66 -1.35 -3.25
N VAL A 50 -3.36 -1.59 -3.37
CA VAL A 50 -2.35 -0.74 -2.71
C VAL A 50 -2.50 0.72 -3.14
N HIS A 51 -2.61 0.95 -4.45
CA HIS A 51 -2.75 2.31 -4.99
C HIS A 51 -3.95 3.00 -4.35
N GLN A 52 -5.12 2.38 -4.44
CA GLN A 52 -6.35 2.98 -3.94
C GLN A 52 -6.33 3.15 -2.42
N ILE A 53 -5.67 2.24 -1.72
CA ILE A 53 -5.56 2.37 -0.26
C ILE A 53 -4.65 3.53 0.11
N ALA A 54 -3.48 3.60 -0.52
CA ALA A 54 -2.55 4.70 -0.27
C ALA A 54 -3.17 6.02 -0.72
N GLU A 55 -3.95 5.95 -1.78
CA GLU A 55 -4.68 7.09 -2.31
C GLU A 55 -5.72 7.58 -1.31
N GLU A 56 -6.33 6.65 -0.60
CA GLU A 56 -7.28 6.98 0.46
C GLU A 56 -6.56 7.59 1.65
N HIS A 57 -5.46 6.96 2.04
CA HIS A 57 -4.68 7.41 3.20
C HIS A 57 -4.05 8.77 2.94
N GLY A 58 -3.76 9.06 1.67
CA GLY A 58 -3.16 10.33 1.33
C GLY A 58 -1.66 10.24 1.25
N LEU A 59 -1.16 9.04 0.99
CA LEU A 59 0.27 8.81 0.88
C LEU A 59 0.67 8.78 -0.58
N ARG A 60 1.95 8.64 -0.85
CA ARG A 60 2.43 8.61 -2.22
C ARG A 60 2.66 7.17 -2.66
N HIS A 61 2.22 6.83 -3.84
CA HIS A 61 2.36 5.49 -4.37
C HIS A 61 2.90 5.51 -5.79
N ASP A 62 3.95 4.75 -6.02
CA ASP A 62 4.60 4.71 -7.32
C ASP A 62 4.90 3.29 -7.75
N SER A 63 4.75 3.03 -9.03
CA SER A 63 5.09 1.74 -9.58
C SER A 63 6.26 1.85 -10.52
N SER A 64 7.26 1.01 -10.28
CA SER A 64 8.51 1.09 -11.02
C SER A 64 9.19 -0.28 -11.08
N GLY A 65 10.05 -0.45 -12.07
CA GLY A 65 10.74 -1.71 -12.27
C GLY A 65 10.60 -2.19 -13.70
N GLU A 66 11.48 -3.09 -14.11
CA GLU A 66 11.50 -3.56 -15.48
C GLU A 66 10.47 -4.65 -15.75
N GLY A 67 9.28 -4.23 -16.19
CA GLY A 67 8.26 -5.16 -16.65
C GLY A 67 7.87 -6.20 -15.62
N LYS A 68 8.54 -7.34 -15.68
CA LYS A 68 8.28 -8.44 -14.75
C LYS A 68 8.66 -8.01 -13.35
N ARG A 69 9.71 -7.20 -13.26
CA ARG A 69 10.21 -6.73 -11.99
C ARG A 69 9.56 -5.40 -11.61
N ARG A 70 8.45 -5.06 -12.24
CA ARG A 70 7.74 -3.85 -11.90
C ARG A 70 6.95 -4.05 -10.62
N PHE A 71 7.32 -3.30 -9.60
CA PHE A 71 6.70 -3.40 -8.30
C PHE A 71 6.13 -2.05 -7.90
N ILE A 72 5.68 -1.95 -6.66
CA ILE A 72 5.10 -0.71 -6.17
C ILE A 72 5.77 -0.27 -4.87
N THR A 73 6.11 1.00 -4.79
CA THR A 73 6.77 1.54 -3.61
C THR A 73 5.91 2.66 -3.00
N VAL A 74 5.43 2.43 -1.79
CA VAL A 74 4.62 3.40 -1.10
C VAL A 74 5.49 4.27 -0.20
N SER A 75 5.29 5.58 -0.25
CA SER A 75 6.07 6.49 0.56
C SER A 75 5.19 7.24 1.55
N LYS A 76 5.67 7.34 2.79
CA LYS A 76 4.98 8.11 3.82
C LYS A 76 5.01 9.59 3.48
N ARG A 77 3.97 10.29 3.85
CA ARG A 77 3.84 11.71 3.53
C ARG A 77 3.42 12.50 4.75
N ALA A 78 4.27 13.43 5.15
CA ALA A 78 4.02 14.25 6.32
C ALA A 78 3.58 15.65 5.91
N PRO A 9 -19.63 0.03 26.39
CA PRO A 9 -18.67 0.98 25.78
C PRO A 9 -18.43 0.62 24.32
N GLU A 10 -18.96 1.41 23.41
CA GLU A 10 -18.86 1.10 22.00
C GLU A 10 -17.91 2.07 21.30
N GLY A 11 -16.93 1.52 20.62
CA GLY A 11 -15.97 2.34 19.92
C GLY A 11 -14.83 1.50 19.37
N VAL A 12 -14.40 1.84 18.17
CA VAL A 12 -13.33 1.11 17.49
C VAL A 12 -13.70 -0.36 17.33
N GLU A 13 -14.70 -0.63 16.51
CA GLU A 13 -15.13 -1.98 16.24
C GLU A 13 -14.50 -2.46 14.94
N SER A 14 -13.19 -2.69 14.99
CA SER A 14 -12.42 -3.04 13.83
C SER A 14 -12.76 -4.45 13.33
N GLN A 15 -13.62 -4.51 12.33
CA GLN A 15 -13.97 -5.79 11.71
C GLN A 15 -13.85 -5.68 10.20
N ASP A 16 -14.49 -4.67 9.63
CA ASP A 16 -14.39 -4.41 8.19
C ASP A 16 -13.14 -3.60 7.90
N GLY A 17 -12.00 -4.24 8.11
CA GLY A 17 -10.72 -3.63 7.84
C GLY A 17 -9.64 -4.67 7.74
N VAL A 18 -9.98 -5.82 7.18
CA VAL A 18 -9.05 -6.92 7.08
C VAL A 18 -8.67 -7.14 5.62
N ASP A 19 -7.59 -6.49 5.25
CA ASP A 19 -7.06 -6.58 3.91
C ASP A 19 -5.54 -6.64 4.00
N HIS A 20 -4.94 -7.57 3.27
CA HIS A 20 -3.50 -7.82 3.38
C HIS A 20 -2.70 -6.54 3.17
N PHE A 21 -3.07 -5.78 2.16
CA PHE A 21 -2.31 -4.58 1.81
C PHE A 21 -2.68 -3.42 2.72
N ARG A 22 -3.96 -3.34 3.10
CA ARG A 22 -4.41 -2.35 4.07
C ARG A 22 -3.63 -2.50 5.37
N ALA A 23 -3.45 -3.74 5.81
CA ALA A 23 -2.73 -4.04 7.04
C ALA A 23 -1.28 -3.63 6.94
N MET A 24 -0.63 -4.01 5.85
CA MET A 24 0.79 -3.70 5.67
C MET A 24 1.01 -2.20 5.54
N ILE A 25 0.08 -1.51 4.91
CA ILE A 25 0.17 -0.06 4.73
C ILE A 25 -0.09 0.68 6.05
N VAL A 26 -1.10 0.25 6.80
CA VAL A 26 -1.45 0.94 8.04
C VAL A 26 -0.33 0.83 9.07
N GLU A 27 0.31 -0.34 9.13
CA GLU A 27 1.43 -0.52 10.04
C GLU A 27 2.67 0.19 9.50
N PHE A 28 2.76 0.30 8.18
CA PHE A 28 3.84 1.02 7.53
C PHE A 28 3.85 2.49 7.92
N MET A 29 2.66 3.08 8.02
CA MET A 29 2.53 4.48 8.43
C MET A 29 3.06 4.69 9.83
N ALA A 30 2.90 3.68 10.68
CA ALA A 30 3.34 3.76 12.06
C ALA A 30 4.77 3.22 12.21
N SER A 31 5.38 2.85 11.09
CA SER A 31 6.73 2.33 11.10
C SER A 31 7.72 3.43 10.77
N LYS A 32 9.00 3.19 10.98
CA LYS A 32 10.02 4.19 10.73
C LYS A 32 10.51 4.11 9.29
N LYS A 33 9.98 3.16 8.53
CA LYS A 33 10.27 3.07 7.11
C LYS A 33 9.69 4.27 6.39
N MET A 34 10.50 4.89 5.53
CA MET A 34 10.04 6.02 4.75
C MET A 34 9.41 5.54 3.46
N GLN A 35 9.79 4.33 3.06
CA GLN A 35 9.29 3.73 1.83
C GLN A 35 9.07 2.24 2.02
N LEU A 36 7.99 1.73 1.45
CA LEU A 36 7.67 0.32 1.50
C LEU A 36 7.64 -0.24 0.10
N GLU A 37 8.68 -0.95 -0.27
CA GLU A 37 8.78 -1.56 -1.57
C GLU A 37 8.13 -2.93 -1.56
N PHE A 38 7.00 -3.05 -2.22
CA PHE A 38 6.28 -4.30 -2.29
C PHE A 38 6.95 -5.23 -3.30
N PRO A 39 6.88 -6.55 -3.07
CA PRO A 39 7.48 -7.54 -3.97
C PRO A 39 6.83 -7.52 -5.35
N PRO A 40 7.59 -7.90 -6.40
CA PRO A 40 7.08 -7.93 -7.78
C PRO A 40 5.99 -8.98 -7.98
N SER A 41 5.76 -9.80 -6.96
CA SER A 41 4.73 -10.82 -6.99
C SER A 41 3.34 -10.19 -6.99
N LEU A 42 3.26 -8.93 -6.60
CA LEU A 42 2.03 -8.17 -6.68
C LEU A 42 1.64 -7.97 -8.14
N ASN A 43 0.56 -8.62 -8.57
CA ASN A 43 0.07 -8.42 -9.93
C ASN A 43 -0.79 -7.16 -9.98
N SER A 44 -1.37 -6.87 -11.14
CA SER A 44 -2.14 -5.64 -11.35
C SER A 44 -3.16 -5.40 -10.24
N HIS A 45 -3.94 -6.42 -9.93
CA HIS A 45 -4.94 -6.34 -8.86
C HIS A 45 -4.30 -5.95 -7.53
N ASP A 46 -3.19 -6.60 -7.19
CA ASP A 46 -2.54 -6.37 -5.90
C ASP A 46 -2.00 -4.96 -5.81
N ARG A 47 -1.33 -4.52 -6.87
CA ARG A 47 -0.80 -3.17 -6.94
C ARG A 47 -1.95 -2.17 -6.83
N LEU A 48 -3.02 -2.44 -7.58
CA LEU A 48 -4.21 -1.60 -7.58
C LEU A 48 -4.75 -1.43 -6.17
N ARG A 49 -4.82 -2.52 -5.42
CA ARG A 49 -5.27 -2.48 -4.04
C ARG A 49 -4.42 -1.48 -3.26
N VAL A 50 -3.10 -1.62 -3.38
CA VAL A 50 -2.16 -0.74 -2.71
C VAL A 50 -2.38 0.72 -3.15
N HIS A 51 -2.47 0.93 -4.46
CA HIS A 51 -2.67 2.27 -5.00
C HIS A 51 -3.91 2.92 -4.38
N GLN A 52 -5.07 2.28 -4.54
CA GLN A 52 -6.32 2.84 -4.04
C GLN A 52 -6.30 3.04 -2.53
N ILE A 53 -5.65 2.14 -1.81
CA ILE A 53 -5.56 2.26 -0.36
C ILE A 53 -4.65 3.42 0.05
N ALA A 54 -3.46 3.49 -0.55
CA ALA A 54 -2.52 4.57 -0.24
C ALA A 54 -3.09 5.91 -0.70
N GLU A 55 -3.83 5.87 -1.80
CA GLU A 55 -4.51 7.03 -2.33
C GLU A 55 -5.57 7.53 -1.34
N GLU A 56 -6.22 6.59 -0.67
CA GLU A 56 -7.22 6.92 0.33
C GLU A 56 -6.56 7.43 1.61
N HIS A 57 -5.44 6.81 1.97
CA HIS A 57 -4.69 7.20 3.16
C HIS A 57 -4.03 8.56 2.97
N GLY A 58 -3.82 8.95 1.72
CA GLY A 58 -3.21 10.23 1.43
C GLY A 58 -1.70 10.14 1.36
N LEU A 59 -1.20 8.94 1.08
CA LEU A 59 0.23 8.71 0.99
C LEU A 59 0.70 8.85 -0.44
N ARG A 60 1.99 8.65 -0.66
CA ARG A 60 2.55 8.71 -2.00
C ARG A 60 2.84 7.30 -2.49
N HIS A 61 2.35 6.96 -3.67
CA HIS A 61 2.50 5.62 -4.20
C HIS A 61 2.90 5.67 -5.67
N ASP A 62 3.95 4.92 -6.01
CA ASP A 62 4.45 4.90 -7.36
C ASP A 62 5.06 3.55 -7.69
N SER A 63 5.09 3.22 -8.96
CA SER A 63 5.59 1.93 -9.39
C SER A 63 6.99 2.06 -9.97
N SER A 64 7.81 1.04 -9.78
CA SER A 64 9.16 1.05 -10.31
C SER A 64 9.45 -0.29 -10.98
N GLY A 65 10.25 -0.25 -12.02
CA GLY A 65 10.56 -1.46 -12.76
C GLY A 65 9.71 -1.61 -14.00
N GLU A 66 9.85 -2.73 -14.67
CA GLU A 66 9.15 -2.94 -15.94
C GLU A 66 8.55 -4.34 -16.00
N GLY A 67 7.28 -4.41 -16.41
CA GLY A 67 6.62 -5.69 -16.65
C GLY A 67 6.50 -6.54 -15.39
N LYS A 68 7.15 -7.69 -15.40
CA LYS A 68 7.08 -8.62 -14.27
C LYS A 68 8.06 -8.22 -13.18
N ARG A 69 8.99 -7.35 -13.53
CA ARG A 69 9.94 -6.81 -12.56
C ARG A 69 9.46 -5.46 -12.07
N ARG A 70 8.20 -5.15 -12.38
CA ARG A 70 7.59 -3.93 -11.91
C ARG A 70 6.99 -4.14 -10.54
N PHE A 71 7.46 -3.36 -9.58
CA PHE A 71 6.95 -3.42 -8.23
C PHE A 71 6.40 -2.06 -7.83
N ILE A 72 5.88 -1.95 -6.63
CA ILE A 72 5.29 -0.70 -6.18
C ILE A 72 5.92 -0.24 -4.87
N THR A 73 6.25 1.04 -4.80
CA THR A 73 6.88 1.60 -3.63
C THR A 73 6.01 2.70 -3.04
N VAL A 74 5.62 2.52 -1.79
CA VAL A 74 4.80 3.50 -1.10
C VAL A 74 5.67 4.34 -0.16
N SER A 75 5.48 5.63 -0.20
CA SER A 75 6.25 6.54 0.63
C SER A 75 5.31 7.35 1.51
N LYS A 76 5.71 7.56 2.75
CA LYS A 76 4.89 8.27 3.70
C LYS A 76 4.91 9.76 3.41
N ARG A 77 3.78 10.40 3.61
CA ARG A 77 3.66 11.83 3.39
C ARG A 77 3.57 12.55 4.72
N ALA A 78 4.72 12.93 5.25
CA ALA A 78 4.79 13.60 6.54
C ALA A 78 4.60 15.10 6.38
N PRO A 9 -16.99 13.45 16.48
CA PRO A 9 -17.63 12.13 16.64
C PRO A 9 -16.59 11.01 16.56
N GLU A 10 -16.49 10.23 17.61
CA GLU A 10 -15.52 9.15 17.67
C GLU A 10 -15.98 7.97 16.84
N GLY A 11 -15.04 7.22 16.29
CA GLY A 11 -15.37 6.13 15.41
C GLY A 11 -14.81 6.35 14.02
N VAL A 12 -13.80 7.22 13.93
CA VAL A 12 -13.17 7.54 12.65
C VAL A 12 -12.38 6.35 12.13
N GLU A 13 -12.05 5.44 13.04
CA GLU A 13 -11.37 4.20 12.68
C GLU A 13 -12.41 3.18 12.25
N SER A 14 -12.79 3.24 10.98
CA SER A 14 -13.86 2.39 10.47
C SER A 14 -13.31 1.28 9.58
N GLN A 15 -13.16 0.10 10.16
CA GLN A 15 -12.73 -1.06 9.39
C GLN A 15 -13.69 -2.23 9.62
N ASP A 16 -14.05 -2.91 8.53
CA ASP A 16 -14.88 -4.11 8.61
C ASP A 16 -14.04 -5.28 9.13
N GLY A 17 -13.14 -5.74 8.28
CA GLY A 17 -12.17 -6.73 8.70
C GLY A 17 -10.78 -6.15 8.64
N VAL A 18 -9.92 -6.74 7.82
CA VAL A 18 -8.61 -6.18 7.55
C VAL A 18 -8.00 -6.82 6.31
N ASP A 19 -7.72 -5.99 5.32
CA ASP A 19 -7.14 -6.45 4.07
C ASP A 19 -5.62 -6.55 4.21
N HIS A 20 -5.01 -7.47 3.47
CA HIS A 20 -3.57 -7.69 3.53
C HIS A 20 -2.81 -6.39 3.31
N PHE A 21 -3.10 -5.72 2.20
CA PHE A 21 -2.37 -4.51 1.84
C PHE A 21 -2.76 -3.35 2.76
N ARG A 22 -4.01 -3.37 3.23
CA ARG A 22 -4.46 -2.39 4.21
C ARG A 22 -3.64 -2.53 5.51
N ALA A 23 -3.47 -3.77 5.95
CA ALA A 23 -2.70 -4.06 7.16
C ALA A 23 -1.25 -3.61 7.01
N MET A 24 -0.65 -3.96 5.88
CA MET A 24 0.73 -3.62 5.61
C MET A 24 0.92 -2.10 5.56
N ILE A 25 -0.04 -1.40 4.97
CA ILE A 25 0.05 0.06 4.83
C ILE A 25 -0.24 0.78 6.15
N VAL A 26 -1.23 0.31 6.90
CA VAL A 26 -1.60 0.97 8.15
C VAL A 26 -0.48 0.85 9.19
N GLU A 27 0.23 -0.28 9.17
CA GLU A 27 1.37 -0.47 10.05
C GLU A 27 2.58 0.30 9.52
N PHE A 28 2.65 0.41 8.20
CA PHE A 28 3.72 1.14 7.53
C PHE A 28 3.71 2.62 7.90
N MET A 29 2.51 3.19 8.05
CA MET A 29 2.38 4.60 8.41
C MET A 29 3.01 4.88 9.77
N ALA A 30 3.06 3.86 10.62
CA ALA A 30 3.61 3.99 11.95
C ALA A 30 5.02 3.42 12.03
N SER A 31 5.52 2.99 10.89
CA SER A 31 6.86 2.43 10.81
C SER A 31 7.88 3.54 10.56
N LYS A 32 9.16 3.23 10.73
CA LYS A 32 10.23 4.19 10.49
C LYS A 32 10.65 4.15 9.03
N LYS A 33 10.16 3.16 8.30
CA LYS A 33 10.46 3.05 6.88
C LYS A 33 9.79 4.18 6.12
N MET A 34 10.58 4.93 5.37
CA MET A 34 10.04 6.01 4.55
C MET A 34 9.34 5.46 3.32
N GLN A 35 9.77 4.29 2.88
CA GLN A 35 9.20 3.67 1.69
C GLN A 35 8.99 2.18 1.92
N LEU A 36 7.84 1.68 1.49
CA LEU A 36 7.54 0.27 1.58
C LEU A 36 7.63 -0.34 0.19
N GLU A 37 8.69 -1.07 -0.05
CA GLU A 37 8.93 -1.71 -1.33
C GLU A 37 8.28 -3.08 -1.37
N PHE A 38 7.16 -3.17 -2.07
CA PHE A 38 6.44 -4.43 -2.20
C PHE A 38 7.12 -5.33 -3.22
N PRO A 39 6.95 -6.65 -3.11
CA PRO A 39 7.50 -7.61 -4.07
C PRO A 39 6.80 -7.51 -5.43
N PRO A 40 7.50 -7.87 -6.52
CA PRO A 40 6.94 -7.86 -7.87
C PRO A 40 5.84 -8.91 -8.05
N SER A 41 5.61 -9.70 -7.01
CA SER A 41 4.57 -10.70 -6.99
C SER A 41 3.19 -10.04 -6.98
N LEU A 42 3.13 -8.77 -6.62
CA LEU A 42 1.90 -8.00 -6.67
C LEU A 42 1.50 -7.74 -8.12
N ASN A 43 0.44 -8.40 -8.57
CA ASN A 43 -0.01 -8.24 -9.95
C ASN A 43 -0.78 -6.93 -10.08
N SER A 44 -1.29 -6.66 -11.28
CA SER A 44 -2.02 -5.42 -11.55
C SER A 44 -3.15 -5.20 -10.52
N HIS A 45 -3.86 -6.26 -10.17
CA HIS A 45 -4.95 -6.16 -9.20
C HIS A 45 -4.41 -5.89 -7.80
N ASP A 46 -3.34 -6.60 -7.42
CA ASP A 46 -2.70 -6.40 -6.13
C ASP A 46 -2.25 -4.96 -5.99
N ARG A 47 -1.55 -4.47 -7.01
CA ARG A 47 -1.04 -3.11 -7.03
C ARG A 47 -2.19 -2.11 -7.01
N LEU A 48 -3.22 -2.36 -7.81
CA LEU A 48 -4.38 -1.48 -7.87
C LEU A 48 -4.99 -1.27 -6.50
N ARG A 49 -5.07 -2.35 -5.72
CA ARG A 49 -5.55 -2.25 -4.35
C ARG A 49 -4.63 -1.37 -3.52
N VAL A 50 -3.32 -1.62 -3.63
CA VAL A 50 -2.33 -0.84 -2.88
C VAL A 50 -2.42 0.64 -3.26
N HIS A 51 -2.47 0.93 -4.56
CA HIS A 51 -2.58 2.30 -5.03
C HIS A 51 -3.80 2.98 -4.42
N GLN A 52 -4.96 2.36 -4.59
CA GLN A 52 -6.20 2.92 -4.10
C GLN A 52 -6.21 3.04 -2.59
N ILE A 53 -5.64 2.06 -1.89
CA ILE A 53 -5.57 2.10 -0.44
C ILE A 53 -4.63 3.22 0.03
N ALA A 54 -3.47 3.33 -0.59
CA ALA A 54 -2.53 4.40 -0.25
C ALA A 54 -3.12 5.76 -0.60
N GLU A 55 -3.83 5.80 -1.72
CA GLU A 55 -4.54 7.01 -2.14
C GLU A 55 -5.67 7.32 -1.17
N GLU A 56 -6.26 6.26 -0.62
CA GLU A 56 -7.34 6.36 0.37
C GLU A 56 -6.79 6.88 1.71
N HIS A 57 -5.61 6.38 2.07
CA HIS A 57 -4.94 6.82 3.29
C HIS A 57 -4.38 8.24 3.13
N GLY A 58 -4.02 8.59 1.90
CA GLY A 58 -3.48 9.91 1.66
C GLY A 58 -1.96 9.90 1.65
N LEU A 59 -1.39 8.78 1.22
CA LEU A 59 0.06 8.63 1.16
C LEU A 59 0.52 8.73 -0.29
N ARG A 60 1.82 8.59 -0.51
CA ARG A 60 2.35 8.62 -1.86
C ARG A 60 2.62 7.20 -2.34
N HIS A 61 2.37 6.95 -3.61
CA HIS A 61 2.54 5.63 -4.18
C HIS A 61 2.93 5.72 -5.66
N ASP A 62 3.82 4.82 -6.06
CA ASP A 62 4.30 4.77 -7.44
C ASP A 62 4.89 3.41 -7.73
N SER A 63 4.84 2.99 -8.98
CA SER A 63 5.34 1.69 -9.36
C SER A 63 6.77 1.79 -9.88
N SER A 64 7.60 0.84 -9.45
CA SER A 64 9.00 0.82 -9.86
C SER A 64 9.26 -0.43 -10.67
N GLY A 65 10.12 -0.31 -11.67
CA GLY A 65 10.40 -1.43 -12.54
C GLY A 65 9.56 -1.39 -13.80
N GLU A 66 9.90 -2.24 -14.76
CA GLU A 66 9.22 -2.27 -16.06
C GLU A 66 8.01 -3.18 -16.02
N GLY A 67 8.24 -4.49 -16.10
CA GLY A 67 7.15 -5.44 -16.17
C GLY A 67 7.24 -6.50 -15.09
N LYS A 68 8.14 -7.46 -15.28
CA LYS A 68 8.33 -8.51 -14.28
C LYS A 68 9.02 -7.94 -13.05
N ARG A 69 9.85 -6.92 -13.27
CA ARG A 69 10.51 -6.23 -12.18
C ARG A 69 9.59 -5.16 -11.59
N ARG A 70 8.41 -5.00 -12.17
CA ARG A 70 7.52 -3.93 -11.76
C ARG A 70 6.79 -4.27 -10.47
N PHE A 71 7.09 -3.50 -9.45
CA PHE A 71 6.44 -3.62 -8.17
C PHE A 71 5.95 -2.25 -7.74
N ILE A 72 5.39 -2.14 -6.56
CA ILE A 72 4.87 -0.86 -6.11
C ILE A 72 5.61 -0.40 -4.85
N THR A 73 5.89 0.89 -4.79
CA THR A 73 6.56 1.47 -3.66
C THR A 73 5.69 2.57 -3.04
N VAL A 74 5.31 2.37 -1.80
CA VAL A 74 4.50 3.34 -1.08
C VAL A 74 5.38 4.17 -0.16
N SER A 75 5.22 5.47 -0.15
CA SER A 75 6.00 6.32 0.72
C SER A 75 5.11 7.17 1.60
N LYS A 76 5.54 7.37 2.84
CA LYS A 76 4.77 8.12 3.82
C LYS A 76 4.70 9.60 3.47
N ARG A 77 5.85 10.20 3.20
CA ARG A 77 5.92 11.62 2.92
C ARG A 77 6.46 11.89 1.52
N ALA A 78 7.67 11.42 1.27
CA ALA A 78 8.31 11.62 -0.02
C ALA A 78 8.64 10.27 -0.65
N PRO A 9 -18.36 8.44 0.59
CA PRO A 9 -18.32 7.18 1.35
C PRO A 9 -19.05 6.07 0.60
N GLU A 10 -18.47 4.88 0.59
CA GLU A 10 -19.06 3.74 -0.10
C GLU A 10 -19.66 2.78 0.92
N GLY A 11 -18.79 1.99 1.54
CA GLY A 11 -19.22 1.03 2.53
C GLY A 11 -18.04 0.31 3.11
N VAL A 12 -18.15 -0.16 4.35
CA VAL A 12 -17.03 -0.83 4.99
C VAL A 12 -17.28 -2.32 5.11
N GLU A 13 -18.54 -2.71 4.91
CA GLU A 13 -18.94 -4.11 4.99
C GLU A 13 -18.40 -4.88 3.78
N SER A 14 -17.89 -4.13 2.81
CA SER A 14 -17.30 -4.72 1.61
C SER A 14 -16.01 -5.48 1.96
N GLN A 15 -15.46 -5.20 3.13
CA GLN A 15 -14.26 -5.89 3.61
C GLN A 15 -14.39 -6.16 5.11
N ASP A 16 -13.32 -6.68 5.70
CA ASP A 16 -13.26 -6.87 7.15
C ASP A 16 -12.67 -5.62 7.80
N GLY A 17 -12.25 -4.68 6.96
CA GLY A 17 -11.50 -3.54 7.44
C GLY A 17 -10.02 -3.81 7.36
N VAL A 18 -9.69 -5.10 7.44
CA VAL A 18 -8.32 -5.53 7.31
C VAL A 18 -8.11 -6.21 5.97
N ASP A 19 -7.73 -5.42 4.99
CA ASP A 19 -7.29 -5.95 3.71
C ASP A 19 -5.82 -6.30 3.83
N HIS A 20 -5.34 -7.26 3.05
CA HIS A 20 -3.96 -7.71 3.16
C HIS A 20 -3.01 -6.52 3.04
N PHE A 21 -3.20 -5.74 1.99
CA PHE A 21 -2.33 -4.62 1.70
C PHE A 21 -2.63 -3.43 2.61
N ARG A 22 -3.90 -3.32 3.03
CA ARG A 22 -4.29 -2.26 3.96
C ARG A 22 -3.62 -2.50 5.31
N ALA A 23 -3.54 -3.77 5.70
CA ALA A 23 -2.87 -4.15 6.93
C ALA A 23 -1.37 -3.84 6.84
N MET A 24 -0.79 -4.13 5.68
CA MET A 24 0.62 -3.86 5.45
C MET A 24 0.90 -2.36 5.50
N ILE A 25 0.00 -1.58 4.89
CA ILE A 25 0.14 -0.13 4.83
C ILE A 25 -0.10 0.53 6.20
N VAL A 26 -1.12 0.07 6.93
CA VAL A 26 -1.45 0.70 8.21
C VAL A 26 -0.33 0.49 9.23
N GLU A 27 0.25 -0.71 9.26
CA GLU A 27 1.38 -0.98 10.15
C GLU A 27 2.62 -0.25 9.67
N PHE A 28 2.73 -0.11 8.36
CA PHE A 28 3.82 0.63 7.73
C PHE A 28 3.82 2.09 8.18
N MET A 29 2.65 2.66 8.37
CA MET A 29 2.53 4.03 8.85
C MET A 29 3.08 4.14 10.26
N ALA A 30 2.95 3.08 11.04
CA ALA A 30 3.46 3.07 12.40
C ALA A 30 4.88 2.49 12.45
N SER A 31 5.48 2.29 11.28
CA SER A 31 6.82 1.75 11.20
C SER A 31 7.83 2.86 10.94
N LYS A 32 9.12 2.54 11.10
CA LYS A 32 10.18 3.51 10.91
C LYS A 32 10.39 3.77 9.41
N LYS A 33 10.09 2.76 8.60
CA LYS A 33 10.21 2.86 7.15
C LYS A 33 9.32 4.00 6.65
N MET A 34 9.90 4.91 5.87
CA MET A 34 9.13 6.01 5.32
C MET A 34 8.67 5.68 3.90
N GLN A 35 9.21 4.59 3.36
CA GLN A 35 8.77 4.10 2.07
C GLN A 35 8.70 2.57 2.10
N LEU A 36 7.57 2.03 1.72
CA LEU A 36 7.35 0.60 1.70
C LEU A 36 7.46 0.09 0.27
N GLU A 37 8.57 -0.56 -0.02
CA GLU A 37 8.81 -1.13 -1.33
C GLU A 37 8.22 -2.54 -1.39
N PHE A 38 7.10 -2.67 -2.07
CA PHE A 38 6.42 -3.96 -2.18
C PHE A 38 7.15 -4.88 -3.16
N PRO A 39 7.14 -6.19 -2.89
CA PRO A 39 7.76 -7.19 -3.77
C PRO A 39 7.10 -7.24 -5.15
N PRO A 40 7.88 -7.64 -6.18
CA PRO A 40 7.37 -7.77 -7.55
C PRO A 40 6.33 -8.88 -7.68
N SER A 41 6.09 -9.59 -6.59
CA SER A 41 5.07 -10.63 -6.54
C SER A 41 3.68 -10.02 -6.68
N LEU A 42 3.55 -8.74 -6.30
CA LEU A 42 2.29 -8.02 -6.45
C LEU A 42 2.03 -7.74 -7.92
N ASN A 43 1.00 -8.37 -8.48
CA ASN A 43 0.64 -8.14 -9.87
C ASN A 43 -0.29 -6.93 -9.97
N SER A 44 -0.75 -6.63 -11.18
CA SER A 44 -1.48 -5.40 -11.46
C SER A 44 -2.67 -5.20 -10.51
N HIS A 45 -3.45 -6.25 -10.28
CA HIS A 45 -4.61 -6.16 -9.40
C HIS A 45 -4.20 -5.92 -7.95
N ASP A 46 -3.14 -6.59 -7.51
CA ASP A 46 -2.63 -6.42 -6.15
C ASP A 46 -2.07 -5.02 -5.95
N ARG A 47 -1.36 -4.54 -6.95
CA ARG A 47 -0.80 -3.20 -6.91
C ARG A 47 -1.93 -2.18 -6.88
N LEU A 48 -2.98 -2.44 -7.65
CA LEU A 48 -4.17 -1.59 -7.68
C LEU A 48 -4.74 -1.41 -6.27
N ARG A 49 -4.82 -2.52 -5.52
CA ARG A 49 -5.25 -2.46 -4.12
C ARG A 49 -4.37 -1.50 -3.34
N VAL A 50 -3.06 -1.67 -3.47
CA VAL A 50 -2.11 -0.80 -2.78
C VAL A 50 -2.32 0.66 -3.16
N HIS A 51 -2.42 0.92 -4.47
CA HIS A 51 -2.63 2.28 -4.97
C HIS A 51 -3.89 2.89 -4.37
N GLN A 52 -5.00 2.16 -4.46
CA GLN A 52 -6.27 2.64 -3.96
C GLN A 52 -6.23 2.91 -2.45
N ILE A 53 -5.59 2.02 -1.71
CA ILE A 53 -5.48 2.15 -0.27
C ILE A 53 -4.59 3.34 0.11
N ALA A 54 -3.44 3.44 -0.51
CA ALA A 54 -2.52 4.54 -0.25
C ALA A 54 -3.16 5.86 -0.66
N GLU A 55 -3.94 5.80 -1.73
CA GLU A 55 -4.70 6.94 -2.22
C GLU A 55 -5.75 7.37 -1.18
N GLU A 56 -6.37 6.39 -0.55
CA GLU A 56 -7.36 6.66 0.49
C GLU A 56 -6.71 7.25 1.73
N HIS A 57 -5.57 6.68 2.14
CA HIS A 57 -4.87 7.11 3.34
C HIS A 57 -4.17 8.44 3.14
N GLY A 58 -3.89 8.78 1.89
CA GLY A 58 -3.27 10.06 1.58
C GLY A 58 -1.75 9.97 1.55
N LEU A 59 -1.25 8.87 1.02
CA LEU A 59 0.18 8.66 0.91
C LEU A 59 0.60 8.71 -0.55
N ARG A 60 1.89 8.75 -0.80
CA ARG A 60 2.40 8.76 -2.17
C ARG A 60 2.63 7.32 -2.63
N HIS A 61 2.15 7.00 -3.81
CA HIS A 61 2.27 5.65 -4.33
C HIS A 61 2.61 5.68 -5.81
N ASP A 62 3.55 4.83 -6.20
CA ASP A 62 3.95 4.72 -7.60
C ASP A 62 4.68 3.42 -7.85
N SER A 63 4.53 2.88 -9.04
CA SER A 63 5.20 1.66 -9.42
C SER A 63 6.28 1.94 -10.44
N SER A 64 7.41 1.29 -10.29
CA SER A 64 8.53 1.51 -11.18
C SER A 64 8.93 0.18 -11.82
N GLY A 65 9.54 0.26 -12.99
CA GLY A 65 9.89 -0.94 -13.71
C GLY A 65 8.77 -1.44 -14.59
N GLU A 66 8.96 -2.60 -15.19
CA GLU A 66 7.94 -3.22 -16.03
C GLU A 66 8.01 -4.74 -15.92
N GLY A 67 7.00 -5.40 -16.48
CA GLY A 67 6.96 -6.85 -16.49
C GLY A 67 6.88 -7.44 -15.10
N LYS A 68 7.70 -8.44 -14.85
CA LYS A 68 7.69 -9.15 -13.58
C LYS A 68 8.55 -8.42 -12.55
N ARG A 69 9.18 -7.34 -12.96
CA ARG A 69 10.03 -6.56 -12.08
C ARG A 69 9.45 -5.19 -11.80
N ARG A 70 8.18 -5.01 -12.17
CA ARG A 70 7.50 -3.78 -11.82
C ARG A 70 6.98 -3.86 -10.40
N PHE A 71 7.55 -3.05 -9.54
CA PHE A 71 7.22 -3.06 -8.13
C PHE A 71 6.64 -1.71 -7.72
N ILE A 72 5.93 -1.68 -6.61
CA ILE A 72 5.28 -0.47 -6.16
C ILE A 72 5.87 0.03 -4.85
N THR A 73 6.15 1.32 -4.80
CA THR A 73 6.70 1.92 -3.59
C THR A 73 5.71 2.94 -3.01
N VAL A 74 5.35 2.74 -1.76
CA VAL A 74 4.48 3.67 -1.05
C VAL A 74 5.29 4.52 -0.10
N SER A 75 5.26 5.82 -0.31
CA SER A 75 6.05 6.73 0.50
C SER A 75 5.16 7.61 1.36
N LYS A 76 5.52 7.74 2.63
CA LYS A 76 4.80 8.60 3.56
C LYS A 76 5.25 10.03 3.40
N ARG A 77 6.29 10.20 2.61
CA ARG A 77 6.74 11.52 2.23
C ARG A 77 6.07 11.93 0.92
N ALA A 78 4.86 12.46 1.04
CA ALA A 78 4.08 12.84 -0.13
C ALA A 78 4.05 14.36 -0.28
N PRO A 9 -27.73 -3.68 18.64
CA PRO A 9 -26.99 -4.96 18.62
C PRO A 9 -25.91 -4.96 17.55
N GLU A 10 -24.66 -4.90 17.99
CA GLU A 10 -23.52 -4.91 17.08
C GLU A 10 -22.51 -5.97 17.53
N GLY A 11 -21.43 -6.11 16.77
CA GLY A 11 -20.45 -7.13 17.09
C GLY A 11 -20.83 -8.47 16.50
N VAL A 12 -21.53 -8.43 15.37
CA VAL A 12 -22.01 -9.63 14.71
C VAL A 12 -20.92 -10.21 13.83
N GLU A 13 -20.17 -9.32 13.19
CA GLU A 13 -19.09 -9.73 12.31
C GLU A 13 -17.86 -10.12 13.11
N SER A 14 -17.17 -11.15 12.65
CA SER A 14 -16.00 -11.67 13.33
C SER A 14 -14.73 -11.10 12.71
N GLN A 15 -14.77 -10.87 11.41
CA GLN A 15 -13.63 -10.29 10.70
C GLN A 15 -13.89 -8.81 10.45
N ASP A 16 -13.12 -7.96 11.11
CA ASP A 16 -13.35 -6.51 11.12
C ASP A 16 -13.11 -5.87 9.76
N GLY A 17 -12.69 -6.67 8.79
CA GLY A 17 -12.52 -6.17 7.44
C GLY A 17 -11.14 -5.61 7.21
N VAL A 18 -10.18 -6.50 6.98
CA VAL A 18 -8.80 -6.10 6.78
C VAL A 18 -8.22 -6.74 5.52
N ASP A 19 -7.78 -5.90 4.61
CA ASP A 19 -7.06 -6.36 3.43
C ASP A 19 -5.60 -6.61 3.81
N HIS A 20 -4.96 -7.53 3.11
CA HIS A 20 -3.53 -7.80 3.35
C HIS A 20 -2.74 -6.51 3.22
N PHE A 21 -3.01 -5.77 2.15
CA PHE A 21 -2.30 -4.53 1.88
C PHE A 21 -2.73 -3.42 2.85
N ARG A 22 -3.94 -3.53 3.37
CA ARG A 22 -4.44 -2.58 4.35
C ARG A 22 -3.62 -2.70 5.63
N ALA A 23 -3.36 -3.94 6.03
CA ALA A 23 -2.54 -4.21 7.21
C ALA A 23 -1.09 -3.79 6.98
N MET A 24 -0.56 -4.16 5.82
CA MET A 24 0.80 -3.80 5.45
C MET A 24 1.01 -2.30 5.48
N ILE A 25 0.06 -1.56 4.91
CA ILE A 25 0.16 -0.12 4.82
C ILE A 25 0.08 0.54 6.21
N VAL A 26 -0.86 0.11 7.05
CA VAL A 26 -1.01 0.74 8.36
C VAL A 26 0.22 0.47 9.25
N GLU A 27 0.80 -0.72 9.12
CA GLU A 27 2.00 -1.06 9.87
C GLU A 27 3.20 -0.31 9.30
N PHE A 28 3.12 0.00 8.02
CA PHE A 28 4.13 0.82 7.35
C PHE A 28 4.02 2.27 7.82
N MET A 29 2.78 2.75 7.96
CA MET A 29 2.53 4.11 8.43
C MET A 29 3.07 4.33 9.83
N ALA A 30 2.87 3.34 10.69
CA ALA A 30 3.32 3.42 12.07
C ALA A 30 4.81 3.09 12.19
N SER A 31 5.41 2.68 11.08
CA SER A 31 6.81 2.29 11.07
C SER A 31 7.69 3.48 10.69
N LYS A 32 8.99 3.32 10.90
CA LYS A 32 9.97 4.35 10.55
C LYS A 32 10.20 4.38 9.03
N LYS A 33 9.66 3.39 8.33
CA LYS A 33 9.82 3.29 6.89
C LYS A 33 9.21 4.49 6.20
N MET A 34 9.95 5.06 5.27
CA MET A 34 9.48 6.19 4.49
C MET A 34 8.99 5.72 3.13
N GLN A 35 9.39 4.51 2.75
CA GLN A 35 8.93 3.89 1.52
C GLN A 35 8.77 2.38 1.71
N LEU A 36 7.73 1.83 1.13
CA LEU A 36 7.45 0.41 1.23
C LEU A 36 7.60 -0.22 -0.14
N GLU A 37 8.65 -1.00 -0.32
CA GLU A 37 8.86 -1.71 -1.57
C GLU A 37 8.11 -3.04 -1.55
N PHE A 38 6.93 -3.05 -2.12
CA PHE A 38 6.14 -4.28 -2.22
C PHE A 38 6.77 -5.23 -3.22
N PRO A 39 6.65 -6.54 -2.97
CA PRO A 39 7.23 -7.57 -3.86
C PRO A 39 6.57 -7.59 -5.24
N PRO A 40 7.32 -8.00 -6.29
CA PRO A 40 6.78 -8.16 -7.63
C PRO A 40 5.71 -9.26 -7.71
N SER A 41 5.53 -9.96 -6.60
CA SER A 41 4.46 -10.95 -6.47
C SER A 41 3.10 -10.28 -6.63
N LEU A 42 3.05 -8.98 -6.33
CA LEU A 42 1.83 -8.21 -6.50
C LEU A 42 1.45 -8.11 -7.97
N ASN A 43 0.38 -8.79 -8.35
CA ASN A 43 -0.15 -8.67 -9.69
C ASN A 43 -1.00 -7.40 -9.80
N SER A 44 -1.61 -7.16 -10.95
CA SER A 44 -2.29 -5.90 -11.21
C SER A 44 -3.38 -5.60 -10.18
N HIS A 45 -4.18 -6.61 -9.85
CA HIS A 45 -5.25 -6.44 -8.86
C HIS A 45 -4.69 -6.10 -7.50
N ASP A 46 -3.58 -6.75 -7.14
CA ASP A 46 -2.91 -6.51 -5.88
C ASP A 46 -2.41 -5.07 -5.79
N ARG A 47 -1.72 -4.63 -6.84
CA ARG A 47 -1.22 -3.27 -6.92
C ARG A 47 -2.37 -2.26 -6.78
N LEU A 48 -3.42 -2.48 -7.57
CA LEU A 48 -4.58 -1.60 -7.57
C LEU A 48 -5.16 -1.44 -6.16
N ARG A 49 -5.18 -2.53 -5.41
CA ARG A 49 -5.70 -2.50 -4.06
C ARG A 49 -4.82 -1.62 -3.18
N VAL A 50 -3.51 -1.71 -3.40
CA VAL A 50 -2.55 -0.88 -2.68
C VAL A 50 -2.75 0.59 -3.02
N HIS A 51 -2.79 0.89 -4.34
CA HIS A 51 -2.99 2.27 -4.80
C HIS A 51 -4.24 2.86 -4.17
N GLN A 52 -5.34 2.11 -4.22
CA GLN A 52 -6.60 2.52 -3.60
C GLN A 52 -6.41 2.93 -2.15
N ILE A 53 -5.76 2.08 -1.37
CA ILE A 53 -5.62 2.31 0.06
C ILE A 53 -4.68 3.47 0.33
N ALA A 54 -3.55 3.54 -0.40
CA ALA A 54 -2.60 4.62 -0.21
C ALA A 54 -3.21 5.96 -0.61
N GLU A 55 -3.99 5.92 -1.68
CA GLU A 55 -4.69 7.10 -2.18
C GLU A 55 -5.75 7.54 -1.18
N GLU A 56 -6.39 6.56 -0.55
CA GLU A 56 -7.38 6.83 0.49
C GLU A 56 -6.73 7.48 1.72
N HIS A 57 -5.63 6.88 2.17
CA HIS A 57 -4.95 7.34 3.38
C HIS A 57 -4.28 8.69 3.18
N GLY A 58 -3.86 8.97 1.94
CA GLY A 58 -3.25 10.24 1.64
C GLY A 58 -1.74 10.16 1.59
N LEU A 59 -1.23 9.05 1.07
CA LEU A 59 0.20 8.87 0.92
C LEU A 59 0.56 8.85 -0.56
N ARG A 60 1.84 8.87 -0.87
CA ARG A 60 2.27 8.84 -2.26
C ARG A 60 2.47 7.39 -2.67
N HIS A 61 1.99 7.04 -3.85
CA HIS A 61 2.11 5.69 -4.34
C HIS A 61 2.51 5.68 -5.81
N ASP A 62 3.62 5.04 -6.08
CA ASP A 62 4.16 4.98 -7.43
C ASP A 62 4.80 3.63 -7.67
N SER A 63 4.84 3.22 -8.93
CA SER A 63 5.41 1.94 -9.27
C SER A 63 6.72 2.13 -10.02
N SER A 64 7.68 1.28 -9.70
CA SER A 64 9.00 1.35 -10.29
C SER A 64 9.51 -0.05 -10.61
N GLY A 65 10.32 -0.17 -11.64
CA GLY A 65 10.89 -1.45 -11.98
C GLY A 65 10.81 -1.72 -13.47
N GLU A 66 11.34 -2.86 -13.89
CA GLU A 66 11.40 -3.18 -15.31
C GLU A 66 10.38 -4.26 -15.69
N GLY A 67 9.34 -3.84 -16.39
CA GLY A 67 8.36 -4.77 -16.93
C GLY A 67 7.67 -5.60 -15.85
N LYS A 68 8.05 -6.86 -15.76
CA LYS A 68 7.44 -7.78 -14.80
C LYS A 68 8.01 -7.54 -13.40
N ARG A 69 9.20 -6.98 -13.33
CA ARG A 69 9.83 -6.66 -12.05
C ARG A 69 9.37 -5.31 -11.56
N ARG A 70 8.31 -4.79 -12.18
CA ARG A 70 7.71 -3.55 -11.76
C ARG A 70 6.94 -3.75 -10.47
N PHE A 71 7.38 -3.08 -9.44
CA PHE A 71 6.78 -3.20 -8.12
C PHE A 71 6.24 -1.85 -7.68
N ILE A 72 5.41 -1.87 -6.66
CA ILE A 72 4.80 -0.64 -6.17
C ILE A 72 5.48 -0.18 -4.89
N THR A 73 5.79 1.10 -4.84
CA THR A 73 6.43 1.68 -3.67
C THR A 73 5.54 2.75 -3.06
N VAL A 74 5.04 2.47 -1.87
CA VAL A 74 4.23 3.42 -1.14
C VAL A 74 5.12 4.28 -0.27
N SER A 75 4.97 5.58 -0.34
CA SER A 75 5.86 6.46 0.39
C SER A 75 5.08 7.41 1.29
N LYS A 76 5.64 7.64 2.47
CA LYS A 76 5.10 8.60 3.42
C LYS A 76 5.76 9.94 3.19
N ARG A 77 6.85 9.87 2.46
CA ARG A 77 7.72 11.00 2.26
C ARG A 77 7.46 11.65 0.90
N ALA A 78 6.90 12.85 0.93
CA ALA A 78 6.74 13.62 -0.29
C ALA A 78 7.97 14.49 -0.50
N PRO A 9 -17.53 -2.10 26.54
CA PRO A 9 -17.74 -2.28 25.09
C PRO A 9 -16.45 -2.74 24.41
N GLU A 10 -16.52 -3.86 23.70
CA GLU A 10 -15.38 -4.37 22.97
C GLU A 10 -15.11 -3.48 21.76
N GLY A 11 -16.18 -3.10 21.07
CA GLY A 11 -16.07 -2.25 19.92
C GLY A 11 -15.70 -3.01 18.66
N VAL A 12 -16.12 -4.25 18.58
CA VAL A 12 -15.81 -5.08 17.41
C VAL A 12 -17.07 -5.26 16.58
N GLU A 13 -17.41 -4.25 15.79
CA GLU A 13 -18.59 -4.28 14.94
C GLU A 13 -18.20 -4.66 13.51
N SER A 14 -17.00 -4.29 13.13
CA SER A 14 -16.49 -4.65 11.81
C SER A 14 -15.98 -6.10 11.83
N GLN A 15 -16.85 -7.01 11.41
CA GLN A 15 -16.56 -8.43 11.47
C GLN A 15 -15.55 -8.83 10.40
N ASP A 16 -15.82 -8.44 9.16
CA ASP A 16 -14.96 -8.78 8.05
C ASP A 16 -14.24 -7.54 7.53
N GLY A 17 -13.10 -7.26 8.12
CA GLY A 17 -12.29 -6.14 7.70
C GLY A 17 -10.82 -6.48 7.72
N VAL A 18 -10.49 -7.61 7.11
CA VAL A 18 -9.13 -8.12 7.11
C VAL A 18 -8.55 -8.07 5.72
N ASP A 19 -7.62 -7.16 5.51
CA ASP A 19 -6.96 -7.03 4.22
C ASP A 19 -5.46 -7.01 4.41
N HIS A 20 -4.75 -7.70 3.52
CA HIS A 20 -3.31 -7.83 3.62
C HIS A 20 -2.64 -6.48 3.42
N PHE A 21 -2.88 -5.86 2.27
CA PHE A 21 -2.20 -4.63 1.89
C PHE A 21 -2.65 -3.46 2.76
N ARG A 22 -3.92 -3.49 3.18
CA ARG A 22 -4.44 -2.48 4.11
C ARG A 22 -3.62 -2.50 5.40
N ALA A 23 -3.45 -3.70 5.95
CA ALA A 23 -2.67 -3.89 7.17
C ALA A 23 -1.23 -3.45 6.96
N MET A 24 -0.63 -3.92 5.88
CA MET A 24 0.75 -3.60 5.56
C MET A 24 0.97 -2.08 5.48
N ILE A 25 0.01 -1.38 4.91
CA ILE A 25 0.10 0.07 4.77
C ILE A 25 -0.04 0.79 6.11
N VAL A 26 -1.06 0.44 6.88
CA VAL A 26 -1.32 1.13 8.14
C VAL A 26 -0.18 0.88 9.15
N GLU A 27 0.38 -0.32 9.13
CA GLU A 27 1.51 -0.65 10.00
C GLU A 27 2.77 0.06 9.52
N PHE A 28 2.85 0.23 8.21
CA PHE A 28 3.95 0.96 7.58
C PHE A 28 3.90 2.44 7.99
N MET A 29 2.69 2.96 8.11
CA MET A 29 2.49 4.34 8.56
C MET A 29 2.95 4.49 10.00
N ALA A 30 2.90 3.39 10.75
CA ALA A 30 3.33 3.38 12.14
C ALA A 30 4.81 2.99 12.24
N SER A 31 5.42 2.72 11.09
CA SER A 31 6.80 2.30 11.04
C SER A 31 7.72 3.49 10.75
N LYS A 32 9.02 3.27 10.91
CA LYS A 32 10.00 4.32 10.67
C LYS A 32 10.37 4.37 9.20
N LYS A 33 9.94 3.36 8.45
CA LYS A 33 10.18 3.31 7.02
C LYS A 33 9.39 4.40 6.32
N MET A 34 10.07 5.17 5.47
CA MET A 34 9.41 6.21 4.72
C MET A 34 8.93 5.68 3.36
N GLN A 35 9.48 4.55 2.96
CA GLN A 35 9.11 3.92 1.70
C GLN A 35 8.93 2.40 1.89
N LEU A 36 7.82 1.89 1.42
CA LEU A 36 7.54 0.47 1.48
C LEU A 36 7.52 -0.11 0.08
N GLU A 37 8.53 -0.89 -0.23
CA GLU A 37 8.65 -1.50 -1.54
C GLU A 37 8.07 -2.91 -1.53
N PHE A 38 6.94 -3.07 -2.20
CA PHE A 38 6.25 -4.36 -2.25
C PHE A 38 6.90 -5.30 -3.26
N PRO A 39 6.71 -6.62 -3.08
CA PRO A 39 7.23 -7.63 -4.02
C PRO A 39 6.68 -7.45 -5.43
N PRO A 40 7.42 -7.95 -6.44
CA PRO A 40 6.99 -7.87 -7.85
C PRO A 40 5.86 -8.83 -8.18
N SER A 41 5.57 -9.75 -7.27
CA SER A 41 4.56 -10.77 -7.47
C SER A 41 3.13 -10.19 -7.43
N LEU A 42 2.99 -8.95 -6.97
CA LEU A 42 1.70 -8.27 -6.95
C LEU A 42 1.15 -8.13 -8.37
N ASN A 43 -0.03 -8.68 -8.61
CA ASN A 43 -0.65 -8.59 -9.92
C ASN A 43 -1.31 -7.23 -10.07
N SER A 44 -1.88 -6.96 -11.24
CA SER A 44 -2.49 -5.67 -11.54
C SER A 44 -3.53 -5.28 -10.47
N HIS A 45 -4.27 -6.28 -9.98
CA HIS A 45 -5.30 -6.06 -8.98
C HIS A 45 -4.69 -5.84 -7.60
N ASP A 46 -3.51 -6.43 -7.37
CA ASP A 46 -2.79 -6.21 -6.12
C ASP A 46 -2.22 -4.80 -6.10
N ARG A 47 -1.71 -4.36 -7.26
CA ARG A 47 -1.23 -3.00 -7.42
C ARG A 47 -2.34 -2.03 -7.08
N LEU A 48 -3.45 -2.15 -7.81
CA LEU A 48 -4.61 -1.30 -7.64
C LEU A 48 -5.08 -1.29 -6.20
N ARG A 49 -5.03 -2.46 -5.55
CA ARG A 49 -5.41 -2.58 -4.16
C ARG A 49 -4.58 -1.63 -3.30
N VAL A 50 -3.26 -1.67 -3.50
CA VAL A 50 -2.36 -0.80 -2.76
C VAL A 50 -2.60 0.67 -3.12
N HIS A 51 -2.71 0.95 -4.42
CA HIS A 51 -2.94 2.32 -4.90
C HIS A 51 -4.20 2.91 -4.26
N GLN A 52 -5.30 2.16 -4.33
CA GLN A 52 -6.57 2.61 -3.77
C GLN A 52 -6.44 2.94 -2.28
N ILE A 53 -5.80 2.05 -1.54
CA ILE A 53 -5.66 2.21 -0.10
C ILE A 53 -4.75 3.39 0.24
N ALA A 54 -3.57 3.44 -0.39
CA ALA A 54 -2.62 4.50 -0.12
C ALA A 54 -3.18 5.86 -0.51
N GLU A 55 -4.04 5.85 -1.51
CA GLU A 55 -4.71 7.06 -1.97
C GLU A 55 -5.76 7.51 -0.94
N GLU A 56 -6.44 6.55 -0.33
CA GLU A 56 -7.44 6.85 0.69
C GLU A 56 -6.76 7.40 1.94
N HIS A 57 -5.59 6.86 2.25
CA HIS A 57 -4.81 7.31 3.39
C HIS A 57 -4.15 8.65 3.08
N GLY A 58 -3.96 8.93 1.80
CA GLY A 58 -3.37 10.18 1.38
C GLY A 58 -1.86 10.13 1.39
N LEU A 59 -1.31 9.06 0.87
CA LEU A 59 0.13 8.91 0.79
C LEU A 59 0.58 8.95 -0.67
N ARG A 60 1.87 8.87 -0.90
CA ARG A 60 2.41 8.86 -2.25
C ARG A 60 2.67 7.42 -2.68
N HIS A 61 2.25 7.06 -3.88
CA HIS A 61 2.38 5.68 -4.34
C HIS A 61 2.64 5.61 -5.83
N ASP A 62 3.63 4.79 -6.19
CA ASP A 62 3.98 4.53 -7.59
C ASP A 62 4.97 3.38 -7.65
N SER A 63 5.16 2.79 -8.81
CA SER A 63 5.99 1.61 -8.93
C SER A 63 7.30 1.89 -9.66
N SER A 64 8.33 1.19 -9.25
CA SER A 64 9.62 1.26 -9.90
C SER A 64 9.88 -0.04 -10.64
N GLY A 65 10.73 0.00 -11.65
CA GLY A 65 11.00 -1.19 -12.43
C GLY A 65 10.05 -1.33 -13.60
N GLU A 66 10.21 -2.39 -14.37
CA GLU A 66 9.39 -2.59 -15.57
C GLU A 66 8.87 -4.02 -15.64
N GLY A 67 7.65 -4.16 -16.16
CA GLY A 67 7.08 -5.47 -16.40
C GLY A 67 6.82 -6.25 -15.13
N LYS A 68 7.50 -7.39 -14.99
CA LYS A 68 7.31 -8.25 -13.85
C LYS A 68 8.41 -8.01 -12.82
N ARG A 69 9.40 -7.20 -13.20
CA ARG A 69 10.43 -6.76 -12.25
C ARG A 69 9.99 -5.44 -11.63
N ARG A 70 8.79 -5.03 -11.99
CA ARG A 70 8.20 -3.82 -11.47
C ARG A 70 7.67 -4.08 -10.06
N PHE A 71 7.93 -3.16 -9.15
CA PHE A 71 7.46 -3.28 -7.78
C PHE A 71 6.91 -1.94 -7.31
N ILE A 72 5.77 -1.97 -6.62
CA ILE A 72 5.13 -0.75 -6.17
C ILE A 72 5.73 -0.27 -4.86
N THR A 73 6.00 1.03 -4.80
CA THR A 73 6.60 1.62 -3.61
C THR A 73 5.67 2.69 -3.05
N VAL A 74 5.26 2.49 -1.81
CA VAL A 74 4.45 3.46 -1.10
C VAL A 74 5.35 4.34 -0.24
N SER A 75 5.25 5.64 -0.43
CA SER A 75 6.10 6.58 0.28
C SER A 75 5.28 7.52 1.13
N LYS A 76 5.67 7.64 2.38
CA LYS A 76 5.09 8.62 3.28
C LYS A 76 5.68 9.99 2.95
N ARG A 77 6.82 9.95 2.28
CA ARG A 77 7.48 11.14 1.79
C ARG A 77 6.89 11.55 0.45
N ALA A 78 6.04 12.56 0.48
CA ALA A 78 5.44 13.09 -0.72
C ALA A 78 6.42 14.04 -1.41
N PRO A 9 -23.39 -15.44 21.57
CA PRO A 9 -24.17 -14.39 20.91
C PRO A 9 -24.10 -13.09 21.71
N GLU A 10 -24.76 -12.05 21.22
CA GLU A 10 -24.76 -10.72 21.86
C GLU A 10 -23.35 -10.15 21.94
N GLY A 11 -23.03 -9.27 21.01
CA GLY A 11 -21.70 -8.70 20.97
C GLY A 11 -20.84 -9.37 19.92
N VAL A 12 -21.36 -9.46 18.70
CA VAL A 12 -20.62 -10.04 17.60
C VAL A 12 -19.62 -9.03 17.10
N GLU A 13 -18.41 -9.09 17.63
CA GLU A 13 -17.39 -8.11 17.33
C GLU A 13 -16.14 -8.74 16.78
N SER A 14 -16.10 -8.94 15.48
CA SER A 14 -14.89 -9.35 14.81
C SER A 14 -14.11 -8.10 14.44
N GLN A 15 -14.86 -7.08 14.01
CA GLN A 15 -14.31 -5.77 13.69
C GLN A 15 -13.18 -5.90 12.67
N ASP A 16 -13.42 -6.77 11.69
CA ASP A 16 -12.45 -7.06 10.66
C ASP A 16 -12.75 -6.25 9.41
N GLY A 17 -12.28 -6.72 8.26
CA GLY A 17 -12.47 -5.99 7.03
C GLY A 17 -11.24 -5.19 6.66
N VAL A 18 -10.22 -5.87 6.16
CA VAL A 18 -8.95 -5.25 5.84
C VAL A 18 -8.20 -6.06 4.79
N ASP A 19 -7.71 -5.38 3.76
CA ASP A 19 -6.86 -6.02 2.76
C ASP A 19 -5.54 -6.38 3.38
N HIS A 20 -4.89 -7.43 2.86
CA HIS A 20 -3.56 -7.80 3.33
C HIS A 20 -2.64 -6.59 3.24
N PHE A 21 -2.74 -5.88 2.14
CA PHE A 21 -1.89 -4.73 1.88
C PHE A 21 -2.30 -3.53 2.71
N ARG A 22 -3.58 -3.45 3.08
CA ARG A 22 -4.05 -2.34 3.90
C ARG A 22 -3.49 -2.50 5.31
N ALA A 23 -3.42 -3.75 5.77
CA ALA A 23 -2.84 -4.08 7.05
C ALA A 23 -1.34 -3.76 7.04
N MET A 24 -0.69 -4.13 5.95
CA MET A 24 0.73 -3.84 5.77
C MET A 24 0.98 -2.34 5.76
N ILE A 25 0.10 -1.59 5.09
CA ILE A 25 0.24 -0.15 4.99
C ILE A 25 0.01 0.55 6.33
N VAL A 26 -1.02 0.13 7.07
CA VAL A 26 -1.33 0.79 8.34
C VAL A 26 -0.20 0.60 9.35
N GLU A 27 0.43 -0.58 9.35
CA GLU A 27 1.57 -0.82 10.23
C GLU A 27 2.80 -0.09 9.70
N PHE A 28 2.84 0.11 8.39
CA PHE A 28 3.91 0.89 7.76
C PHE A 28 3.80 2.36 8.13
N MET A 29 2.57 2.84 8.27
CA MET A 29 2.31 4.21 8.66
C MET A 29 2.81 4.47 10.07
N ALA A 30 2.62 3.49 10.94
CA ALA A 30 3.07 3.58 12.32
C ALA A 30 4.56 3.29 12.40
N SER A 31 5.08 2.57 11.41
CA SER A 31 6.48 2.21 11.37
C SER A 31 7.34 3.42 11.01
N LYS A 32 8.63 3.31 11.25
CA LYS A 32 9.56 4.40 11.02
C LYS A 32 9.90 4.51 9.54
N LYS A 33 9.71 3.41 8.82
CA LYS A 33 10.09 3.31 7.41
C LYS A 33 9.43 4.41 6.58
N MET A 34 10.24 5.13 5.81
CA MET A 34 9.74 6.20 4.98
C MET A 34 9.28 5.67 3.62
N GLN A 35 9.75 4.48 3.28
CA GLN A 35 9.38 3.83 2.03
C GLN A 35 9.05 2.36 2.27
N LEU A 36 8.01 1.87 1.62
CA LEU A 36 7.64 0.48 1.69
C LEU A 36 7.72 -0.15 0.31
N GLU A 37 8.71 -0.99 0.13
CA GLU A 37 8.95 -1.64 -1.14
C GLU A 37 8.23 -2.99 -1.18
N PHE A 38 7.23 -3.08 -2.03
CA PHE A 38 6.50 -4.32 -2.19
C PHE A 38 7.15 -5.20 -3.26
N PRO A 39 7.12 -6.53 -3.07
CA PRO A 39 7.67 -7.47 -4.03
C PRO A 39 6.92 -7.45 -5.36
N PRO A 40 7.60 -7.80 -6.46
CA PRO A 40 6.98 -7.88 -7.79
C PRO A 40 5.98 -9.03 -7.88
N SER A 41 5.97 -9.83 -6.83
CA SER A 41 4.98 -10.90 -6.67
C SER A 41 3.56 -10.33 -6.66
N LEU A 42 3.46 -9.04 -6.34
CA LEU A 42 2.19 -8.32 -6.44
C LEU A 42 1.84 -8.07 -7.90
N ASN A 43 0.75 -8.67 -8.37
CA ASN A 43 0.33 -8.45 -9.74
C ASN A 43 -0.48 -7.16 -9.83
N SER A 44 -0.96 -6.83 -11.02
CA SER A 44 -1.65 -5.56 -11.23
C SER A 44 -2.87 -5.41 -10.32
N HIS A 45 -3.51 -6.52 -9.94
CA HIS A 45 -4.65 -6.48 -9.05
C HIS A 45 -4.20 -6.12 -7.64
N ASP A 46 -3.13 -6.75 -7.19
CA ASP A 46 -2.57 -6.47 -5.87
C ASP A 46 -2.12 -5.03 -5.78
N ARG A 47 -1.34 -4.61 -6.77
CA ARG A 47 -0.84 -3.24 -6.84
C ARG A 47 -1.99 -2.25 -6.86
N LEU A 48 -3.01 -2.55 -7.64
CA LEU A 48 -4.19 -1.69 -7.77
C LEU A 48 -4.83 -1.43 -6.41
N ARG A 49 -4.91 -2.45 -5.58
CA ARG A 49 -5.43 -2.29 -4.22
C ARG A 49 -4.52 -1.38 -3.42
N VAL A 50 -3.21 -1.64 -3.47
CA VAL A 50 -2.23 -0.84 -2.77
C VAL A 50 -2.34 0.63 -3.15
N HIS A 51 -2.43 0.89 -4.45
CA HIS A 51 -2.57 2.26 -4.96
C HIS A 51 -3.80 2.92 -4.35
N GLN A 52 -4.95 2.26 -4.47
CA GLN A 52 -6.21 2.81 -3.97
C GLN A 52 -6.15 3.07 -2.47
N ILE A 53 -5.53 2.16 -1.73
CA ILE A 53 -5.42 2.29 -0.28
C ILE A 53 -4.55 3.49 0.10
N ALA A 54 -3.33 3.55 -0.45
CA ALA A 54 -2.42 4.65 -0.15
C ALA A 54 -3.02 5.98 -0.61
N GLU A 55 -3.71 5.93 -1.74
CA GLU A 55 -4.38 7.10 -2.30
C GLU A 55 -5.51 7.57 -1.38
N GLU A 56 -6.13 6.63 -0.67
CA GLU A 56 -7.21 6.94 0.25
C GLU A 56 -6.66 7.43 1.58
N HIS A 57 -5.56 6.85 2.01
CA HIS A 57 -4.91 7.24 3.26
C HIS A 57 -4.20 8.58 3.14
N GLY A 58 -3.85 8.95 1.92
CA GLY A 58 -3.21 10.23 1.68
C GLY A 58 -1.70 10.13 1.64
N LEU A 59 -1.20 8.99 1.18
CA LEU A 59 0.23 8.77 1.11
C LEU A 59 0.70 8.77 -0.34
N ARG A 60 1.98 8.51 -0.55
CA ARG A 60 2.53 8.44 -1.89
C ARG A 60 2.69 6.99 -2.34
N HIS A 61 2.29 6.73 -3.57
CA HIS A 61 2.34 5.38 -4.12
C HIS A 61 2.69 5.44 -5.60
N ASP A 62 3.59 4.58 -6.02
CA ASP A 62 3.97 4.50 -7.43
C ASP A 62 4.72 3.22 -7.71
N SER A 63 4.59 2.72 -8.93
CA SER A 63 5.28 1.50 -9.31
C SER A 63 6.32 1.80 -10.38
N SER A 64 7.50 1.27 -10.19
CA SER A 64 8.60 1.50 -11.12
C SER A 64 8.98 0.20 -11.81
N GLY A 65 9.39 0.31 -13.07
CA GLY A 65 9.74 -0.87 -13.83
C GLY A 65 8.62 -1.30 -14.75
N GLU A 66 8.75 -2.48 -15.33
CA GLU A 66 7.74 -3.01 -16.23
C GLU A 66 7.57 -4.52 -16.08
N GLY A 67 6.33 -4.97 -16.13
CA GLY A 67 6.04 -6.38 -16.04
C GLY A 67 6.39 -6.96 -14.68
N LYS A 68 7.22 -7.99 -14.68
CA LYS A 68 7.64 -8.64 -13.45
C LYS A 68 8.84 -7.90 -12.84
N ARG A 69 9.30 -6.87 -13.54
CA ARG A 69 10.32 -5.98 -13.00
C ARG A 69 9.66 -4.74 -12.40
N ARG A 70 8.33 -4.72 -12.46
CA ARG A 70 7.58 -3.58 -11.95
C ARG A 70 7.08 -3.86 -10.55
N PHE A 71 7.54 -3.05 -9.61
CA PHE A 71 7.15 -3.21 -8.22
C PHE A 71 6.64 -1.87 -7.70
N ILE A 72 5.87 -1.90 -6.63
CA ILE A 72 5.25 -0.69 -6.12
C ILE A 72 5.92 -0.25 -4.83
N THR A 73 6.22 1.03 -4.74
CA THR A 73 6.82 1.61 -3.56
C THR A 73 5.89 2.67 -2.96
N VAL A 74 5.57 2.48 -1.69
CA VAL A 74 4.68 3.41 -0.99
C VAL A 74 5.49 4.22 0.01
N SER A 75 5.36 5.53 -0.07
CA SER A 75 6.11 6.40 0.82
C SER A 75 5.18 7.11 1.79
N LYS A 76 5.68 7.36 2.98
CA LYS A 76 4.95 8.15 3.96
C LYS A 76 5.04 9.64 3.61
N ARG A 77 5.94 9.94 2.70
CA ARG A 77 6.15 11.31 2.25
C ARG A 77 5.34 11.60 0.99
N ALA A 78 4.37 12.49 1.12
CA ALA A 78 3.59 12.93 -0.03
C ALA A 78 4.20 14.20 -0.59
N PRO A 9 -26.95 3.10 9.45
CA PRO A 9 -26.27 4.21 10.14
C PRO A 9 -24.84 4.34 9.63
N GLU A 10 -24.12 5.34 10.13
CA GLU A 10 -22.72 5.51 9.76
C GLU A 10 -21.83 5.01 10.88
N GLY A 11 -21.26 3.84 10.68
CA GLY A 11 -20.46 3.24 11.71
C GLY A 11 -20.18 1.79 11.42
N VAL A 12 -18.92 1.50 11.08
CA VAL A 12 -18.49 0.16 10.72
C VAL A 12 -19.32 -0.38 9.56
N GLU A 13 -19.12 0.22 8.39
CA GLU A 13 -19.78 -0.22 7.18
C GLU A 13 -19.24 -1.58 6.78
N SER A 14 -17.96 -1.79 7.05
CA SER A 14 -17.33 -3.08 6.85
C SER A 14 -16.86 -3.64 8.18
N GLN A 15 -17.62 -4.60 8.72
CA GLN A 15 -17.25 -5.24 9.97
C GLN A 15 -15.94 -6.00 9.80
N ASP A 16 -15.80 -6.65 8.65
CA ASP A 16 -14.57 -7.32 8.29
C ASP A 16 -13.81 -6.47 7.29
N GLY A 17 -12.88 -5.67 7.80
CA GLY A 17 -12.13 -4.78 6.94
C GLY A 17 -10.64 -4.99 7.08
N VAL A 18 -10.26 -6.20 7.45
CA VAL A 18 -8.86 -6.52 7.62
C VAL A 18 -8.28 -7.05 6.31
N ASP A 19 -7.67 -6.15 5.58
CA ASP A 19 -7.08 -6.48 4.30
C ASP A 19 -5.58 -6.60 4.44
N HIS A 20 -4.99 -7.58 3.75
CA HIS A 20 -3.55 -7.85 3.86
C HIS A 20 -2.74 -6.60 3.53
N PHE A 21 -3.07 -5.93 2.44
CA PHE A 21 -2.33 -4.78 1.99
C PHE A 21 -2.64 -3.57 2.87
N ARG A 22 -3.89 -3.44 3.29
CA ARG A 22 -4.28 -2.37 4.21
C ARG A 22 -3.52 -2.51 5.52
N ALA A 23 -3.42 -3.74 6.02
CA ALA A 23 -2.72 -4.03 7.26
C ALA A 23 -1.26 -3.60 7.17
N MET A 24 -0.61 -3.95 6.07
CA MET A 24 0.79 -3.61 5.89
C MET A 24 0.97 -2.11 5.71
N ILE A 25 0.00 -1.44 5.09
CA ILE A 25 0.06 0.01 4.90
C ILE A 25 -0.12 0.75 6.22
N VAL A 26 -1.15 0.38 6.98
CA VAL A 26 -1.43 1.08 8.23
C VAL A 26 -0.28 0.90 9.23
N GLU A 27 0.36 -0.26 9.20
CA GLU A 27 1.53 -0.50 10.02
C GLU A 27 2.72 0.31 9.51
N PHE A 28 2.85 0.34 8.19
CA PHE A 28 3.90 1.11 7.52
C PHE A 28 3.82 2.59 7.88
N MET A 29 2.61 3.09 8.06
CA MET A 29 2.38 4.48 8.45
C MET A 29 3.02 4.78 9.80
N ALA A 30 3.04 3.79 10.67
CA ALA A 30 3.61 3.95 12.01
C ALA A 30 5.05 3.46 12.05
N SER A 31 5.50 2.84 10.96
CA SER A 31 6.83 2.29 10.90
C SER A 31 7.86 3.36 10.55
N LYS A 32 9.13 3.00 10.70
CA LYS A 32 10.24 3.92 10.44
C LYS A 32 10.53 3.98 8.94
N LYS A 33 10.12 2.95 8.22
CA LYS A 33 10.33 2.89 6.79
C LYS A 33 9.57 4.01 6.09
N MET A 34 10.29 4.76 5.25
CA MET A 34 9.65 5.83 4.50
C MET A 34 9.11 5.32 3.17
N GLN A 35 9.58 4.15 2.76
CA GLN A 35 9.17 3.55 1.50
C GLN A 35 8.94 2.04 1.64
N LEU A 36 7.73 1.62 1.38
CA LEU A 36 7.37 0.21 1.39
C LEU A 36 7.33 -0.31 -0.02
N GLU A 37 8.35 -1.07 -0.37
CA GLU A 37 8.46 -1.64 -1.71
C GLU A 37 7.79 -3.00 -1.76
N PHE A 38 6.74 -3.10 -2.57
CA PHE A 38 6.00 -4.35 -2.70
C PHE A 38 6.61 -5.22 -3.80
N PRO A 39 6.58 -6.55 -3.62
CA PRO A 39 7.09 -7.52 -4.60
C PRO A 39 6.39 -7.38 -5.97
N PRO A 40 7.09 -7.78 -7.05
CA PRO A 40 6.55 -7.71 -8.41
C PRO A 40 5.42 -8.70 -8.67
N SER A 41 5.22 -9.61 -7.71
CA SER A 41 4.21 -10.65 -7.82
C SER A 41 2.79 -10.07 -7.74
N LEU A 42 2.66 -8.91 -7.12
CA LEU A 42 1.38 -8.20 -7.06
C LEU A 42 0.84 -7.98 -8.47
N ASN A 43 -0.32 -8.56 -8.77
CA ASN A 43 -0.92 -8.37 -10.10
C ASN A 43 -1.58 -7.00 -10.16
N SER A 44 -2.08 -6.61 -11.33
CA SER A 44 -2.63 -5.27 -11.52
C SER A 44 -3.72 -4.96 -10.49
N HIS A 45 -4.47 -5.97 -10.08
CA HIS A 45 -5.53 -5.79 -9.10
C HIS A 45 -4.96 -5.72 -7.68
N ASP A 46 -3.87 -6.43 -7.44
CA ASP A 46 -3.17 -6.33 -6.15
C ASP A 46 -2.60 -4.94 -6.00
N ARG A 47 -1.96 -4.47 -7.07
CA ARG A 47 -1.40 -3.12 -7.08
C ARG A 47 -2.52 -2.10 -6.92
N LEU A 48 -3.59 -2.27 -7.70
CA LEU A 48 -4.75 -1.37 -7.64
C LEU A 48 -5.29 -1.28 -6.22
N ARG A 49 -5.33 -2.42 -5.53
CA ARG A 49 -5.73 -2.48 -4.14
C ARG A 49 -4.86 -1.55 -3.30
N VAL A 50 -3.54 -1.70 -3.46
CA VAL A 50 -2.58 -0.87 -2.74
C VAL A 50 -2.75 0.60 -3.09
N HIS A 51 -2.81 0.91 -4.39
CA HIS A 51 -2.97 2.28 -4.86
C HIS A 51 -4.19 2.93 -4.21
N GLN A 52 -5.33 2.25 -4.27
CA GLN A 52 -6.57 2.79 -3.71
C GLN A 52 -6.45 3.03 -2.21
N ILE A 53 -5.87 2.07 -1.50
CA ILE A 53 -5.76 2.17 -0.05
C ILE A 53 -4.82 3.31 0.34
N ALA A 54 -3.65 3.35 -0.27
CA ALA A 54 -2.67 4.39 0.03
C ALA A 54 -3.21 5.76 -0.36
N GLU A 55 -4.01 5.78 -1.43
CA GLU A 55 -4.64 7.00 -1.93
C GLU A 55 -5.65 7.54 -0.91
N GLU A 56 -6.34 6.62 -0.25
CA GLU A 56 -7.30 6.97 0.78
C GLU A 56 -6.58 7.40 2.07
N HIS A 57 -5.54 6.64 2.43
CA HIS A 57 -4.81 6.90 3.67
C HIS A 57 -4.02 8.20 3.59
N GLY A 58 -3.67 8.61 2.38
CA GLY A 58 -3.02 9.90 2.19
C GLY A 58 -1.52 9.78 2.04
N LEU A 59 -1.07 8.67 1.49
CA LEU A 59 0.34 8.45 1.21
C LEU A 59 0.58 8.54 -0.29
N ARG A 60 1.84 8.56 -0.72
CA ARG A 60 2.11 8.54 -2.14
C ARG A 60 2.40 7.11 -2.58
N HIS A 61 1.88 6.76 -3.74
CA HIS A 61 2.00 5.42 -4.28
C HIS A 61 2.32 5.48 -5.76
N ASP A 62 3.33 4.72 -6.17
CA ASP A 62 3.74 4.70 -7.57
C ASP A 62 4.53 3.44 -7.86
N SER A 63 4.37 2.91 -9.07
CA SER A 63 5.09 1.72 -9.47
C SER A 63 6.13 2.07 -10.52
N SER A 64 7.20 1.32 -10.50
CA SER A 64 8.34 1.60 -11.34
C SER A 64 9.02 0.30 -11.76
N GLY A 65 9.76 0.36 -12.86
CA GLY A 65 10.48 -0.81 -13.33
C GLY A 65 9.67 -1.64 -14.29
N GLU A 66 10.27 -2.68 -14.85
CA GLU A 66 9.59 -3.56 -15.78
C GLU A 66 9.91 -5.02 -15.44
N GLY A 67 8.96 -5.91 -15.72
CA GLY A 67 9.14 -7.32 -15.43
C GLY A 67 9.29 -7.59 -13.95
N LYS A 68 10.35 -8.31 -13.58
CA LYS A 68 10.61 -8.61 -12.18
C LYS A 68 11.19 -7.39 -11.47
N ARG A 69 11.46 -6.34 -12.22
CA ARG A 69 11.92 -5.09 -11.66
C ARG A 69 10.76 -4.11 -11.53
N ARG A 70 9.56 -4.57 -11.87
CA ARG A 70 8.38 -3.73 -11.74
C ARG A 70 7.71 -3.96 -10.40
N PHE A 71 7.78 -2.94 -9.56
CA PHE A 71 7.30 -3.04 -8.20
C PHE A 71 6.62 -1.75 -7.82
N ILE A 72 5.71 -1.80 -6.85
CA ILE A 72 5.03 -0.61 -6.40
C ILE A 72 5.60 -0.13 -5.08
N THR A 73 5.93 1.15 -5.01
CA THR A 73 6.50 1.72 -3.81
C THR A 73 5.52 2.67 -3.17
N VAL A 74 5.15 2.38 -1.92
CA VAL A 74 4.34 3.29 -1.15
C VAL A 74 5.25 4.12 -0.27
N SER A 75 5.23 5.42 -0.47
CA SER A 75 6.10 6.30 0.26
C SER A 75 5.30 7.20 1.18
N LYS A 76 5.80 7.38 2.38
CA LYS A 76 5.21 8.34 3.30
C LYS A 76 5.45 9.74 2.76
N ARG A 77 6.63 10.30 3.07
CA ARG A 77 7.12 11.53 2.42
C ARG A 77 6.10 12.66 2.50
N ALA A 78 5.26 12.64 3.53
CA ALA A 78 4.22 13.63 3.70
C ALA A 78 4.17 14.11 5.15
N PRO A 9 -13.85 16.11 10.80
CA PRO A 9 -13.92 14.66 10.50
C PRO A 9 -12.80 14.26 9.54
N GLU A 10 -12.26 13.06 9.73
CA GLU A 10 -11.16 12.59 8.91
C GLU A 10 -11.28 11.09 8.69
N GLY A 11 -11.83 10.70 7.55
CA GLY A 11 -12.02 9.29 7.26
C GLY A 11 -11.00 8.77 6.27
N VAL A 12 -9.73 9.02 6.55
CA VAL A 12 -8.64 8.59 5.69
C VAL A 12 -8.19 7.18 6.03
N GLU A 13 -8.89 6.56 6.98
CA GLU A 13 -8.57 5.22 7.41
C GLU A 13 -9.85 4.52 7.85
N SER A 14 -10.02 3.28 7.41
CA SER A 14 -11.22 2.53 7.76
C SER A 14 -10.83 1.36 8.66
N GLN A 15 -11.06 1.55 9.95
CA GLN A 15 -10.61 0.59 10.98
C GLN A 15 -11.22 -0.78 10.78
N ASP A 16 -12.46 -0.83 10.33
CA ASP A 16 -13.13 -2.10 10.12
C ASP A 16 -12.79 -2.65 8.73
N GLY A 17 -11.72 -3.44 8.67
CA GLY A 17 -11.30 -4.01 7.42
C GLY A 17 -10.02 -4.78 7.56
N VAL A 18 -10.13 -6.10 7.64
CA VAL A 18 -8.95 -6.95 7.79
C VAL A 18 -8.40 -7.31 6.43
N ASP A 19 -7.67 -6.38 5.86
CA ASP A 19 -7.11 -6.54 4.54
C ASP A 19 -5.60 -6.72 4.62
N HIS A 20 -5.06 -7.57 3.76
CA HIS A 20 -3.63 -7.86 3.73
C HIS A 20 -2.83 -6.58 3.55
N PHE A 21 -3.13 -5.85 2.49
CA PHE A 21 -2.34 -4.69 2.11
C PHE A 21 -2.64 -3.51 3.03
N ARG A 22 -3.87 -3.42 3.52
CA ARG A 22 -4.20 -2.38 4.51
C ARG A 22 -3.34 -2.54 5.75
N ALA A 23 -3.21 -3.78 6.22
CA ALA A 23 -2.42 -4.07 7.41
C ALA A 23 -0.97 -3.69 7.18
N MET A 24 -0.46 -4.01 6.00
CA MET A 24 0.91 -3.69 5.63
C MET A 24 1.14 -2.17 5.60
N ILE A 25 0.14 -1.43 5.12
CA ILE A 25 0.24 0.02 5.00
C ILE A 25 0.04 0.71 6.35
N VAL A 26 -0.89 0.24 7.16
CA VAL A 26 -1.16 0.87 8.45
C VAL A 26 0.05 0.75 9.38
N GLU A 27 0.74 -0.39 9.34
CA GLU A 27 1.95 -0.56 10.13
C GLU A 27 3.13 0.15 9.47
N PHE A 28 3.08 0.26 8.15
CA PHE A 28 4.08 1.00 7.39
C PHE A 28 4.23 2.41 7.92
N MET A 29 3.11 3.06 8.19
CA MET A 29 3.10 4.43 8.71
C MET A 29 3.68 4.50 10.11
N ALA A 30 3.65 3.39 10.84
CA ALA A 30 4.15 3.36 12.20
C ALA A 30 5.59 2.83 12.26
N SER A 31 6.08 2.31 11.16
CA SER A 31 7.41 1.72 11.10
C SER A 31 8.47 2.75 10.72
N LYS A 32 8.04 4.00 10.56
CA LYS A 32 8.93 5.12 10.20
C LYS A 32 9.52 4.92 8.79
N LYS A 33 8.99 3.93 8.07
CA LYS A 33 9.45 3.67 6.72
C LYS A 33 9.05 4.80 5.78
N MET A 34 10.01 5.30 5.03
CA MET A 34 9.74 6.34 4.05
C MET A 34 9.10 5.74 2.81
N GLN A 35 9.37 4.46 2.58
CA GLN A 35 8.78 3.74 1.46
C GLN A 35 8.74 2.25 1.76
N LEU A 36 7.74 1.58 1.21
CA LEU A 36 7.57 0.14 1.38
C LEU A 36 7.48 -0.52 0.01
N GLU A 37 8.54 -1.23 -0.34
CA GLU A 37 8.61 -1.94 -1.61
C GLU A 37 7.86 -3.27 -1.52
N PHE A 38 6.79 -3.38 -2.29
CA PHE A 38 6.01 -4.60 -2.36
C PHE A 38 6.53 -5.51 -3.47
N PRO A 39 6.31 -6.83 -3.36
CA PRO A 39 6.70 -7.79 -4.40
C PRO A 39 6.02 -7.49 -5.74
N PRO A 40 6.62 -7.93 -6.86
CA PRO A 40 6.08 -7.70 -8.20
C PRO A 40 4.89 -8.61 -8.50
N SER A 41 4.72 -9.63 -7.67
CA SER A 41 3.69 -10.65 -7.88
C SER A 41 2.28 -10.12 -7.61
N LEU A 42 2.19 -8.93 -7.01
CA LEU A 42 0.90 -8.26 -6.81
C LEU A 42 0.21 -8.06 -8.14
N ASN A 43 -0.91 -8.73 -8.36
CA ASN A 43 -1.59 -8.68 -9.65
C ASN A 43 -2.32 -7.35 -9.81
N SER A 44 -2.97 -7.15 -10.96
CA SER A 44 -3.65 -5.88 -11.26
C SER A 44 -4.60 -5.48 -10.13
N HIS A 45 -5.34 -6.44 -9.59
CA HIS A 45 -6.29 -6.17 -8.52
C HIS A 45 -5.57 -5.85 -7.22
N ASP A 46 -4.45 -6.52 -6.98
CA ASP A 46 -3.64 -6.24 -5.79
C ASP A 46 -3.08 -4.83 -5.85
N ARG A 47 -2.49 -4.49 -7.00
CA ARG A 47 -1.93 -3.17 -7.23
C ARG A 47 -3.01 -2.12 -6.96
N LEU A 48 -4.11 -2.24 -7.69
CA LEU A 48 -5.22 -1.32 -7.60
C LEU A 48 -5.70 -1.14 -6.16
N ARG A 49 -5.77 -2.23 -5.40
CA ARG A 49 -6.18 -2.17 -4.01
C ARG A 49 -5.19 -1.34 -3.19
N VAL A 50 -3.90 -1.59 -3.40
CA VAL A 50 -2.86 -0.84 -2.70
C VAL A 50 -2.96 0.65 -3.03
N HIS A 51 -3.08 0.96 -4.33
CA HIS A 51 -3.23 2.35 -4.78
C HIS A 51 -4.41 3.00 -4.10
N GLN A 52 -5.57 2.35 -4.17
CA GLN A 52 -6.78 2.86 -3.54
C GLN A 52 -6.59 3.14 -2.06
N ILE A 53 -6.00 2.18 -1.35
CA ILE A 53 -5.76 2.32 0.08
C ILE A 53 -4.82 3.48 0.38
N ALA A 54 -3.64 3.45 -0.23
CA ALA A 54 -2.63 4.49 0.02
C ALA A 54 -3.16 5.87 -0.36
N GLU A 55 -3.96 5.90 -1.41
CA GLU A 55 -4.56 7.14 -1.89
C GLU A 55 -5.55 7.70 -0.88
N GLU A 56 -6.30 6.83 -0.23
CA GLU A 56 -7.27 7.26 0.77
C GLU A 56 -6.57 7.61 2.07
N HIS A 57 -5.52 6.86 2.41
CA HIS A 57 -4.71 7.13 3.59
C HIS A 57 -3.99 8.47 3.44
N GLY A 58 -3.79 8.89 2.21
CA GLY A 58 -3.14 10.16 1.95
C GLY A 58 -1.64 10.03 1.85
N LEU A 59 -1.20 8.92 1.29
CA LEU A 59 0.21 8.69 1.08
C LEU A 59 0.50 8.66 -0.41
N ARG A 60 1.77 8.52 -0.78
CA ARG A 60 2.14 8.44 -2.17
C ARG A 60 2.25 6.98 -2.59
N HIS A 61 1.86 6.67 -3.80
CA HIS A 61 1.89 5.31 -4.29
C HIS A 61 2.35 5.27 -5.73
N ASP A 62 3.42 4.53 -5.99
CA ASP A 62 4.03 4.49 -7.30
C ASP A 62 4.36 3.07 -7.70
N SER A 63 4.43 2.85 -9.00
CA SER A 63 4.89 1.59 -9.53
C SER A 63 6.10 1.85 -10.39
N SER A 64 7.16 1.09 -10.14
CA SER A 64 8.43 1.36 -10.75
C SER A 64 9.25 0.07 -10.83
N GLY A 65 10.42 0.16 -11.44
CA GLY A 65 11.27 -1.00 -11.58
C GLY A 65 11.52 -1.33 -13.03
N GLU A 66 12.51 -2.18 -13.27
CA GLU A 66 12.84 -2.60 -14.63
C GLU A 66 11.75 -3.52 -15.18
N GLY A 67 11.91 -3.96 -16.42
CA GLY A 67 10.94 -4.85 -17.03
C GLY A 67 10.74 -6.13 -16.23
N LYS A 68 11.82 -6.62 -15.64
CA LYS A 68 11.76 -7.82 -14.81
C LYS A 68 11.78 -7.46 -13.33
N ARG A 69 11.60 -6.18 -13.02
CA ARG A 69 11.68 -5.69 -11.65
C ARG A 69 10.56 -4.72 -11.34
N ARG A 70 9.51 -4.75 -12.14
CA ARG A 70 8.40 -3.81 -11.97
C ARG A 70 7.52 -4.20 -10.77
N PHE A 71 7.53 -3.36 -9.77
CA PHE A 71 6.75 -3.57 -8.56
C PHE A 71 6.04 -2.29 -8.15
N ILE A 72 5.51 -2.26 -6.94
CA ILE A 72 4.86 -1.07 -6.43
C ILE A 72 5.47 -0.65 -5.08
N THR A 73 5.62 0.64 -4.89
CA THR A 73 6.21 1.16 -3.67
C THR A 73 5.31 2.24 -3.06
N VAL A 74 4.83 1.97 -1.86
CA VAL A 74 4.06 2.96 -1.12
C VAL A 74 5.01 3.85 -0.34
N SER A 75 4.87 5.15 -0.50
CA SER A 75 5.82 6.08 0.09
C SER A 75 5.13 7.15 0.92
N LYS A 76 5.73 7.47 2.05
CA LYS A 76 5.30 8.59 2.88
C LYS A 76 5.95 9.86 2.37
N ARG A 77 6.93 9.66 1.52
CA ARG A 77 7.62 10.74 0.83
C ARG A 77 6.76 11.29 -0.30
N ALA A 78 6.76 12.61 -0.46
CA ALA A 78 6.01 13.24 -1.53
C ALA A 78 6.91 13.49 -2.73
N PRO A 9 -12.44 0.25 29.66
CA PRO A 9 -13.67 0.50 28.87
C PRO A 9 -13.66 -0.28 27.56
N GLU A 10 -12.66 -0.04 26.73
CA GLU A 10 -12.58 -0.67 25.41
C GLU A 10 -12.17 -2.13 25.52
N GLY A 11 -12.65 -2.91 24.57
CA GLY A 11 -12.25 -4.29 24.46
C GLY A 11 -12.03 -4.68 23.02
N VAL A 12 -10.77 -4.70 22.59
CA VAL A 12 -10.42 -4.96 21.19
C VAL A 12 -10.50 -6.45 20.88
N GLU A 13 -11.66 -7.04 21.12
CA GLU A 13 -11.90 -8.44 20.88
C GLU A 13 -12.06 -8.71 19.39
N SER A 14 -13.08 -8.08 18.81
CA SER A 14 -13.41 -8.28 17.41
C SER A 14 -12.42 -7.55 16.51
N GLN A 15 -11.42 -8.27 16.04
CA GLN A 15 -10.45 -7.72 15.12
C GLN A 15 -10.74 -8.22 13.71
N ASP A 16 -11.68 -7.57 13.04
CA ASP A 16 -12.12 -8.01 11.72
C ASP A 16 -11.71 -7.01 10.65
N GLY A 17 -12.08 -7.29 9.41
CA GLY A 17 -11.68 -6.43 8.31
C GLY A 17 -10.27 -6.74 7.88
N VAL A 18 -10.09 -7.87 7.22
CA VAL A 18 -8.77 -8.35 6.92
C VAL A 18 -8.44 -8.16 5.45
N ASP A 19 -7.55 -7.23 5.20
CA ASP A 19 -7.02 -7.02 3.87
C ASP A 19 -5.50 -7.01 3.98
N HIS A 20 -4.84 -7.82 3.17
CA HIS A 20 -3.40 -8.02 3.28
C HIS A 20 -2.64 -6.71 3.14
N PHE A 21 -3.02 -5.91 2.16
CA PHE A 21 -2.30 -4.68 1.86
C PHE A 21 -2.75 -3.56 2.78
N ARG A 22 -4.04 -3.52 3.09
CA ARG A 22 -4.58 -2.54 4.05
C ARG A 22 -3.84 -2.65 5.37
N ALA A 23 -3.64 -3.89 5.81
CA ALA A 23 -2.94 -4.16 7.06
C ALA A 23 -1.50 -3.68 6.99
N MET A 24 -0.78 -4.10 5.95
CA MET A 24 0.63 -3.75 5.83
C MET A 24 0.82 -2.24 5.66
N ILE A 25 -0.12 -1.58 5.01
CA ILE A 25 -0.04 -0.14 4.80
C ILE A 25 -0.31 0.63 6.09
N VAL A 26 -1.32 0.23 6.86
CA VAL A 26 -1.64 0.93 8.09
C VAL A 26 -0.52 0.74 9.13
N GLU A 27 0.08 -0.45 9.15
CA GLU A 27 1.22 -0.71 10.02
C GLU A 27 2.42 0.08 9.54
N PHE A 28 2.54 0.20 8.22
CA PHE A 28 3.61 0.96 7.59
C PHE A 28 3.58 2.43 7.99
N MET A 29 2.38 2.99 8.11
CA MET A 29 2.24 4.38 8.50
C MET A 29 2.80 4.62 9.89
N ALA A 30 2.55 3.68 10.79
CA ALA A 30 3.04 3.78 12.17
C ALA A 30 4.49 3.34 12.27
N SER A 31 4.95 2.61 11.26
CA SER A 31 6.30 2.10 11.22
C SER A 31 7.31 3.22 10.93
N LYS A 32 8.57 2.97 11.26
CA LYS A 32 9.64 3.93 11.07
C LYS A 32 10.06 3.99 9.60
N LYS A 33 9.60 3.01 8.82
CA LYS A 33 9.89 2.98 7.40
C LYS A 33 9.18 4.13 6.71
N MET A 34 9.90 4.84 5.85
CA MET A 34 9.33 5.96 5.14
C MET A 34 8.87 5.51 3.76
N GLN A 35 9.41 4.39 3.30
CA GLN A 35 9.05 3.82 2.01
C GLN A 35 8.78 2.33 2.13
N LEU A 36 7.61 1.91 1.69
CA LEU A 36 7.22 0.52 1.67
C LEU A 36 7.56 -0.06 0.30
N GLU A 37 8.70 -0.71 0.22
CA GLU A 37 9.14 -1.32 -1.02
C GLU A 37 8.53 -2.70 -1.19
N PHE A 38 7.49 -2.78 -2.00
CA PHE A 38 6.82 -4.04 -2.25
C PHE A 38 7.60 -4.88 -3.27
N PRO A 39 7.45 -6.20 -3.22
CA PRO A 39 8.06 -7.11 -4.19
C PRO A 39 7.33 -7.07 -5.53
N PRO A 40 7.98 -7.50 -6.62
CA PRO A 40 7.36 -7.58 -7.95
C PRO A 40 6.28 -8.65 -8.04
N SER A 41 6.11 -9.39 -6.94
CA SER A 41 5.11 -10.45 -6.85
C SER A 41 3.70 -9.88 -6.95
N LEU A 42 3.53 -8.62 -6.55
CA LEU A 42 2.24 -7.94 -6.66
C LEU A 42 1.83 -7.80 -8.12
N ASN A 43 0.75 -8.45 -8.51
CA ASN A 43 0.21 -8.29 -9.86
C ASN A 43 -0.82 -7.17 -9.87
N SER A 44 -1.53 -7.03 -10.99
CA SER A 44 -2.46 -5.92 -11.21
C SER A 44 -3.38 -5.65 -10.01
N HIS A 45 -4.19 -6.64 -9.64
CA HIS A 45 -5.14 -6.51 -8.54
C HIS A 45 -4.44 -6.08 -7.25
N ASP A 46 -3.30 -6.72 -6.97
CA ASP A 46 -2.55 -6.45 -5.74
C ASP A 46 -2.06 -5.00 -5.72
N ARG A 47 -1.48 -4.56 -6.82
CA ARG A 47 -1.02 -3.19 -6.95
C ARG A 47 -2.20 -2.23 -6.80
N LEU A 48 -3.27 -2.52 -7.53
CA LEU A 48 -4.49 -1.69 -7.51
C LEU A 48 -5.00 -1.50 -6.09
N ARG A 49 -4.95 -2.56 -5.29
CA ARG A 49 -5.32 -2.48 -3.87
C ARG A 49 -4.45 -1.47 -3.15
N VAL A 50 -3.14 -1.58 -3.35
CA VAL A 50 -2.18 -0.68 -2.71
C VAL A 50 -2.41 0.76 -3.16
N HIS A 51 -2.52 0.97 -4.48
CA HIS A 51 -2.74 2.32 -5.03
C HIS A 51 -4.00 2.94 -4.43
N GLN A 52 -5.10 2.18 -4.45
CA GLN A 52 -6.37 2.65 -3.90
C GLN A 52 -6.23 3.07 -2.44
N ILE A 53 -5.64 2.20 -1.63
CA ILE A 53 -5.51 2.43 -0.20
C ILE A 53 -4.57 3.59 0.09
N ALA A 54 -3.41 3.61 -0.57
CA ALA A 54 -2.43 4.67 -0.36
C ALA A 54 -3.01 6.01 -0.76
N GLU A 55 -3.76 6.01 -1.86
CA GLU A 55 -4.42 7.21 -2.35
C GLU A 55 -5.50 7.68 -1.37
N GLU A 56 -6.13 6.72 -0.70
CA GLU A 56 -7.16 7.03 0.29
C GLU A 56 -6.53 7.56 1.57
N HIS A 57 -5.36 7.05 1.90
CA HIS A 57 -4.63 7.48 3.09
C HIS A 57 -3.91 8.80 2.86
N GLY A 58 -3.83 9.21 1.60
CA GLY A 58 -3.18 10.45 1.26
C GLY A 58 -1.67 10.31 1.17
N LEU A 59 -1.21 9.10 0.95
CA LEU A 59 0.21 8.82 0.86
C LEU A 59 0.65 8.82 -0.59
N ARG A 60 1.95 8.73 -0.82
CA ARG A 60 2.48 8.71 -2.17
C ARG A 60 2.72 7.28 -2.62
N HIS A 61 2.28 6.96 -3.82
CA HIS A 61 2.47 5.62 -4.36
C HIS A 61 2.97 5.70 -5.79
N ASP A 62 4.09 5.06 -6.03
CA ASP A 62 4.74 5.08 -7.34
C ASP A 62 5.39 3.73 -7.59
N SER A 63 5.38 3.28 -8.83
CA SER A 63 5.92 1.99 -9.16
C SER A 63 7.13 2.11 -10.06
N SER A 64 8.10 1.23 -9.86
CA SER A 64 9.30 1.22 -10.67
C SER A 64 9.42 -0.12 -11.36
N GLY A 65 10.01 -0.12 -12.55
CA GLY A 65 10.14 -1.34 -13.31
C GLY A 65 9.14 -1.41 -14.45
N GLU A 66 9.15 -2.51 -15.19
CA GLU A 66 8.31 -2.65 -16.36
C GLU A 66 7.07 -3.50 -16.10
N GLY A 67 7.22 -4.81 -16.20
CA GLY A 67 6.07 -5.69 -16.09
C GLY A 67 6.16 -6.63 -14.91
N LYS A 68 6.80 -7.76 -15.11
CA LYS A 68 6.88 -8.79 -14.07
C LYS A 68 7.90 -8.41 -13.00
N ARG A 69 8.75 -7.43 -13.30
CA ARG A 69 9.69 -6.93 -12.31
C ARG A 69 9.26 -5.56 -11.81
N ARG A 70 8.08 -5.12 -12.20
CA ARG A 70 7.56 -3.85 -11.73
C ARG A 70 7.10 -3.97 -10.29
N PHE A 71 7.71 -3.20 -9.42
CA PHE A 71 7.38 -3.21 -8.01
C PHE A 71 6.85 -1.84 -7.60
N ILE A 72 5.95 -1.83 -6.63
CA ILE A 72 5.34 -0.60 -6.19
C ILE A 72 5.96 -0.13 -4.87
N THR A 73 6.23 1.15 -4.78
CA THR A 73 6.83 1.74 -3.59
C THR A 73 5.93 2.81 -3.00
N VAL A 74 5.45 2.56 -1.79
CA VAL A 74 4.62 3.52 -1.08
C VAL A 74 5.48 4.43 -0.22
N SER A 75 5.48 5.71 -0.53
CA SER A 75 6.30 6.64 0.20
C SER A 75 5.42 7.58 1.02
N LYS A 76 5.73 7.69 2.29
CA LYS A 76 5.05 8.63 3.16
C LYS A 76 5.70 9.99 3.02
N ARG A 77 6.96 9.97 2.62
CA ARG A 77 7.74 11.19 2.42
C ARG A 77 7.60 11.68 1.00
N ALA A 78 7.96 12.96 0.80
CA ALA A 78 7.93 13.59 -0.51
C ALA A 78 6.54 13.52 -1.13
N PRO A 9 -14.00 12.62 6.25
CA PRO A 9 -14.97 11.57 6.63
C PRO A 9 -15.69 11.00 5.42
N GLU A 10 -15.85 11.85 4.39
CA GLU A 10 -16.48 11.45 3.14
C GLU A 10 -15.69 10.34 2.46
N GLY A 11 -14.39 10.33 2.66
CA GLY A 11 -13.55 9.25 2.17
C GLY A 11 -13.69 8.02 3.04
N VAL A 12 -14.84 7.36 2.92
CA VAL A 12 -15.14 6.19 3.71
C VAL A 12 -14.50 4.94 3.11
N GLU A 13 -13.49 4.45 3.80
CA GLU A 13 -12.78 3.25 3.39
C GLU A 13 -13.68 2.04 3.64
N SER A 14 -13.88 1.21 2.62
CA SER A 14 -14.91 0.19 2.66
C SER A 14 -14.34 -1.22 2.61
N GLN A 15 -13.03 -1.37 2.75
CA GLN A 15 -12.43 -2.69 2.82
C GLN A 15 -13.06 -3.52 3.94
N ASP A 16 -13.20 -4.82 3.71
CA ASP A 16 -13.85 -5.73 4.66
C ASP A 16 -13.26 -5.60 6.06
N GLY A 17 -11.96 -5.41 6.13
CA GLY A 17 -11.30 -5.26 7.40
C GLY A 17 -9.92 -5.86 7.41
N VAL A 18 -9.86 -7.16 7.12
CA VAL A 18 -8.59 -7.87 7.14
C VAL A 18 -8.12 -8.13 5.73
N ASP A 19 -7.25 -7.26 5.28
CA ASP A 19 -6.67 -7.38 3.96
C ASP A 19 -5.16 -7.33 4.08
N HIS A 20 -4.48 -8.15 3.30
CA HIS A 20 -3.02 -8.25 3.36
C HIS A 20 -2.36 -6.89 3.20
N PHE A 21 -2.68 -6.21 2.11
CA PHE A 21 -2.04 -4.95 1.78
C PHE A 21 -2.48 -3.85 2.74
N ARG A 22 -3.77 -3.85 3.07
CA ARG A 22 -4.32 -2.90 4.04
C ARG A 22 -3.56 -3.00 5.36
N ALA A 23 -3.23 -4.22 5.75
CA ALA A 23 -2.48 -4.48 6.97
C ALA A 23 -1.02 -4.05 6.82
N MET A 24 -0.42 -4.35 5.67
CA MET A 24 0.95 -3.96 5.40
C MET A 24 1.11 -2.45 5.44
N ILE A 25 0.10 -1.75 4.93
CA ILE A 25 0.10 -0.29 4.90
C ILE A 25 -0.05 0.31 6.30
N VAL A 26 -0.93 -0.27 7.11
CA VAL A 26 -1.14 0.27 8.45
C VAL A 26 0.10 0.07 9.32
N GLU A 27 0.82 -1.03 9.11
CA GLU A 27 2.11 -1.25 9.78
C GLU A 27 3.09 -0.18 9.34
N PHE A 28 3.12 0.05 8.04
CA PHE A 28 4.00 1.03 7.44
C PHE A 28 3.80 2.42 8.03
N MET A 29 2.53 2.81 8.19
CA MET A 29 2.23 4.13 8.74
C MET A 29 2.61 4.21 10.21
N ALA A 30 2.45 3.10 10.92
CA ALA A 30 2.78 3.05 12.35
C ALA A 30 4.29 2.94 12.56
N SER A 31 4.97 2.33 11.60
CA SER A 31 6.41 2.14 11.68
C SER A 31 7.14 3.42 11.28
N LYS A 32 8.46 3.33 11.16
CA LYS A 32 9.29 4.49 10.88
C LYS A 32 9.87 4.42 9.47
N LYS A 33 9.35 3.51 8.67
CA LYS A 33 9.69 3.45 7.26
C LYS A 33 9.05 4.62 6.54
N MET A 34 9.77 5.18 5.58
CA MET A 34 9.23 6.28 4.78
C MET A 34 8.82 5.79 3.41
N GLN A 35 9.28 4.60 3.05
CA GLN A 35 8.95 3.99 1.76
C GLN A 35 8.72 2.49 1.91
N LEU A 36 7.50 2.06 1.64
CA LEU A 36 7.13 0.65 1.68
C LEU A 36 7.39 0.03 0.32
N GLU A 37 8.48 -0.71 0.23
CA GLU A 37 8.86 -1.38 -1.01
C GLU A 37 8.21 -2.75 -1.10
N PHE A 38 7.10 -2.84 -1.84
CA PHE A 38 6.42 -4.11 -2.02
C PHE A 38 7.16 -4.97 -3.04
N PRO A 39 7.01 -6.31 -2.94
CA PRO A 39 7.61 -7.24 -3.90
C PRO A 39 6.99 -7.10 -5.29
N PRO A 40 7.72 -7.52 -6.34
CA PRO A 40 7.23 -7.48 -7.73
C PRO A 40 6.16 -8.54 -8.00
N SER A 41 5.92 -9.37 -7.00
CA SER A 41 4.92 -10.43 -7.09
C SER A 41 3.51 -9.85 -7.23
N LEU A 42 3.33 -8.63 -6.73
CA LEU A 42 2.07 -7.91 -6.85
C LEU A 42 1.68 -7.73 -8.31
N ASN A 43 0.55 -8.31 -8.69
CA ASN A 43 0.04 -8.14 -10.04
C ASN A 43 -0.87 -6.93 -10.11
N SER A 44 -1.48 -6.70 -11.29
CA SER A 44 -2.23 -5.47 -11.56
C SER A 44 -3.23 -5.12 -10.44
N HIS A 45 -4.10 -6.06 -10.09
CA HIS A 45 -5.16 -5.79 -9.11
C HIS A 45 -4.56 -5.59 -7.72
N ASP A 46 -3.52 -6.34 -7.39
CA ASP A 46 -2.88 -6.23 -6.08
C ASP A 46 -2.22 -4.86 -5.94
N ARG A 47 -1.50 -4.44 -6.99
CA ARG A 47 -0.92 -3.11 -7.03
C ARG A 47 -2.03 -2.07 -6.89
N LEU A 48 -3.08 -2.24 -7.69
CA LEU A 48 -4.24 -1.35 -7.70
C LEU A 48 -4.83 -1.18 -6.31
N ARG A 49 -4.95 -2.29 -5.57
CA ARG A 49 -5.49 -2.27 -4.23
C ARG A 49 -4.65 -1.37 -3.34
N VAL A 50 -3.33 -1.49 -3.49
CA VAL A 50 -2.40 -0.64 -2.74
C VAL A 50 -2.55 0.82 -3.13
N HIS A 51 -2.58 1.09 -4.44
CA HIS A 51 -2.72 2.46 -4.94
C HIS A 51 -3.96 3.13 -4.36
N GLN A 52 -5.10 2.43 -4.42
CA GLN A 52 -6.35 2.96 -3.91
C GLN A 52 -6.25 3.30 -2.42
N ILE A 53 -5.73 2.38 -1.63
CA ILE A 53 -5.64 2.57 -0.19
C ILE A 53 -4.68 3.71 0.15
N ALA A 54 -3.48 3.69 -0.44
CA ALA A 54 -2.49 4.72 -0.20
C ALA A 54 -3.00 6.09 -0.63
N GLU A 55 -3.68 6.12 -1.77
CA GLU A 55 -4.23 7.35 -2.31
C GLU A 55 -5.28 7.94 -1.38
N GLU A 56 -6.11 7.08 -0.80
CA GLU A 56 -7.15 7.54 0.11
C GLU A 56 -6.55 7.94 1.46
N HIS A 57 -5.53 7.23 1.89
CA HIS A 57 -4.84 7.55 3.15
C HIS A 57 -4.12 8.88 3.04
N GLY A 58 -3.78 9.27 1.82
CA GLY A 58 -3.13 10.55 1.61
C GLY A 58 -1.63 10.43 1.43
N LEU A 59 -1.17 9.20 1.21
CA LEU A 59 0.25 8.95 1.04
C LEU A 59 0.60 8.95 -0.44
N ARG A 60 1.89 8.95 -0.74
CA ARG A 60 2.35 8.94 -2.11
C ARG A 60 2.76 7.53 -2.50
N HIS A 61 2.67 7.21 -3.78
CA HIS A 61 2.95 5.87 -4.24
C HIS A 61 3.41 5.89 -5.69
N ASP A 62 4.35 5.03 -6.01
CA ASP A 62 4.86 4.90 -7.37
C ASP A 62 5.14 3.45 -7.70
N SER A 63 5.23 3.15 -8.98
CA SER A 63 5.54 1.82 -9.43
C SER A 63 6.76 1.86 -10.34
N SER A 64 7.68 0.95 -10.14
CA SER A 64 8.93 0.95 -10.89
C SER A 64 9.28 -0.45 -11.37
N GLY A 65 9.80 -0.54 -12.58
CA GLY A 65 10.21 -1.82 -13.13
C GLY A 65 9.37 -2.21 -14.33
N GLU A 66 9.79 -3.26 -15.01
CA GLU A 66 9.10 -3.70 -16.22
C GLU A 66 8.35 -5.01 -16.00
N GLY A 67 7.08 -5.03 -16.39
CA GLY A 67 6.31 -6.25 -16.38
C GLY A 67 6.16 -6.84 -15.00
N LYS A 68 6.78 -8.00 -14.79
CA LYS A 68 6.67 -8.70 -13.53
C LYS A 68 7.88 -8.40 -12.64
N ARG A 69 8.80 -7.60 -13.16
CA ARG A 69 9.91 -7.12 -12.35
C ARG A 69 9.51 -5.80 -11.72
N ARG A 70 8.29 -5.40 -12.03
CA ARG A 70 7.74 -4.13 -11.58
C ARG A 70 7.18 -4.25 -10.17
N PHE A 71 7.66 -3.38 -9.30
CA PHE A 71 7.21 -3.34 -7.92
C PHE A 71 6.58 -1.98 -7.62
N ILE A 72 5.96 -1.88 -6.46
CA ILE A 72 5.32 -0.63 -6.05
C ILE A 72 5.89 -0.14 -4.72
N THR A 73 6.07 1.16 -4.61
CA THR A 73 6.61 1.75 -3.40
C THR A 73 5.69 2.86 -2.90
N VAL A 74 5.32 2.77 -1.63
CA VAL A 74 4.47 3.78 -1.01
C VAL A 74 5.30 4.64 -0.08
N SER A 75 5.28 5.94 -0.27
CA SER A 75 6.08 6.85 0.53
C SER A 75 5.21 7.72 1.42
N LYS A 76 5.67 7.92 2.65
CA LYS A 76 5.00 8.82 3.59
C LYS A 76 5.15 10.26 3.14
N ARG A 77 6.24 10.52 2.44
CA ARG A 77 6.49 11.84 1.89
C ARG A 77 5.85 11.97 0.53
N ALA A 78 4.85 12.84 0.44
CA ALA A 78 4.10 12.99 -0.79
C ALA A 78 4.53 14.22 -1.55
N PRO A 9 -10.66 12.03 25.90
CA PRO A 9 -11.55 11.30 24.98
C PRO A 9 -10.75 10.58 23.90
N GLU A 10 -11.00 9.30 23.74
CA GLU A 10 -10.29 8.50 22.76
C GLU A 10 -11.17 8.27 21.54
N GLY A 11 -10.75 8.82 20.40
CA GLY A 11 -11.51 8.66 19.18
C GLY A 11 -11.32 7.28 18.57
N VAL A 12 -12.08 6.33 19.08
CA VAL A 12 -12.00 4.95 18.62
C VAL A 12 -13.00 4.69 17.52
N GLU A 13 -12.48 4.40 16.33
CA GLU A 13 -13.32 4.04 15.21
C GLU A 13 -13.19 2.55 14.92
N SER A 14 -14.19 1.98 14.28
CA SER A 14 -14.20 0.56 13.98
C SER A 14 -13.26 0.24 12.82
N GLN A 15 -12.10 -0.30 13.14
CA GLN A 15 -11.17 -0.73 12.10
C GLN A 15 -11.60 -2.08 11.53
N ASP A 16 -12.37 -2.03 10.45
CA ASP A 16 -12.86 -3.23 9.81
C ASP A 16 -12.80 -3.07 8.30
N GLY A 17 -12.64 -4.17 7.59
CA GLY A 17 -12.41 -4.11 6.16
C GLY A 17 -10.93 -4.06 5.89
N VAL A 18 -10.20 -4.99 6.47
CA VAL A 18 -8.76 -4.96 6.45
C VAL A 18 -8.22 -5.87 5.37
N ASP A 19 -7.78 -5.26 4.30
CA ASP A 19 -7.10 -6.00 3.26
C ASP A 19 -5.71 -6.39 3.75
N HIS A 20 -5.11 -7.41 3.15
CA HIS A 20 -3.76 -7.83 3.52
C HIS A 20 -2.82 -6.64 3.41
N PHE A 21 -2.84 -5.98 2.26
CA PHE A 21 -1.98 -4.84 2.02
C PHE A 21 -2.37 -3.64 2.85
N ARG A 22 -3.63 -3.57 3.27
CA ARG A 22 -4.09 -2.45 4.09
C ARG A 22 -3.48 -2.56 5.49
N ALA A 23 -3.40 -3.78 6.00
CA ALA A 23 -2.76 -4.04 7.28
C ALA A 23 -1.27 -3.71 7.19
N MET A 24 -0.67 -4.10 6.08
CA MET A 24 0.75 -3.81 5.83
C MET A 24 1.00 -2.31 5.83
N ILE A 25 0.10 -1.56 5.19
CA ILE A 25 0.23 -0.12 5.09
C ILE A 25 0.01 0.59 6.43
N VAL A 26 -1.03 0.19 7.16
CA VAL A 26 -1.38 0.86 8.42
C VAL A 26 -0.25 0.70 9.45
N GLU A 27 0.40 -0.46 9.48
CA GLU A 27 1.53 -0.67 10.37
C GLU A 27 2.75 0.07 9.85
N PHE A 28 2.90 0.11 8.54
CA PHE A 28 3.96 0.85 7.88
C PHE A 28 3.87 2.34 8.22
N MET A 29 2.65 2.84 8.31
CA MET A 29 2.40 4.24 8.64
C MET A 29 2.91 4.57 10.05
N ALA A 30 2.77 3.62 10.96
CA ALA A 30 3.20 3.82 12.34
C ALA A 30 4.68 3.49 12.52
N SER A 31 5.24 2.78 11.55
CA SER A 31 6.65 2.37 11.63
C SER A 31 7.58 3.47 11.13
N LYS A 32 8.88 3.28 11.36
CA LYS A 32 9.89 4.28 11.02
C LYS A 32 10.14 4.36 9.51
N LYS A 33 9.69 3.34 8.79
CA LYS A 33 9.92 3.27 7.35
C LYS A 33 9.28 4.47 6.65
N MET A 34 10.04 5.06 5.73
CA MET A 34 9.57 6.18 4.94
C MET A 34 8.97 5.67 3.63
N GLN A 35 9.45 4.52 3.19
CA GLN A 35 9.00 3.91 1.95
C GLN A 35 8.80 2.41 2.13
N LEU A 36 7.70 1.91 1.62
CA LEU A 36 7.42 0.48 1.66
C LEU A 36 7.45 -0.08 0.25
N GLU A 37 8.51 -0.80 -0.05
CA GLU A 37 8.68 -1.38 -1.37
C GLU A 37 8.10 -2.78 -1.41
N PHE A 38 7.04 -2.95 -2.16
CA PHE A 38 6.41 -4.25 -2.32
C PHE A 38 7.11 -5.04 -3.43
N PRO A 39 7.12 -6.37 -3.33
CA PRO A 39 7.75 -7.22 -4.34
C PRO A 39 7.01 -7.18 -5.67
N PRO A 40 7.69 -7.55 -6.77
CA PRO A 40 7.06 -7.62 -8.10
C PRO A 40 6.00 -8.71 -8.20
N SER A 41 5.89 -9.49 -7.12
CA SER A 41 4.91 -10.56 -7.02
C SER A 41 3.48 -10.03 -7.07
N LEU A 42 3.33 -8.74 -6.75
CA LEU A 42 2.03 -8.08 -6.81
C LEU A 42 1.55 -7.95 -8.25
N ASN A 43 0.47 -8.66 -8.59
CA ASN A 43 -0.08 -8.59 -9.94
C ASN A 43 -1.02 -7.39 -10.07
N SER A 44 -1.78 -7.35 -11.14
CA SER A 44 -2.68 -6.23 -11.42
C SER A 44 -3.59 -5.92 -10.22
N HIS A 45 -4.27 -6.94 -9.72
CA HIS A 45 -5.16 -6.80 -8.57
C HIS A 45 -4.40 -6.29 -7.35
N ASP A 46 -3.28 -6.94 -7.03
CA ASP A 46 -2.49 -6.61 -5.85
C ASP A 46 -2.08 -5.14 -5.86
N ARG A 47 -1.41 -4.72 -6.93
CA ARG A 47 -0.95 -3.33 -7.06
C ARG A 47 -2.13 -2.38 -6.93
N LEU A 48 -3.18 -2.67 -7.70
CA LEU A 48 -4.38 -1.83 -7.73
C LEU A 48 -4.93 -1.61 -6.33
N ARG A 49 -5.03 -2.67 -5.55
CA ARG A 49 -5.51 -2.56 -4.18
C ARG A 49 -4.60 -1.64 -3.37
N VAL A 50 -3.29 -1.82 -3.49
CA VAL A 50 -2.33 -0.97 -2.78
C VAL A 50 -2.48 0.49 -3.19
N HIS A 51 -2.56 0.72 -4.50
CA HIS A 51 -2.73 2.08 -5.03
C HIS A 51 -3.93 2.76 -4.37
N GLN A 52 -5.09 2.13 -4.47
CA GLN A 52 -6.32 2.68 -3.92
C GLN A 52 -6.24 2.88 -2.40
N ILE A 53 -5.66 1.90 -1.70
CA ILE A 53 -5.51 2.01 -0.25
C ILE A 53 -4.62 3.19 0.12
N ALA A 54 -3.46 3.27 -0.50
CA ALA A 54 -2.52 4.36 -0.22
C ALA A 54 -3.12 5.70 -0.64
N GLU A 55 -3.85 5.69 -1.73
CA GLU A 55 -4.51 6.87 -2.25
C GLU A 55 -5.59 7.36 -1.28
N GLU A 56 -6.32 6.41 -0.70
CA GLU A 56 -7.36 6.73 0.29
C GLU A 56 -6.71 7.26 1.56
N HIS A 57 -5.63 6.60 1.98
CA HIS A 57 -4.90 7.00 3.19
C HIS A 57 -4.19 8.34 3.00
N GLY A 58 -4.03 8.75 1.75
CA GLY A 58 -3.41 10.03 1.47
C GLY A 58 -1.90 9.95 1.45
N LEU A 59 -1.38 8.82 0.98
CA LEU A 59 0.06 8.61 0.88
C LEU A 59 0.48 8.61 -0.57
N ARG A 60 1.79 8.57 -0.81
CA ARG A 60 2.32 8.52 -2.16
C ARG A 60 2.54 7.06 -2.57
N HIS A 61 2.30 6.75 -3.83
CA HIS A 61 2.48 5.40 -4.34
C HIS A 61 2.95 5.42 -5.77
N ASP A 62 4.11 4.83 -6.02
CA ASP A 62 4.73 4.83 -7.34
C ASP A 62 5.12 3.43 -7.74
N SER A 63 4.88 3.10 -9.00
CA SER A 63 5.31 1.83 -9.55
C SER A 63 6.52 2.05 -10.42
N SER A 64 7.57 1.30 -10.17
CA SER A 64 8.82 1.48 -10.88
C SER A 64 9.36 0.15 -11.38
N GLY A 65 10.09 0.18 -12.49
CA GLY A 65 10.60 -1.03 -13.08
C GLY A 65 10.06 -1.23 -14.47
N GLU A 66 10.06 -2.48 -14.94
CA GLU A 66 9.58 -2.79 -16.27
C GLU A 66 8.12 -3.23 -16.25
N GLY A 67 7.89 -4.52 -16.08
CA GLY A 67 6.53 -5.03 -16.05
C GLY A 67 6.37 -6.14 -15.05
N LYS A 68 7.02 -7.26 -15.31
CA LYS A 68 6.97 -8.41 -14.42
C LYS A 68 7.90 -8.21 -13.24
N ARG A 69 8.96 -7.44 -13.46
CA ARG A 69 9.88 -7.10 -12.38
C ARG A 69 9.54 -5.73 -11.80
N ARG A 70 8.48 -5.13 -12.32
CA ARG A 70 8.03 -3.82 -11.84
C ARG A 70 7.40 -3.97 -10.47
N PHE A 71 7.85 -3.14 -9.54
CA PHE A 71 7.35 -3.20 -8.18
C PHE A 71 6.73 -1.86 -7.78
N ILE A 72 6.00 -1.86 -6.68
CA ILE A 72 5.33 -0.66 -6.23
C ILE A 72 5.88 -0.21 -4.88
N THR A 73 6.12 1.09 -4.75
CA THR A 73 6.65 1.65 -3.53
C THR A 73 5.69 2.69 -2.96
N VAL A 74 5.24 2.43 -1.74
CA VAL A 74 4.38 3.37 -1.03
C VAL A 74 5.23 4.27 -0.15
N SER A 75 5.14 5.57 -0.36
CA SER A 75 5.96 6.52 0.36
C SER A 75 5.11 7.40 1.27
N LYS A 76 5.56 7.56 2.51
CA LYS A 76 4.87 8.38 3.48
C LYS A 76 5.32 9.82 3.39
N ARG A 77 6.62 10.01 3.25
CA ARG A 77 7.20 11.35 3.23
C ARG A 77 7.95 11.62 1.94
N ALA A 78 7.53 12.67 1.26
CA ALA A 78 8.18 13.11 0.04
C ALA A 78 8.45 14.61 0.14
N PRO A 9 -18.15 8.80 16.88
CA PRO A 9 -16.87 8.19 16.47
C PRO A 9 -17.14 6.97 15.60
N GLU A 10 -16.10 6.43 14.98
CA GLU A 10 -16.25 5.24 14.15
C GLU A 10 -16.33 3.98 14.99
N GLY A 11 -17.45 3.84 15.69
CA GLY A 11 -17.67 2.68 16.51
C GLY A 11 -18.31 1.55 15.73
N VAL A 12 -17.56 1.03 14.77
CA VAL A 12 -18.03 -0.09 13.97
C VAL A 12 -17.01 -1.22 13.99
N GLU A 13 -17.28 -2.22 14.81
CA GLU A 13 -16.42 -3.39 14.92
C GLU A 13 -16.43 -4.18 13.61
N SER A 14 -15.29 -4.22 12.93
CA SER A 14 -15.18 -4.96 11.69
C SER A 14 -15.14 -6.45 11.98
N GLN A 15 -16.10 -7.18 11.44
CA GLN A 15 -16.18 -8.62 11.64
C GLN A 15 -15.06 -9.31 10.87
N ASP A 16 -14.91 -8.94 9.61
CA ASP A 16 -13.87 -9.49 8.76
C ASP A 16 -13.57 -8.51 7.63
N GLY A 17 -12.83 -8.96 6.62
CA GLY A 17 -12.51 -8.09 5.50
C GLY A 17 -11.28 -7.25 5.75
N VAL A 18 -10.35 -7.78 6.51
CA VAL A 18 -9.09 -7.10 6.75
C VAL A 18 -8.09 -7.49 5.69
N ASP A 19 -7.92 -6.60 4.71
CA ASP A 19 -7.07 -6.88 3.57
C ASP A 19 -5.60 -6.77 3.93
N HIS A 20 -4.82 -7.73 3.43
CA HIS A 20 -3.39 -7.85 3.73
C HIS A 20 -2.64 -6.54 3.50
N PHE A 21 -2.77 -6.00 2.30
CA PHE A 21 -2.05 -4.79 1.94
C PHE A 21 -2.49 -3.60 2.79
N ARG A 22 -3.69 -3.68 3.33
CA ARG A 22 -4.22 -2.64 4.19
C ARG A 22 -3.45 -2.63 5.50
N ALA A 23 -3.29 -3.80 6.08
CA ALA A 23 -2.55 -3.96 7.33
C ALA A 23 -1.09 -3.57 7.13
N MET A 24 -0.52 -3.99 6.02
CA MET A 24 0.87 -3.68 5.69
C MET A 24 1.09 -2.18 5.60
N ILE A 25 0.11 -1.46 5.03
CA ILE A 25 0.20 -0.01 4.88
C ILE A 25 0.03 0.70 6.22
N VAL A 26 -0.96 0.30 7.01
CA VAL A 26 -1.23 1.00 8.27
C VAL A 26 -0.07 0.83 9.25
N GLU A 27 0.58 -0.34 9.22
CA GLU A 27 1.75 -0.57 10.06
C GLU A 27 2.96 0.16 9.50
N PHE A 28 3.02 0.27 8.18
CA PHE A 28 4.04 1.06 7.51
C PHE A 28 3.94 2.53 7.93
N MET A 29 2.71 2.97 8.12
CA MET A 29 2.43 4.33 8.57
C MET A 29 2.75 4.49 10.06
N ALA A 30 2.69 3.39 10.80
CA ALA A 30 2.91 3.42 12.24
C ALA A 30 4.38 3.28 12.57
N SER A 31 5.12 2.66 11.66
CA SER A 31 6.54 2.46 11.84
C SER A 31 7.33 3.63 11.28
N LYS A 32 8.65 3.52 11.27
CA LYS A 32 9.51 4.61 10.83
C LYS A 32 10.01 4.39 9.41
N LYS A 33 9.35 3.49 8.68
CA LYS A 33 9.71 3.24 7.30
C LYS A 33 9.24 4.42 6.45
N MET A 34 10.12 4.91 5.59
CA MET A 34 9.78 6.02 4.71
C MET A 34 9.20 5.51 3.41
N GLN A 35 9.59 4.30 3.03
CA GLN A 35 9.15 3.70 1.78
C GLN A 35 8.90 2.22 1.96
N LEU A 36 7.80 1.73 1.39
CA LEU A 36 7.45 0.33 1.47
C LEU A 36 7.66 -0.31 0.11
N GLU A 37 8.73 -1.07 -0.02
CA GLU A 37 9.01 -1.78 -1.27
C GLU A 37 8.30 -3.13 -1.28
N PHE A 38 7.22 -3.22 -2.02
CA PHE A 38 6.49 -4.47 -2.16
C PHE A 38 7.14 -5.34 -3.23
N PRO A 39 7.01 -6.67 -3.11
CA PRO A 39 7.56 -7.62 -4.10
C PRO A 39 6.90 -7.48 -5.47
N PRO A 40 7.62 -7.85 -6.55
CA PRO A 40 7.10 -7.79 -7.92
C PRO A 40 5.97 -8.79 -8.18
N SER A 41 5.70 -9.64 -7.19
CA SER A 41 4.64 -10.64 -7.29
C SER A 41 3.27 -9.97 -7.24
N LEU A 42 3.24 -8.71 -6.83
CA LEU A 42 1.99 -7.93 -6.83
C LEU A 42 1.60 -7.60 -8.27
N ASN A 43 0.50 -8.17 -8.72
CA ASN A 43 0.04 -7.94 -10.08
C ASN A 43 -0.81 -6.68 -10.14
N SER A 44 -1.47 -6.45 -11.28
CA SER A 44 -2.25 -5.23 -11.49
C SER A 44 -3.34 -5.09 -10.43
N HIS A 45 -3.95 -6.22 -10.05
CA HIS A 45 -4.98 -6.22 -9.02
C HIS A 45 -4.38 -5.91 -7.64
N ASP A 46 -3.31 -6.61 -7.31
CA ASP A 46 -2.65 -6.44 -6.02
C ASP A 46 -2.17 -5.00 -5.86
N ARG A 47 -1.47 -4.50 -6.87
CA ARG A 47 -0.96 -3.14 -6.84
C ARG A 47 -2.11 -2.16 -6.76
N LEU A 48 -3.19 -2.43 -7.49
CA LEU A 48 -4.38 -1.57 -7.46
C LEU A 48 -4.89 -1.41 -6.05
N ARG A 49 -4.94 -2.50 -5.30
CA ARG A 49 -5.40 -2.47 -3.93
C ARG A 49 -4.52 -1.54 -3.10
N VAL A 50 -3.22 -1.64 -3.32
CA VAL A 50 -2.26 -0.80 -2.64
C VAL A 50 -2.44 0.68 -3.03
N HIS A 51 -2.53 0.94 -4.33
CA HIS A 51 -2.75 2.30 -4.83
C HIS A 51 -4.02 2.89 -4.22
N GLN A 52 -5.10 2.11 -4.27
CA GLN A 52 -6.38 2.51 -3.68
C GLN A 52 -6.22 2.96 -2.23
N ILE A 53 -5.61 2.11 -1.41
CA ILE A 53 -5.48 2.39 0.00
C ILE A 53 -4.58 3.60 0.26
N ALA A 54 -3.47 3.67 -0.45
CA ALA A 54 -2.54 4.78 -0.30
C ALA A 54 -3.18 6.10 -0.73
N GLU A 55 -3.99 6.02 -1.79
CA GLU A 55 -4.71 7.17 -2.29
C GLU A 55 -5.80 7.61 -1.31
N GLU A 56 -6.43 6.63 -0.68
CA GLU A 56 -7.43 6.88 0.35
C GLU A 56 -6.78 7.56 1.56
N HIS A 57 -5.67 7.00 2.03
CA HIS A 57 -5.00 7.51 3.22
C HIS A 57 -4.36 8.87 2.95
N GLY A 58 -3.92 9.09 1.72
CA GLY A 58 -3.32 10.35 1.37
C GLY A 58 -1.81 10.28 1.37
N LEU A 59 -1.28 9.16 0.91
CA LEU A 59 0.17 8.98 0.84
C LEU A 59 0.62 8.95 -0.61
N ARG A 60 1.92 8.91 -0.82
CA ARG A 60 2.47 8.85 -2.17
C ARG A 60 2.71 7.41 -2.56
N HIS A 61 2.34 7.06 -3.78
CA HIS A 61 2.47 5.69 -4.24
C HIS A 61 2.88 5.64 -5.70
N ASP A 62 3.85 4.79 -6.00
CA ASP A 62 4.35 4.64 -7.36
C ASP A 62 4.77 3.21 -7.61
N SER A 63 4.52 2.74 -8.83
CA SER A 63 4.93 1.41 -9.22
C SER A 63 5.71 1.47 -10.52
N SER A 64 6.90 0.92 -10.48
CA SER A 64 7.82 1.01 -11.60
C SER A 64 8.85 -0.12 -11.57
N GLY A 65 9.78 -0.09 -12.52
CA GLY A 65 10.80 -1.12 -12.60
C GLY A 65 10.85 -1.74 -13.97
N GLU A 66 10.38 -2.96 -14.09
CA GLU A 66 10.27 -3.63 -15.37
C GLU A 66 8.84 -4.10 -15.57
N GLY A 67 8.59 -4.80 -16.66
CA GLY A 67 7.28 -5.36 -16.86
C GLY A 67 7.03 -6.51 -15.90
N LYS A 68 8.00 -7.43 -15.85
CA LYS A 68 7.94 -8.56 -14.95
C LYS A 68 8.17 -8.13 -13.50
N ARG A 69 9.08 -7.18 -13.32
CA ARG A 69 9.55 -6.82 -12.00
C ARG A 69 9.00 -5.46 -11.58
N ARG A 70 7.83 -5.11 -12.07
CA ARG A 70 7.22 -3.85 -11.65
C ARG A 70 6.70 -3.98 -10.23
N PHE A 71 7.35 -3.27 -9.35
CA PHE A 71 7.01 -3.31 -7.93
C PHE A 71 6.46 -1.98 -7.51
N ILE A 72 5.69 -1.97 -6.43
CA ILE A 72 5.09 -0.74 -5.96
C ILE A 72 5.77 -0.27 -4.67
N THR A 73 6.10 1.00 -4.62
CA THR A 73 6.70 1.60 -3.46
C THR A 73 5.77 2.66 -2.88
N VAL A 74 5.31 2.41 -1.67
CA VAL A 74 4.47 3.36 -0.96
C VAL A 74 5.37 4.27 -0.13
N SER A 75 5.13 5.57 -0.18
CA SER A 75 6.00 6.51 0.50
C SER A 75 5.18 7.41 1.43
N LYS A 76 5.73 7.63 2.61
CA LYS A 76 5.10 8.48 3.61
C LYS A 76 5.48 9.92 3.40
N ARG A 77 6.57 10.12 2.66
CA ARG A 77 7.08 11.46 2.42
C ARG A 77 7.01 11.80 0.93
N ALA A 78 7.98 11.34 0.17
CA ALA A 78 8.05 11.61 -1.26
C ALA A 78 8.83 10.51 -1.97
N PRO A 9 -14.74 13.31 15.72
CA PRO A 9 -14.42 11.93 16.14
C PRO A 9 -15.66 11.23 16.66
N GLU A 10 -16.06 10.16 15.98
CA GLU A 10 -17.25 9.40 16.34
C GLU A 10 -16.93 7.92 16.48
N GLY A 11 -16.05 7.43 15.62
CA GLY A 11 -15.66 6.05 15.66
C GLY A 11 -15.89 5.36 14.34
N VAL A 12 -15.41 5.97 13.26
CA VAL A 12 -15.51 5.36 11.93
C VAL A 12 -14.66 4.09 11.88
N GLU A 13 -13.69 4.00 12.78
CA GLU A 13 -12.84 2.83 12.92
C GLU A 13 -13.64 1.62 13.39
N SER A 14 -13.26 0.45 12.93
CA SER A 14 -13.90 -0.79 13.32
C SER A 14 -12.98 -1.95 13.00
N GLN A 15 -13.18 -3.08 13.66
CA GLN A 15 -12.36 -4.25 13.40
C GLN A 15 -12.89 -5.00 12.19
N ASP A 16 -12.85 -4.32 11.06
CA ASP A 16 -13.31 -4.85 9.80
C ASP A 16 -12.33 -4.42 8.71
N GLY A 17 -12.64 -4.72 7.46
CA GLY A 17 -11.73 -4.40 6.37
C GLY A 17 -10.37 -5.04 6.56
N VAL A 18 -10.39 -6.33 6.88
CA VAL A 18 -9.16 -7.06 7.18
C VAL A 18 -8.44 -7.37 5.89
N ASP A 19 -7.72 -6.40 5.41
CA ASP A 19 -7.06 -6.49 4.12
C ASP A 19 -5.57 -6.65 4.31
N HIS A 20 -4.98 -7.59 3.57
CA HIS A 20 -3.54 -7.88 3.69
C HIS A 20 -2.71 -6.62 3.46
N PHE A 21 -2.96 -5.95 2.35
CA PHE A 21 -2.16 -4.80 1.98
C PHE A 21 -2.49 -3.60 2.85
N ARG A 22 -3.76 -3.46 3.21
CA ARG A 22 -4.19 -2.37 4.06
C ARG A 22 -3.55 -2.48 5.44
N ALA A 23 -3.46 -3.71 5.94
CA ALA A 23 -2.83 -3.97 7.23
C ALA A 23 -1.35 -3.61 7.20
N MET A 24 -0.66 -4.07 6.17
CA MET A 24 0.76 -3.79 6.03
C MET A 24 1.02 -2.30 5.89
N ILE A 25 0.12 -1.60 5.22
CA ILE A 25 0.26 -0.15 5.05
C ILE A 25 0.01 0.59 6.35
N VAL A 26 -1.09 0.30 7.03
CA VAL A 26 -1.45 1.05 8.23
C VAL A 26 -0.41 0.85 9.34
N GLU A 27 0.19 -0.34 9.41
CA GLU A 27 1.23 -0.61 10.39
C GLU A 27 2.54 0.02 9.96
N PHE A 28 2.75 0.09 8.64
CA PHE A 28 3.91 0.76 8.07
C PHE A 28 3.84 2.26 8.36
N MET A 29 2.64 2.80 8.31
CA MET A 29 2.42 4.22 8.56
C MET A 29 2.84 4.59 9.98
N ALA A 30 2.74 3.63 10.88
CA ALA A 30 3.11 3.85 12.28
C ALA A 30 4.48 3.25 12.58
N SER A 31 5.18 2.82 11.54
CA SER A 31 6.49 2.20 11.71
C SER A 31 7.58 3.25 11.49
N LYS A 32 8.82 2.79 11.31
CA LYS A 32 9.95 3.70 11.18
C LYS A 32 10.46 3.74 9.74
N LYS A 33 9.71 3.16 8.82
CA LYS A 33 10.08 3.19 7.41
C LYS A 33 9.45 4.39 6.72
N MET A 34 10.24 5.06 5.88
CA MET A 34 9.76 6.22 5.15
C MET A 34 9.00 5.79 3.91
N GLN A 35 9.30 4.59 3.42
CA GLN A 35 8.60 4.04 2.26
C GLN A 35 8.61 2.52 2.30
N LEU A 36 7.46 1.94 1.95
CA LEU A 36 7.28 0.50 1.94
C LEU A 36 7.34 0.00 0.51
N GLU A 37 8.45 -0.63 0.17
CA GLU A 37 8.65 -1.17 -1.17
C GLU A 37 8.09 -2.58 -1.25
N PHE A 38 7.05 -2.74 -2.06
CA PHE A 38 6.42 -4.04 -2.24
C PHE A 38 7.16 -4.85 -3.31
N PRO A 39 7.12 -6.18 -3.21
CA PRO A 39 7.74 -7.07 -4.20
C PRO A 39 7.02 -7.02 -5.55
N PRO A 40 7.73 -7.36 -6.63
CA PRO A 40 7.16 -7.38 -7.99
C PRO A 40 6.13 -8.50 -8.18
N SER A 41 5.94 -9.29 -7.13
CA SER A 41 4.97 -10.38 -7.15
C SER A 41 3.54 -9.83 -7.18
N LEU A 42 3.37 -8.61 -6.71
CA LEU A 42 2.07 -7.94 -6.77
C LEU A 42 1.66 -7.74 -8.23
N ASN A 43 0.57 -8.39 -8.62
CA ASN A 43 0.08 -8.28 -9.99
C ASN A 43 -0.79 -7.05 -10.14
N SER A 44 -1.44 -6.92 -11.30
CA SER A 44 -2.29 -5.78 -11.62
C SER A 44 -3.26 -5.46 -10.47
N HIS A 45 -4.03 -6.45 -10.05
CA HIS A 45 -5.06 -6.23 -9.04
C HIS A 45 -4.46 -6.04 -7.66
N ASP A 46 -3.32 -6.67 -7.40
CA ASP A 46 -2.62 -6.50 -6.13
C ASP A 46 -2.15 -5.05 -6.00
N ARG A 47 -1.53 -4.56 -7.07
CA ARG A 47 -1.08 -3.18 -7.11
C ARG A 47 -2.27 -2.24 -6.98
N LEU A 48 -3.33 -2.53 -7.73
CA LEU A 48 -4.55 -1.73 -7.69
C LEU A 48 -5.06 -1.58 -6.25
N ARG A 49 -5.00 -2.67 -5.50
CA ARG A 49 -5.43 -2.67 -4.12
C ARG A 49 -4.57 -1.70 -3.31
N VAL A 50 -3.27 -1.77 -3.51
CA VAL A 50 -2.33 -0.89 -2.82
C VAL A 50 -2.54 0.58 -3.22
N HIS A 51 -2.65 0.82 -4.53
CA HIS A 51 -2.87 2.17 -5.04
C HIS A 51 -4.12 2.78 -4.40
N GLN A 52 -5.21 2.00 -4.40
CA GLN A 52 -6.45 2.44 -3.77
C GLN A 52 -6.24 2.87 -2.33
N ILE A 53 -5.59 2.00 -1.56
CA ILE A 53 -5.39 2.24 -0.13
C ILE A 53 -4.47 3.43 0.11
N ALA A 54 -3.35 3.48 -0.58
CA ALA A 54 -2.39 4.57 -0.41
C ALA A 54 -3.01 5.89 -0.83
N GLU A 55 -3.79 5.85 -1.91
CA GLU A 55 -4.47 7.03 -2.42
C GLU A 55 -5.52 7.49 -1.43
N GLU A 56 -6.23 6.54 -0.83
CA GLU A 56 -7.24 6.85 0.17
C GLU A 56 -6.60 7.43 1.42
N HIS A 57 -5.52 6.80 1.88
CA HIS A 57 -4.85 7.21 3.11
C HIS A 57 -4.13 8.55 2.93
N GLY A 58 -3.72 8.84 1.70
CA GLY A 58 -3.08 10.11 1.44
C GLY A 58 -1.57 10.00 1.40
N LEU A 59 -1.07 8.85 0.99
CA LEU A 59 0.36 8.63 0.88
C LEU A 59 0.74 8.60 -0.60
N ARG A 60 2.01 8.76 -0.89
CA ARG A 60 2.48 8.72 -2.27
C ARG A 60 2.71 7.28 -2.69
N HIS A 61 2.19 6.92 -3.84
CA HIS A 61 2.36 5.58 -4.37
C HIS A 61 2.83 5.64 -5.81
N ASP A 62 3.96 5.00 -6.08
CA ASP A 62 4.54 4.99 -7.40
C ASP A 62 5.02 3.60 -7.75
N SER A 63 5.11 3.31 -9.03
CA SER A 63 5.60 2.02 -9.48
C SER A 63 6.92 2.20 -10.21
N SER A 64 7.65 1.12 -10.34
CA SER A 64 8.94 1.14 -10.99
C SER A 64 9.22 -0.21 -11.62
N GLY A 65 9.98 -0.21 -12.71
CA GLY A 65 10.29 -1.44 -13.41
C GLY A 65 9.25 -1.77 -14.47
N GLU A 66 9.55 -2.73 -15.32
CA GLU A 66 8.62 -3.14 -16.36
C GLU A 66 8.37 -4.64 -16.31
N GLY A 67 7.11 -5.02 -16.49
CA GLY A 67 6.74 -6.42 -16.51
C GLY A 67 6.95 -7.09 -15.17
N LYS A 68 7.79 -8.12 -15.16
CA LYS A 68 8.07 -8.86 -13.94
C LYS A 68 9.00 -8.05 -13.02
N ARG A 69 9.54 -6.97 -13.56
CA ARG A 69 10.37 -6.06 -12.77
C ARG A 69 9.53 -4.97 -12.15
N ARG A 70 8.25 -4.91 -12.51
CA ARG A 70 7.40 -3.83 -12.05
C ARG A 70 6.89 -4.08 -10.63
N PHE A 71 7.22 -3.17 -9.74
CA PHE A 71 6.83 -3.26 -8.35
C PHE A 71 6.30 -1.91 -7.91
N ILE A 72 5.79 -1.82 -6.69
CA ILE A 72 5.17 -0.59 -6.22
C ILE A 72 5.77 -0.15 -4.89
N THR A 73 5.91 1.14 -4.72
CA THR A 73 6.45 1.71 -3.49
C THR A 73 5.49 2.72 -2.89
N VAL A 74 5.14 2.52 -1.63
CA VAL A 74 4.29 3.45 -0.91
C VAL A 74 5.14 4.28 0.03
N SER A 75 5.21 5.57 -0.23
CA SER A 75 6.07 6.44 0.54
C SER A 75 5.26 7.38 1.41
N LYS A 76 5.73 7.61 2.62
CA LYS A 76 5.10 8.55 3.53
C LYS A 76 5.55 9.97 3.19
N ARG A 77 6.80 10.10 2.80
CA ARG A 77 7.38 11.38 2.46
C ARG A 77 7.51 11.55 0.95
N ALA A 78 7.54 12.80 0.51
CA ALA A 78 7.75 13.11 -0.88
C ALA A 78 9.19 13.52 -1.12
N PRO A 9 -14.15 16.00 0.72
CA PRO A 9 -14.11 15.67 -0.73
C PRO A 9 -12.68 15.47 -1.19
N GLU A 10 -12.18 14.26 -0.99
CA GLU A 10 -10.80 13.94 -1.34
C GLU A 10 -10.76 12.97 -2.52
N GLY A 11 -11.90 12.33 -2.78
CA GLY A 11 -11.94 11.31 -3.81
C GLY A 11 -11.47 9.98 -3.28
N VAL A 12 -12.12 9.52 -2.23
CA VAL A 12 -11.72 8.28 -1.57
C VAL A 12 -12.90 7.34 -1.47
N GLU A 13 -12.59 6.09 -1.21
CA GLU A 13 -13.59 5.05 -1.05
C GLU A 13 -13.15 4.06 0.02
N SER A 14 -13.58 4.32 1.24
CA SER A 14 -13.11 3.58 2.40
C SER A 14 -13.64 2.15 2.40
N GLN A 15 -12.75 1.22 2.09
CA GLN A 15 -13.08 -0.19 2.06
C GLN A 15 -12.45 -0.89 3.25
N ASP A 16 -13.26 -1.20 4.25
CA ASP A 16 -12.76 -1.80 5.48
C ASP A 16 -13.11 -3.30 5.50
N GLY A 17 -13.18 -3.90 6.69
CA GLY A 17 -13.42 -5.31 6.79
C GLY A 17 -12.14 -6.07 7.03
N VAL A 18 -11.39 -6.29 5.97
CA VAL A 18 -10.09 -6.94 6.06
C VAL A 18 -9.37 -6.84 4.72
N ASP A 19 -8.08 -6.56 4.76
CA ASP A 19 -7.26 -6.50 3.55
C ASP A 19 -5.80 -6.65 3.92
N HIS A 20 -5.10 -7.48 3.14
CA HIS A 20 -3.71 -7.81 3.43
C HIS A 20 -2.84 -6.57 3.32
N PHE A 21 -3.02 -5.81 2.25
CA PHE A 21 -2.19 -4.66 1.97
C PHE A 21 -2.58 -3.48 2.85
N ARG A 22 -3.85 -3.39 3.20
CA ARG A 22 -4.34 -2.37 4.13
C ARG A 22 -3.59 -2.50 5.45
N ALA A 23 -3.42 -3.74 5.91
CA ALA A 23 -2.68 -4.02 7.12
C ALA A 23 -1.21 -3.64 6.96
N MET A 24 -0.61 -4.06 5.86
CA MET A 24 0.79 -3.78 5.57
C MET A 24 1.04 -2.27 5.55
N ILE A 25 0.16 -1.54 4.88
CA ILE A 25 0.29 -0.10 4.75
C ILE A 25 0.12 0.62 6.09
N VAL A 26 -0.91 0.24 6.86
CA VAL A 26 -1.19 0.94 8.11
C VAL A 26 -0.07 0.69 9.13
N GLU A 27 0.47 -0.53 9.16
CA GLU A 27 1.58 -0.84 10.06
C GLU A 27 2.86 -0.16 9.57
N PHE A 28 2.98 -0.06 8.25
CA PHE A 28 4.11 0.60 7.62
C PHE A 28 4.20 2.07 8.05
N MET A 29 3.06 2.75 8.09
CA MET A 29 3.02 4.17 8.41
C MET A 29 3.54 4.44 9.82
N ALA A 30 3.44 3.45 10.69
CA ALA A 30 3.88 3.59 12.07
C ALA A 30 5.10 2.72 12.36
N SER A 31 5.71 2.20 11.31
CA SER A 31 6.84 1.29 11.45
C SER A 31 8.16 2.07 11.34
N LYS A 32 8.06 3.40 11.30
CA LYS A 32 9.21 4.28 11.15
C LYS A 32 9.89 4.09 9.79
N LYS A 33 9.17 3.46 8.87
CA LYS A 33 9.66 3.27 7.52
C LYS A 33 9.08 4.36 6.63
N MET A 34 9.95 5.08 5.93
CA MET A 34 9.53 6.18 5.08
C MET A 34 9.11 5.67 3.70
N GLN A 35 9.55 4.48 3.35
CA GLN A 35 9.32 3.92 2.02
C GLN A 35 9.17 2.41 2.10
N LEU A 36 8.11 1.89 1.51
CA LEU A 36 7.85 0.46 1.51
C LEU A 36 7.84 -0.07 0.07
N GLU A 37 8.93 -0.71 -0.32
CA GLU A 37 9.02 -1.32 -1.65
C GLU A 37 8.42 -2.72 -1.62
N PHE A 38 7.26 -2.87 -2.22
CA PHE A 38 6.58 -4.15 -2.27
C PHE A 38 7.25 -5.09 -3.27
N PRO A 39 7.16 -6.41 -3.04
CA PRO A 39 7.71 -7.41 -3.96
C PRO A 39 7.01 -7.40 -5.32
N PRO A 40 7.73 -7.76 -6.39
CA PRO A 40 7.19 -7.78 -7.76
C PRO A 40 6.12 -8.85 -7.97
N SER A 41 5.87 -9.64 -6.93
CA SER A 41 4.87 -10.69 -6.98
C SER A 41 3.46 -10.11 -6.94
N LEU A 42 3.35 -8.86 -6.50
CA LEU A 42 2.06 -8.17 -6.48
C LEU A 42 1.55 -7.97 -7.90
N ASN A 43 0.44 -8.63 -8.23
CA ASN A 43 -0.11 -8.53 -9.58
C ASN A 43 -0.93 -7.25 -9.70
N SER A 44 -1.56 -7.06 -10.86
CA SER A 44 -2.37 -5.88 -11.14
C SER A 44 -3.35 -5.59 -10.00
N HIS A 45 -4.09 -6.63 -9.59
CA HIS A 45 -5.11 -6.48 -8.54
C HIS A 45 -4.47 -6.18 -7.19
N ASP A 46 -3.32 -6.81 -6.92
CA ASP A 46 -2.62 -6.58 -5.66
C ASP A 46 -2.15 -5.14 -5.56
N ARG A 47 -1.50 -4.67 -6.61
CA ARG A 47 -1.00 -3.31 -6.65
C ARG A 47 -2.15 -2.32 -6.59
N LEU A 48 -3.24 -2.65 -7.27
CA LEU A 48 -4.45 -1.82 -7.27
C LEU A 48 -4.91 -1.56 -5.85
N ARG A 49 -4.92 -2.60 -5.03
CA ARG A 49 -5.30 -2.46 -3.62
C ARG A 49 -4.38 -1.46 -2.93
N VAL A 50 -3.08 -1.63 -3.16
CA VAL A 50 -2.09 -0.72 -2.58
C VAL A 50 -2.34 0.72 -3.03
N HIS A 51 -2.51 0.91 -4.34
CA HIS A 51 -2.77 2.24 -4.88
C HIS A 51 -3.99 2.87 -4.23
N GLN A 52 -5.13 2.17 -4.30
CA GLN A 52 -6.39 2.66 -3.74
C GLN A 52 -6.23 3.08 -2.28
N ILE A 53 -5.58 2.22 -1.50
CA ILE A 53 -5.42 2.46 -0.07
C ILE A 53 -4.49 3.65 0.18
N ALA A 54 -3.35 3.67 -0.49
CA ALA A 54 -2.39 4.77 -0.31
C ALA A 54 -2.98 6.08 -0.80
N GLU A 55 -3.79 6.00 -1.84
CA GLU A 55 -4.46 7.16 -2.41
C GLU A 55 -5.44 7.75 -1.40
N GLU A 56 -6.07 6.89 -0.61
CA GLU A 56 -6.96 7.34 0.45
C GLU A 56 -6.18 7.92 1.62
N HIS A 57 -5.11 7.24 1.99
CA HIS A 57 -4.27 7.66 3.10
C HIS A 57 -3.58 8.98 2.83
N GLY A 58 -3.38 9.29 1.54
CA GLY A 58 -2.73 10.52 1.15
C GLY A 58 -1.24 10.33 0.98
N LEU A 59 -0.84 9.08 0.77
CA LEU A 59 0.57 8.75 0.64
C LEU A 59 0.95 8.67 -0.84
N ARG A 60 2.24 8.63 -1.13
CA ARG A 60 2.67 8.46 -2.50
C ARG A 60 2.74 6.98 -2.84
N HIS A 61 2.05 6.61 -3.89
CA HIS A 61 2.10 5.26 -4.41
C HIS A 61 2.58 5.30 -5.85
N ASP A 62 3.73 4.69 -6.09
CA ASP A 62 4.38 4.79 -7.38
C ASP A 62 5.01 3.45 -7.74
N SER A 63 5.23 3.20 -9.01
CA SER A 63 5.74 1.92 -9.45
C SER A 63 6.99 2.10 -10.30
N SER A 64 7.92 1.17 -10.16
CA SER A 64 9.18 1.23 -10.90
C SER A 64 9.50 -0.14 -11.50
N GLY A 65 9.98 -0.14 -12.74
CA GLY A 65 10.37 -1.37 -13.38
C GLY A 65 9.62 -1.62 -14.69
N GLU A 66 9.89 -2.76 -15.30
CA GLU A 66 9.31 -3.09 -16.59
C GLU A 66 7.93 -3.71 -16.44
N GLY A 67 7.87 -5.04 -16.38
CA GLY A 67 6.61 -5.73 -16.21
C GLY A 67 6.57 -6.54 -14.94
N LYS A 68 7.14 -7.73 -14.99
CA LYS A 68 7.26 -8.57 -13.80
C LYS A 68 8.31 -7.96 -12.87
N ARG A 69 9.24 -7.22 -13.44
CA ARG A 69 10.24 -6.51 -12.67
C ARG A 69 9.73 -5.14 -12.24
N ARG A 70 8.45 -4.89 -12.47
CA ARG A 70 7.84 -3.64 -12.05
C ARG A 70 7.11 -3.81 -10.73
N PHE A 71 7.66 -3.20 -9.71
CA PHE A 71 7.11 -3.31 -8.38
C PHE A 71 6.53 -1.98 -7.95
N ILE A 72 5.86 -1.95 -6.81
CA ILE A 72 5.24 -0.74 -6.32
C ILE A 72 5.88 -0.30 -5.00
N THR A 73 6.03 0.99 -4.82
CA THR A 73 6.62 1.54 -3.62
C THR A 73 5.73 2.62 -3.04
N VAL A 74 5.44 2.52 -1.75
CA VAL A 74 4.65 3.51 -1.06
C VAL A 74 5.54 4.35 -0.15
N SER A 75 5.37 5.66 -0.22
CA SER A 75 6.17 6.57 0.59
C SER A 75 5.26 7.48 1.39
N LYS A 76 5.65 7.71 2.64
CA LYS A 76 4.86 8.51 3.55
C LYS A 76 4.83 9.98 3.14
N ARG A 77 3.66 10.58 3.23
CA ARG A 77 3.45 11.97 2.85
C ARG A 77 2.37 12.60 3.73
N ALA A 78 2.80 13.33 4.75
CA ALA A 78 1.85 13.99 5.64
C ALA A 78 2.45 15.29 6.17
#